data_6X0M
#
_entry.id   6X0M
#
_cell.length_a   1.00
_cell.length_b   1.00
_cell.length_c   1.00
_cell.angle_alpha   90.00
_cell.angle_beta   90.00
_cell.angle_gamma   90.00
#
_symmetry.space_group_name_H-M   'P 1'
#
loop_
_entity.id
_entity.type
_entity.pdbx_description
1 polymer 'Histone PARylation factor 1'
2 polymer 'Poly [ADP-ribose] polymerase 2'
3 polymer 'DNA (167-MER)'
4 polymer 'DNA (167-MER)'
#
loop_
_entity_poly.entity_id
_entity_poly.type
_entity_poly.pdbx_seq_one_letter_code
_entity_poly.pdbx_strand_id
1 'polypeptide(L)'
;MGHHHHHHGGMVGGGGKRRPGGEGPQCEKTTDVKKSKFCEADVSSDLRKEVENHYKLSLPEDFYHFWKFCEELDPEKPSD
SLSASLGLQLVGPYDILAGKHKTKKKSTGLNFNLHWRFYYDPPEFQTIIIGDNKTQYHMGYFRDSPDEFPVYVGINEAKK
NCIIVPNGDNVFAAVKLFLTKKLKEITDKKKINLLKNIDEKLTEAARELGYSLEQRTVKMKQRDKKVVTKTFHGAGLVVP
VDKNDVGYRELPETDADLKRICKTIVEAASDEERLKAFAPIQEMMTFVQFANDECDYGMGLELGMDLFCYGSHYFHKVAG
QLLPLAYNLLKRNLFAEIIEEHLANRSQENIDQLAA
;
O,o
2 'polypeptide(L)'
;MGSSHHHHHHSSGLVPRGSHMAARRRRSTGGGRARALNESKRVNNGNTAPEDSSPAKKTRRCQRQESKKMPVAGGKANKD
RTEDKQDESVKALLLKGKAPVDPECTAKVGKAHVYCEGNDVYDVMLNQTNLQFNNNKYYLIQLLEDDAQRNFSVWMRWGR
VGKMGQHSLVACSGNLNKAKEIFQKKFLDKTKNNWEDREKFEKVPGKYDMLQMDYATNTQDEEETKKEESLKSPLKPESQ
LDLRVQELIKLICNVQAMEEMMMEMKYNTKKAPLGKLTVAQIKAGYQSLKKIEDCIRAGQHGRALMEACNEFYTRIPHDF
GLRTPPLIRTQKELSEKIQLLEALGDIEIAIKLVKTELQSPEHPLDQHYRNLHCALRPLDHESYEFKVISQYLQSTHAPT
HSDYTMTLLDLFEVEKDGEKEAFREDLHNRMLLWHGSRMSNWVGILSHGLRIAPPEAPITGYMFGKGIYFADMSSKSANY
CFASRLKNTGLLLLSEVALGQCNELLEANPKAEGLLQGKHSTKGLGKMAPSSAHFVTLNGSTVPLGPASDTGILNPDGYT
LNYNEYIVYNPNQVRMRYLLKVQFNFLQLW
;
P,p
3 'polydeoxyribonucleotide'
;(DC)(DA)(DA)(DT)(DA)(DC)(DA)(DT)(DG)(DC)(DA)(DC)(DA)(DG)(DG)(DA)(DT)(DG)(DT)(DA)
(DT)(DA)(DT)(DA)(DT)(DC)(DT)(DG)(DA)(DC)(DA)(DC)(DG)(DT)(DG)(DC)(DC)(DT)(DG)(DG)
(DA)(DG)(DA)(DC)(DT)(DA)(DG)(DG)(DG)(DA)(DG)(DT)(DA)(DA)(DT)(DC)(DC)(DC)(DC)(DT)
(DT)(DG)(DG)(DC)(DG)(DG)(DT)(DT)(DA)(DA)(DA)(DA)(DC)(DG)(DC)(DG)(DG)(DG)(DG)(DG)
(DA)(DC)(DA)(DG)(DC)(DG)(DC)(DG)(DT)(DA)(DC)(DG)(DT)(DG)(DC)(DG)(DT)(DT)(DT)(DA)
(DA)(DG)(DC)(DG)(DG)(DT)(DG)(DC)(DT)(DA)(DG)(DA)(DG)(DC)(DT)(DG)(DT)(DC)(DT)(DA)
(DC)(DG)(DA)(DC)(DC)(DA)(DA)(DT)(DT)(DG)(DA)(DG)(DC)(DG)(DG)(DC)(DC)(DT)(DC)(DG)
(DG)(DC)(DA)(DC)(DC)(DG)(DG)(DG)(DA)(DT)(DT)(DC)(DT)(DC)(DC)(DA)(DG)(DG)(DG)(DC)
(DA)(DT)(DC)(DA)(DT)(DA)(DG)
;
I,i
4 'polydeoxyribonucleotide'
;(DC)(DT)(DA)(DT)(DG)(DA)(DT)(DG)(DC)(DC)(DC)(DT)(DG)(DG)(DA)(DG)(DA)(DA)(DT)(DC)
(DC)(DC)(DG)(DG)(DT)(DG)(DC)(DC)(DG)(DA)(DG)(DG)(DC)(DC)(DG)(DC)(DT)(DC)(DA)(DA)
(DT)(DT)(DG)(DG)(DT)(DC)(DG)(DT)(DA)(DG)(DA)(DC)(DA)(DG)(DC)(DT)(DC)(DT)(DA)(DG)
(DC)(DA)(DC)(DC)(DG)(DC)(DT)(DT)(DA)(DA)(DA)(DC)(DG)(DC)(DA)(DC)(DG)(DT)(DA)(DC)
(DG)(DC)(DG)(DC)(DT)(DG)(DT)(DC)(DC)(DC)(DC)(DC)(DG)(DC)(DG)(DT)(DT)(DT)(DT)(DA)
(DA)(DC)(DC)(DG)(DC)(DC)(DA)(DA)(DG)(DG)(DG)(DG)(DA)(DT)(DT)(DA)(DC)(DT)(DC)(DC)
(DC)(DT)(DA)(DG)(DT)(DC)(DT)(DC)(DC)(DA)(DG)(DG)(DC)(DA)(DC)(DG)(DT)(DG)(DT)(DC)
(DA)(DG)(DA)(DT)(DA)(DT)(DA)(DT)(DA)(DC)(DA)(DT)(DC)(DC)(DT)(DG)(DT)(DG)(DC)(DA)
(DT)(DG)(DT)(DA)(DT)(DT)(DG)
;
J,j
#
loop_
_chem_comp.id
_chem_comp.type
_chem_comp.name
_chem_comp.formula
DA DNA linking 2'-DEOXYADENOSINE-5'-MONOPHOSPHATE 'C10 H14 N5 O6 P'
DC DNA linking 2'-DEOXYCYTIDINE-5'-MONOPHOSPHATE 'C9 H14 N3 O7 P'
DG DNA linking 2'-DEOXYGUANOSINE-5'-MONOPHOSPHATE 'C10 H14 N5 O7 P'
DT DNA linking THYMIDINE-5'-MONOPHOSPHATE 'C10 H15 N2 O8 P'
#
# COMPACT_ATOMS: atom_id res chain seq x y z
N ARG A 48 18.57 -68.59 -11.16
CA ARG A 48 17.75 -67.40 -10.91
C ARG A 48 16.41 -67.79 -10.32
N LYS A 49 15.78 -68.82 -10.92
CA LYS A 49 14.37 -69.11 -10.71
C LYS A 49 14.05 -69.40 -9.25
N GLU A 50 14.95 -70.06 -8.53
CA GLU A 50 14.66 -70.32 -7.13
C GLU A 50 14.77 -69.05 -6.29
N VAL A 51 15.72 -68.17 -6.64
CA VAL A 51 15.85 -66.88 -5.98
C VAL A 51 14.56 -66.08 -6.13
N GLU A 52 14.08 -65.95 -7.37
CA GLU A 52 12.87 -65.18 -7.58
C GLU A 52 11.62 -65.92 -7.10
N ASN A 53 11.68 -67.24 -6.94
CA ASN A 53 10.62 -67.94 -6.23
C ASN A 53 10.67 -67.59 -4.76
N HIS A 54 11.86 -67.36 -4.25
CA HIS A 54 12.02 -67.06 -2.84
C HIS A 54 11.54 -65.65 -2.52
N TYR A 55 11.85 -64.68 -3.38
CA TYR A 55 11.38 -63.31 -3.16
C TYR A 55 9.97 -63.06 -3.68
N LYS A 56 9.45 -63.97 -4.52
CA LYS A 56 8.16 -63.85 -5.20
C LYS A 56 8.08 -62.62 -6.11
N LEU A 57 9.22 -62.18 -6.65
CA LEU A 57 9.26 -61.05 -7.55
C LEU A 57 10.21 -61.33 -8.71
N SER A 58 9.93 -60.74 -9.87
CA SER A 58 10.80 -60.92 -11.01
C SER A 58 11.94 -59.93 -10.91
N LEU A 59 13.12 -60.41 -11.13
CA LEU A 59 14.27 -59.56 -11.04
C LEU A 59 14.89 -59.34 -12.41
N PRO A 60 15.32 -58.12 -12.71
CA PRO A 60 15.97 -57.88 -14.00
C PRO A 60 17.41 -58.38 -14.00
N GLU A 61 17.93 -58.57 -15.21
CA GLU A 61 19.27 -59.12 -15.42
C GLU A 61 20.37 -58.11 -15.09
N GLY A 87 33.21 -50.19 0.20
CA GLY A 87 32.62 -50.37 1.52
C GLY A 87 31.14 -50.63 1.53
N LEU A 88 30.60 -51.11 0.41
CA LEU A 88 29.19 -51.40 0.25
C LEU A 88 28.97 -52.90 0.23
N GLN A 89 27.77 -53.32 0.59
CA GLN A 89 27.46 -54.73 0.70
C GLN A 89 26.19 -54.99 -0.10
N LEU A 90 26.24 -56.00 -0.96
CA LEU A 90 25.12 -56.40 -1.78
C LEU A 90 24.21 -57.34 -0.98
N VAL A 91 22.92 -57.01 -0.90
CA VAL A 91 22.00 -57.77 -0.04
C VAL A 91 20.73 -58.06 -0.80
N GLY A 92 19.75 -58.62 -0.11
CA GLY A 92 18.49 -58.92 -0.72
C GLY A 92 18.66 -60.22 -1.47
N PRO A 93 18.45 -60.18 -2.79
CA PRO A 93 18.72 -61.37 -3.61
C PRO A 93 20.18 -61.78 -3.64
N TYR A 94 21.08 -60.83 -3.43
CA TYR A 94 22.50 -61.13 -3.39
C TYR A 94 22.86 -62.04 -2.21
N ASP A 95 22.08 -61.97 -1.13
CA ASP A 95 22.24 -62.89 0.01
C ASP A 95 22.09 -64.34 -0.43
N ILE A 96 21.10 -64.59 -1.29
CA ILE A 96 20.91 -65.93 -1.82
C ILE A 96 22.01 -66.23 -2.84
N LEU A 97 22.34 -65.24 -3.68
CA LEU A 97 23.44 -65.39 -4.63
C LEU A 97 24.75 -65.65 -3.90
N ALA A 98 24.94 -65.03 -2.74
CA ALA A 98 26.07 -65.36 -1.87
C ALA A 98 25.85 -66.64 -1.09
N GLY A 99 24.67 -67.24 -1.20
CA GLY A 99 24.34 -68.41 -0.41
C GLY A 99 24.16 -68.14 1.07
N LYS A 100 24.08 -66.86 1.46
CA LYS A 100 23.90 -66.49 2.85
C LYS A 100 22.50 -66.77 3.36
N HIS A 101 21.58 -67.14 2.48
CA HIS A 101 20.22 -67.49 2.84
C HIS A 101 20.10 -68.89 3.46
N LYS A 102 21.19 -69.61 3.60
CA LYS A 102 21.14 -71.00 4.05
C LYS A 102 21.45 -71.07 5.54
N THR A 103 20.39 -70.89 6.33
CA THR A 103 20.51 -70.95 7.78
C THR A 103 19.45 -71.88 8.38
N GLY A 109 11.25 -71.33 9.20
CA GLY A 109 10.42 -70.20 8.84
C GLY A 109 11.22 -68.96 8.47
N LEU A 110 11.08 -68.53 7.22
CA LEU A 110 11.80 -67.36 6.72
C LEU A 110 10.91 -66.66 5.71
N ASN A 111 10.46 -65.46 6.05
CA ASN A 111 9.50 -64.73 5.22
C ASN A 111 10.31 -63.70 4.45
N PHE A 112 10.52 -63.98 3.19
CA PHE A 112 11.31 -63.13 2.33
C PHE A 112 10.54 -61.90 1.87
N ASN A 113 9.24 -61.83 2.17
CA ASN A 113 8.52 -60.57 2.05
C ASN A 113 9.05 -59.52 3.04
N LEU A 114 9.78 -59.93 4.08
CA LEU A 114 10.44 -59.03 5.02
C LEU A 114 11.93 -58.89 4.76
N HIS A 115 12.45 -59.53 3.72
CA HIS A 115 13.89 -59.60 3.52
C HIS A 115 14.47 -58.23 3.17
N TRP A 116 15.30 -57.70 4.07
CA TRP A 116 15.94 -56.37 4.00
C TRP A 116 14.95 -55.21 3.88
N ARG A 117 13.75 -55.34 4.44
CA ARG A 117 12.84 -54.20 4.47
C ARG A 117 13.09 -53.35 5.72
N PHE A 118 13.61 -52.12 5.52
CA PHE A 118 13.87 -51.18 6.61
C PHE A 118 12.59 -50.61 7.22
N TYR A 119 12.82 -49.76 8.24
CA TYR A 119 11.74 -49.09 8.96
C TYR A 119 10.84 -48.29 8.03
N TYR A 120 11.42 -47.65 7.02
CA TYR A 120 10.68 -46.82 6.07
C TYR A 120 10.63 -47.38 4.66
N ASP A 121 10.92 -48.65 4.46
CA ASP A 121 10.81 -49.18 3.11
C ASP A 121 9.38 -49.58 2.73
N PRO A 122 8.75 -48.86 1.79
CA PRO A 122 7.42 -49.25 1.35
C PRO A 122 7.46 -50.54 0.57
N PRO A 123 6.33 -51.24 0.44
CA PRO A 123 6.31 -52.49 -0.34
C PRO A 123 6.73 -52.32 -1.79
N GLU A 124 6.54 -51.13 -2.36
CA GLU A 124 7.02 -50.85 -3.71
C GLU A 124 8.53 -50.86 -3.79
N PHE A 125 9.21 -50.66 -2.68
CA PHE A 125 10.65 -50.50 -2.65
C PHE A 125 11.25 -51.74 -2.03
N GLN A 126 12.07 -52.44 -2.81
CA GLN A 126 12.67 -53.70 -2.40
C GLN A 126 14.17 -53.46 -2.29
N THR A 127 14.63 -53.31 -1.05
CA THR A 127 16.02 -52.93 -0.80
C THR A 127 16.98 -54.03 -1.20
N ILE A 128 18.03 -53.63 -1.91
CA ILE A 128 19.03 -54.56 -2.41
C ILE A 128 20.44 -54.24 -1.92
N ILE A 129 20.70 -53.05 -1.38
CA ILE A 129 22.02 -52.67 -0.88
C ILE A 129 21.83 -51.84 0.39
N ILE A 130 22.65 -52.13 1.41
CA ILE A 130 22.72 -51.33 2.64
C ILE A 130 24.10 -50.69 2.65
N GLY A 131 24.16 -49.44 3.14
CA GLY A 131 25.42 -48.73 3.21
C GLY A 131 25.72 -48.25 4.61
N ASP A 132 26.00 -46.95 4.74
CA ASP A 132 26.20 -46.32 6.04
C ASP A 132 25.01 -46.58 6.95
N ASN A 133 25.26 -47.30 8.05
CA ASN A 133 24.23 -47.64 9.00
C ASN A 133 23.87 -46.49 9.93
N LYS A 134 24.70 -45.45 10.00
CA LYS A 134 24.38 -44.30 10.83
C LYS A 134 23.20 -43.52 10.27
N THR A 135 23.18 -43.31 8.96
CA THR A 135 22.09 -42.63 8.30
C THR A 135 21.10 -43.60 7.70
N GLN A 136 21.40 -44.90 7.74
CA GLN A 136 20.63 -45.98 7.11
C GLN A 136 20.36 -45.68 5.64
N TYR A 137 21.37 -45.13 4.99
CA TYR A 137 21.37 -45.00 3.55
C TYR A 137 21.30 -46.37 2.92
N HIS A 138 20.44 -46.51 1.92
CA HIS A 138 20.20 -47.80 1.29
C HIS A 138 19.64 -47.61 -0.10
N MET A 139 19.92 -48.60 -0.95
CA MET A 139 19.51 -48.67 -2.34
C MET A 139 18.63 -49.89 -2.56
N GLY A 140 17.63 -49.77 -3.43
CA GLY A 140 16.74 -50.89 -3.65
C GLY A 140 16.03 -50.88 -4.98
N TYR A 141 15.60 -52.06 -5.42
CA TYR A 141 14.67 -52.13 -6.54
C TYR A 141 13.35 -51.48 -6.14
N PHE A 142 12.77 -50.73 -7.05
CA PHE A 142 11.46 -50.13 -6.82
C PHE A 142 10.51 -50.65 -7.89
N ARG A 143 9.54 -51.45 -7.47
CA ARG A 143 8.53 -51.96 -8.38
C ARG A 143 7.21 -51.32 -7.98
N ASP A 144 6.51 -50.71 -8.93
CA ASP A 144 5.24 -50.07 -8.57
C ASP A 144 4.13 -51.09 -8.33
N SER A 145 4.26 -52.29 -8.88
CA SER A 145 3.26 -53.33 -8.72
C SER A 145 3.97 -54.67 -8.64
N PRO A 146 3.40 -55.64 -7.91
CA PRO A 146 4.06 -56.95 -7.82
C PRO A 146 4.13 -57.73 -9.12
N ASP A 147 3.35 -57.38 -10.14
CA ASP A 147 3.42 -58.10 -11.40
C ASP A 147 4.36 -57.43 -12.41
N GLU A 148 4.97 -56.30 -12.06
CA GLU A 148 5.82 -55.58 -12.99
C GLU A 148 7.29 -55.63 -12.58
N PHE A 149 8.13 -55.21 -13.53
CA PHE A 149 9.56 -55.01 -13.34
C PHE A 149 9.83 -53.84 -12.38
N PRO A 150 11.05 -53.74 -11.84
CA PRO A 150 11.44 -52.50 -11.16
C PRO A 150 11.35 -51.28 -12.09
N VAL A 151 10.77 -50.19 -11.57
CA VAL A 151 10.72 -48.97 -12.37
C VAL A 151 11.96 -48.12 -12.19
N TYR A 152 12.68 -48.29 -11.09
CA TYR A 152 13.96 -47.62 -10.86
C TYR A 152 14.66 -48.29 -9.70
N VAL A 153 15.85 -47.79 -9.42
CA VAL A 153 16.59 -48.08 -8.20
C VAL A 153 16.40 -46.84 -7.36
N GLY A 154 15.89 -47.01 -6.15
CA GLY A 154 15.70 -45.84 -5.34
C GLY A 154 16.66 -45.83 -4.18
N ILE A 155 16.89 -44.66 -3.61
CA ILE A 155 17.75 -44.52 -2.44
C ILE A 155 17.05 -43.71 -1.37
N ASN A 156 17.34 -44.08 -0.14
CA ASN A 156 16.79 -43.33 0.99
C ASN A 156 17.76 -43.48 2.15
N GLU A 157 17.75 -42.51 3.02
CA GLU A 157 18.48 -42.57 4.26
C GLU A 157 17.44 -42.72 5.35
N ALA A 158 17.23 -43.97 5.79
CA ALA A 158 16.10 -44.29 6.65
C ALA A 158 16.25 -43.71 8.05
N LYS A 159 17.47 -43.48 8.51
CA LYS A 159 17.63 -42.79 9.79
C LYS A 159 17.47 -41.29 9.65
N LYS A 160 17.41 -40.77 8.44
CA LYS A 160 17.38 -39.33 8.23
C LYS A 160 16.02 -38.80 7.79
N ASN A 161 15.43 -39.38 6.75
CA ASN A 161 14.23 -38.82 6.16
C ASN A 161 13.51 -39.89 5.33
N CYS A 162 12.35 -39.49 4.80
CA CYS A 162 11.48 -40.35 4.02
C CYS A 162 11.58 -40.13 2.52
N ILE A 163 12.53 -39.33 2.05
CA ILE A 163 12.57 -38.99 0.64
C ILE A 163 13.22 -40.14 -0.12
N ILE A 164 12.58 -40.58 -1.18
CA ILE A 164 13.16 -41.61 -2.01
C ILE A 164 13.69 -40.92 -3.26
N VAL A 165 14.99 -41.02 -3.45
CA VAL A 165 15.66 -40.37 -4.55
C VAL A 165 16.00 -41.44 -5.58
N PRO A 166 15.71 -41.22 -6.85
CA PRO A 166 16.09 -42.20 -7.89
C PRO A 166 17.59 -42.41 -7.98
N ASN A 167 17.98 -43.62 -8.38
CA ASN A 167 19.36 -44.06 -8.39
C ASN A 167 19.67 -44.88 -9.64
N GLY A 168 19.28 -44.37 -10.80
CA GLY A 168 19.58 -45.04 -12.05
C GLY A 168 18.56 -46.09 -12.46
N ASP A 169 18.72 -46.57 -13.69
CA ASP A 169 17.83 -47.56 -14.26
C ASP A 169 18.42 -48.95 -14.28
N ASN A 170 19.66 -49.11 -13.83
CA ASN A 170 20.29 -50.43 -13.75
C ASN A 170 21.38 -50.34 -12.68
N VAL A 171 21.92 -51.51 -12.33
CA VAL A 171 22.85 -51.62 -11.21
C VAL A 171 24.16 -50.89 -11.52
N PHE A 172 24.51 -50.83 -12.81
CA PHE A 172 25.64 -50.03 -13.28
C PHE A 172 25.43 -48.55 -12.97
N ALA A 173 24.26 -48.02 -13.35
CA ALA A 173 23.92 -46.63 -13.07
C ALA A 173 23.89 -46.34 -11.57
N ALA A 174 23.34 -47.27 -10.78
CA ALA A 174 23.24 -47.08 -9.34
C ALA A 174 24.62 -46.98 -8.69
N VAL A 175 25.52 -47.89 -9.06
CA VAL A 175 26.82 -47.90 -8.42
C VAL A 175 27.66 -46.71 -8.88
N LYS A 176 27.53 -46.30 -10.15
CA LYS A 176 28.25 -45.10 -10.57
C LYS A 176 27.67 -43.84 -9.94
N LEU A 177 26.36 -43.80 -9.68
CA LEU A 177 25.80 -42.64 -8.99
C LEU A 177 26.38 -42.51 -7.59
N PHE A 178 26.46 -43.63 -6.87
CA PHE A 178 27.12 -43.59 -5.56
C PHE A 178 28.60 -43.23 -5.68
N LEU A 179 29.32 -43.83 -6.64
CA LEU A 179 30.75 -43.62 -6.81
C LEU A 179 31.08 -42.16 -7.14
N THR A 180 30.35 -41.58 -8.10
CA THR A 180 30.50 -40.16 -8.41
C THR A 180 30.10 -39.31 -7.22
N LYS A 181 29.03 -39.72 -6.54
CA LYS A 181 28.52 -38.98 -5.39
C LYS A 181 29.49 -38.99 -4.22
N LYS A 182 30.14 -40.11 -3.94
CA LYS A 182 31.15 -40.09 -2.87
C LYS A 182 32.39 -39.34 -3.37
N GLU A 214 21.15 -43.66 -16.99
CA GLU A 214 20.74 -42.35 -16.49
C GLU A 214 19.88 -42.53 -15.25
N GLN A 215 19.98 -41.55 -14.32
CA GLN A 215 19.20 -41.60 -13.09
C GLN A 215 17.71 -41.53 -13.35
N ARG A 216 17.28 -40.72 -14.30
CA ARG A 216 15.90 -40.68 -14.73
C ARG A 216 15.88 -40.79 -16.24
N THR A 217 15.42 -41.93 -16.74
CA THR A 217 15.45 -42.19 -18.17
C THR A 217 14.16 -41.67 -18.82
N VAL A 218 14.05 -41.91 -20.13
CA VAL A 218 12.87 -41.47 -20.88
C VAL A 218 11.65 -42.25 -20.43
N LYS A 219 11.80 -43.56 -20.20
CA LYS A 219 10.71 -44.34 -19.61
C LYS A 219 10.41 -43.84 -18.20
N MET A 220 11.44 -43.45 -17.47
CA MET A 220 11.20 -42.81 -16.18
C MET A 220 10.58 -41.43 -16.38
N LYS A 221 10.95 -40.74 -17.47
CA LYS A 221 10.29 -39.49 -17.78
C LYS A 221 8.82 -39.70 -18.12
N GLN A 222 8.48 -40.87 -18.66
CA GLN A 222 7.08 -41.22 -18.90
C GLN A 222 6.40 -41.51 -17.57
N ARG A 223 7.12 -42.15 -16.66
CA ARG A 223 6.59 -42.39 -15.32
C ARG A 223 6.31 -41.07 -14.59
N ASP A 224 7.21 -40.10 -14.73
CA ASP A 224 6.96 -38.77 -14.19
C ASP A 224 5.83 -38.08 -14.92
N LYS A 225 5.66 -38.38 -16.20
CA LYS A 225 4.49 -37.92 -16.93
C LYS A 225 3.23 -38.59 -16.40
N LYS A 226 3.40 -39.76 -15.81
CA LYS A 226 2.32 -40.48 -15.15
C LYS A 226 2.27 -40.14 -13.66
N VAL A 227 3.23 -39.38 -13.14
CA VAL A 227 3.20 -38.99 -11.74
C VAL A 227 2.07 -38.01 -11.52
N VAL A 228 1.13 -38.38 -10.64
CA VAL A 228 -0.02 -37.52 -10.42
C VAL A 228 0.16 -36.63 -9.21
N THR A 229 0.94 -37.06 -8.21
CA THR A 229 1.26 -36.33 -6.99
C THR A 229 2.41 -37.05 -6.28
N LYS A 230 3.27 -36.25 -5.64
CA LYS A 230 4.57 -36.74 -5.15
C LYS A 230 4.48 -37.46 -3.82
N THR A 231 3.55 -37.03 -2.94
CA THR A 231 3.12 -37.78 -1.75
C THR A 231 4.23 -38.01 -0.72
N PHE A 232 4.98 -36.95 -0.41
CA PHE A 232 6.00 -36.85 0.65
C PHE A 232 7.27 -37.64 0.37
N HIS A 233 7.25 -38.53 -0.60
CA HIS A 233 8.44 -39.25 -0.99
C HIS A 233 9.00 -38.75 -2.31
N GLY A 234 8.26 -37.91 -3.02
CA GLY A 234 8.75 -37.25 -4.20
C GLY A 234 8.77 -38.11 -5.44
N ALA A 235 8.47 -39.40 -5.33
CA ALA A 235 8.51 -40.29 -6.47
C ALA A 235 7.18 -40.37 -7.21
N GLY A 236 6.07 -39.99 -6.59
CA GLY A 236 4.88 -39.98 -7.42
C GLY A 236 4.06 -41.25 -7.35
N LEU A 237 2.75 -41.09 -7.59
CA LEU A 237 1.83 -42.20 -7.70
C LEU A 237 1.42 -42.44 -9.14
N VAL A 238 1.28 -43.71 -9.51
CA VAL A 238 0.79 -44.15 -10.81
C VAL A 238 -0.51 -44.92 -10.63
N VAL A 239 -1.58 -44.43 -11.24
CA VAL A 239 -2.87 -45.14 -11.23
C VAL A 239 -3.25 -45.34 -12.69
N PRO A 240 -3.82 -46.50 -13.03
CA PRO A 240 -4.36 -46.69 -14.39
C PRO A 240 -5.57 -45.76 -14.63
N VAL A 241 -5.59 -45.11 -15.79
CA VAL A 241 -6.46 -43.95 -16.00
C VAL A 241 -7.32 -44.14 -17.24
N ASP A 242 -8.63 -44.04 -17.05
CA ASP A 242 -9.59 -44.17 -18.14
C ASP A 242 -9.91 -42.77 -18.70
N LYS A 243 -10.86 -42.71 -19.64
CA LYS A 243 -11.22 -41.45 -20.27
C LYS A 243 -12.00 -40.55 -19.32
N ASN A 244 -12.60 -41.12 -18.28
CA ASN A 244 -13.27 -40.32 -17.25
C ASN A 244 -12.44 -40.24 -15.98
N ASP A 245 -11.16 -40.62 -16.06
CA ASP A 245 -10.14 -40.44 -15.03
C ASP A 245 -10.48 -41.13 -13.71
N VAL A 246 -11.34 -42.13 -13.72
CA VAL A 246 -11.70 -42.80 -12.49
C VAL A 246 -10.54 -43.69 -12.07
N GLY A 247 -10.19 -43.63 -10.79
CA GLY A 247 -9.04 -44.36 -10.28
C GLY A 247 -8.29 -43.50 -9.30
N TYR A 248 -8.45 -42.19 -9.45
CA TYR A 248 -7.76 -41.21 -8.62
C TYR A 248 -8.63 -39.98 -8.54
N ARG A 249 -8.56 -39.33 -7.38
CA ARG A 249 -8.99 -37.94 -7.24
C ARG A 249 -8.00 -37.33 -6.27
N GLU A 250 -7.85 -36.02 -6.35
CA GLU A 250 -6.83 -35.43 -5.51
C GLU A 250 -7.36 -35.28 -4.10
N LEU A 251 -6.44 -35.25 -3.15
CA LEU A 251 -6.82 -35.04 -1.78
C LEU A 251 -7.27 -33.59 -1.61
N PRO A 252 -8.23 -33.33 -0.70
CA PRO A 252 -8.62 -31.93 -0.45
C PRO A 252 -7.57 -31.11 0.30
N GLU A 253 -6.43 -31.68 0.69
CA GLU A 253 -5.44 -30.97 1.46
C GLU A 253 -4.11 -30.97 0.72
N THR A 254 -3.38 -29.86 0.84
CA THR A 254 -2.05 -29.79 0.27
C THR A 254 -1.04 -30.56 1.11
N ASP A 255 0.15 -30.74 0.51
CA ASP A 255 1.23 -31.49 1.15
C ASP A 255 1.71 -30.84 2.44
N ALA A 256 1.89 -29.52 2.44
CA ALA A 256 2.36 -28.82 3.63
C ALA A 256 1.34 -28.87 4.75
N ASP A 257 0.06 -28.70 4.43
CA ASP A 257 -0.95 -28.77 5.46
C ASP A 257 -1.17 -30.18 5.94
N LEU A 258 -0.98 -31.17 5.07
CA LEU A 258 -1.00 -32.55 5.50
C LEU A 258 0.15 -32.85 6.45
N LYS A 259 1.34 -32.33 6.14
CA LYS A 259 2.51 -32.45 7.01
C LYS A 259 2.25 -31.76 8.33
N ARG A 260 1.53 -30.64 8.30
CA ARG A 260 1.11 -29.93 9.49
C ARG A 260 0.16 -30.77 10.33
N ILE A 261 -0.79 -31.44 9.67
CA ILE A 261 -1.73 -32.31 10.37
C ILE A 261 -0.99 -33.46 11.07
N CYS A 262 -0.07 -34.10 10.35
CA CYS A 262 0.73 -35.17 10.95
C CYS A 262 1.58 -34.65 12.09
N LYS A 263 2.11 -33.43 11.93
CA LYS A 263 2.91 -32.81 12.97
C LYS A 263 2.09 -32.57 14.23
N THR A 264 0.90 -31.97 14.09
CA THR A 264 0.08 -31.67 15.26
C THR A 264 -0.51 -32.94 15.88
N ILE A 265 -0.69 -34.00 15.08
CA ILE A 265 -1.14 -35.26 15.66
C ILE A 265 -0.03 -35.87 16.50
N VAL A 266 1.19 -35.97 15.95
CA VAL A 266 2.26 -36.66 16.65
C VAL A 266 2.76 -35.88 17.88
N GLU A 267 2.59 -34.56 17.92
CA GLU A 267 3.09 -33.79 19.05
C GLU A 267 2.05 -33.56 20.12
N ALA A 268 0.84 -34.08 19.93
CA ALA A 268 -0.20 -33.97 20.94
C ALA A 268 0.24 -34.70 22.20
N ALA A 269 -0.07 -34.11 23.36
CA ALA A 269 0.47 -34.58 24.62
C ALA A 269 -0.31 -35.74 25.20
N SER A 270 -1.43 -36.11 24.60
CA SER A 270 -2.19 -37.25 25.10
C SER A 270 -2.93 -37.92 23.95
N ASP A 271 -3.44 -39.12 24.24
CA ASP A 271 -4.18 -39.89 23.25
C ASP A 271 -5.49 -39.23 22.88
N GLU A 272 -6.14 -38.56 23.85
CA GLU A 272 -7.35 -37.82 23.53
C GLU A 272 -7.05 -36.62 22.65
N GLU A 273 -5.93 -35.93 22.92
CA GLU A 273 -5.50 -34.85 22.05
C GLU A 273 -5.09 -35.36 20.68
N ARG A 274 -4.49 -36.55 20.64
CA ARG A 274 -4.11 -37.15 19.36
C ARG A 274 -5.33 -37.47 18.52
N LEU A 275 -6.32 -38.17 19.11
CA LEU A 275 -7.54 -38.50 18.39
C LEU A 275 -8.32 -37.24 18.01
N LYS A 276 -8.27 -36.21 18.86
CA LYS A 276 -8.91 -34.95 18.50
C LYS A 276 -8.24 -34.33 17.29
N ALA A 277 -6.90 -34.36 17.25
CA ALA A 277 -6.20 -33.91 16.05
C ALA A 277 -6.42 -34.87 14.88
N PHE A 278 -6.83 -36.11 15.14
CA PHE A 278 -7.09 -37.07 14.09
C PHE A 278 -8.34 -36.77 13.28
N ALA A 279 -9.22 -35.89 13.76
CA ALA A 279 -10.50 -35.62 13.10
C ALA A 279 -10.43 -35.23 11.61
N PRO A 280 -9.53 -34.34 11.15
CA PRO A 280 -9.46 -34.13 9.69
C PRO A 280 -8.98 -35.35 8.95
N ILE A 281 -8.12 -36.15 9.58
CA ILE A 281 -7.73 -37.42 8.98
C ILE A 281 -8.92 -38.36 8.90
N GLN A 282 -9.77 -38.40 9.94
CA GLN A 282 -10.98 -39.22 9.89
C GLN A 282 -11.90 -38.80 8.76
N GLU A 283 -12.10 -37.49 8.60
CA GLU A 283 -12.91 -37.00 7.49
C GLU A 283 -12.22 -37.26 6.16
N MET A 284 -10.90 -37.13 6.12
CA MET A 284 -10.14 -37.47 4.93
C MET A 284 -10.30 -38.95 4.58
N MET A 285 -10.38 -39.81 5.59
CA MET A 285 -10.68 -41.22 5.40
C MET A 285 -12.09 -41.42 4.90
N THR A 286 -13.02 -40.60 5.38
CA THR A 286 -14.39 -40.65 4.91
C THR A 286 -14.48 -40.32 3.43
N PHE A 287 -13.81 -39.24 3.01
CA PHE A 287 -13.69 -38.92 1.59
C PHE A 287 -12.92 -39.98 0.82
N VAL A 288 -11.94 -40.64 1.47
CA VAL A 288 -11.22 -41.73 0.82
C VAL A 288 -12.16 -42.90 0.53
N GLN A 289 -13.00 -43.26 1.50
CA GLN A 289 -14.02 -44.26 1.26
C GLN A 289 -15.05 -43.81 0.25
N PHE A 290 -15.35 -42.51 0.20
CA PHE A 290 -16.20 -41.99 -0.87
C PHE A 290 -15.58 -42.28 -2.23
N ALA A 291 -14.27 -41.97 -2.34
CA ALA A 291 -13.52 -42.22 -3.56
C ALA A 291 -13.51 -43.71 -3.87
N ASN A 292 -13.41 -44.53 -2.82
CA ASN A 292 -13.52 -45.96 -2.96
C ASN A 292 -14.89 -46.35 -3.49
N ASP A 293 -15.94 -45.68 -3.01
CA ASP A 293 -17.29 -45.91 -3.51
C ASP A 293 -17.41 -45.53 -4.97
N GLU A 294 -16.66 -44.51 -5.41
CA GLU A 294 -16.65 -44.16 -6.82
C GLU A 294 -15.36 -44.60 -7.50
N CYS A 295 -14.65 -45.56 -6.91
CA CYS A 295 -13.51 -46.26 -7.49
C CYS A 295 -12.30 -45.37 -7.70
N ASP A 296 -12.23 -44.20 -7.05
CA ASP A 296 -11.06 -43.33 -7.16
C ASP A 296 -9.99 -43.69 -6.13
N TYR A 297 -9.39 -44.86 -6.37
CA TYR A 297 -8.52 -45.49 -5.38
C TYR A 297 -7.21 -44.74 -5.13
N GLY A 298 -6.72 -43.96 -6.12
CA GLY A 298 -5.43 -43.30 -5.97
C GLY A 298 -5.38 -42.29 -4.83
N MET A 299 -6.54 -41.74 -4.45
CA MET A 299 -6.64 -40.84 -3.31
C MET A 299 -6.27 -41.55 -2.00
N GLY A 300 -6.89 -42.71 -1.77
CA GLY A 300 -6.53 -43.50 -0.60
C GLY A 300 -5.12 -44.04 -0.68
N LEU A 301 -4.63 -44.25 -1.90
CA LEU A 301 -3.23 -44.60 -2.09
C LEU A 301 -2.33 -43.49 -1.57
N GLU A 302 -2.69 -42.24 -1.86
CA GLU A 302 -1.89 -41.10 -1.45
C GLU A 302 -1.91 -40.92 0.06
N LEU A 303 -3.12 -41.00 0.64
CA LEU A 303 -3.28 -40.80 2.07
C LEU A 303 -2.57 -41.89 2.87
N GLY A 304 -2.82 -43.15 2.52
CA GLY A 304 -2.16 -44.26 3.19
C GLY A 304 -0.65 -44.26 3.07
N MET A 305 -0.14 -43.89 1.87
CA MET A 305 1.30 -43.79 1.68
C MET A 305 1.89 -42.72 2.58
N ASP A 306 1.21 -41.56 2.69
CA ASP A 306 1.69 -40.50 3.56
C ASP A 306 1.68 -40.93 5.03
N LEU A 307 0.65 -41.67 5.44
CA LEU A 307 0.61 -42.17 6.82
C LEU A 307 1.72 -43.16 7.09
N PHE A 308 2.04 -43.99 6.09
CA PHE A 308 3.23 -44.83 6.18
C PHE A 308 4.50 -44.00 6.31
N CYS A 309 4.60 -42.96 5.50
CA CYS A 309 5.83 -42.17 5.44
C CYS A 309 6.09 -41.40 6.72
N TYR A 310 5.05 -41.02 7.46
CA TYR A 310 5.27 -40.21 8.65
C TYR A 310 6.03 -40.98 9.74
N GLY A 311 5.75 -42.26 9.89
CA GLY A 311 6.60 -43.12 10.71
C GLY A 311 6.17 -43.25 12.15
N SER A 312 5.18 -42.49 12.59
CA SER A 312 4.66 -42.64 13.92
C SER A 312 3.74 -43.85 13.91
N HIS A 313 3.76 -44.62 14.99
CA HIS A 313 2.96 -45.84 15.04
C HIS A 313 1.47 -45.60 15.01
N TYR A 314 1.00 -44.41 15.43
CA TYR A 314 -0.40 -44.07 15.55
C TYR A 314 -1.20 -44.16 14.25
N PHE A 315 -0.54 -44.27 13.09
CA PHE A 315 -1.23 -44.34 11.81
C PHE A 315 -1.21 -45.74 11.24
N HIS A 316 -0.64 -46.71 11.97
CA HIS A 316 -0.39 -48.03 11.40
C HIS A 316 -1.67 -48.77 11.05
N LYS A 317 -2.67 -48.75 11.92
CA LYS A 317 -3.86 -49.52 11.64
C LYS A 317 -4.71 -48.84 10.57
N VAL A 318 -4.91 -47.52 10.69
CA VAL A 318 -5.79 -46.80 9.77
C VAL A 318 -5.27 -46.86 8.35
N ALA A 319 -3.97 -46.65 8.15
CA ALA A 319 -3.37 -46.92 6.85
C ALA A 319 -3.49 -48.40 6.54
N GLY A 320 -3.32 -49.23 7.57
CA GLY A 320 -3.59 -50.65 7.49
C GLY A 320 -5.05 -50.97 7.28
N GLN A 321 -5.95 -50.02 7.54
CA GLN A 321 -7.34 -50.17 7.16
C GLN A 321 -7.55 -49.74 5.72
N LEU A 322 -6.70 -48.86 5.23
CA LEU A 322 -6.90 -48.30 3.92
C LEU A 322 -5.97 -48.88 2.86
N LEU A 323 -4.67 -48.85 3.13
CA LEU A 323 -3.70 -49.14 2.07
C LEU A 323 -3.68 -50.61 1.65
N PRO A 324 -3.73 -51.62 2.54
CA PRO A 324 -3.92 -53.00 2.04
C PRO A 324 -5.19 -53.16 1.24
N LEU A 325 -6.30 -52.62 1.78
CA LEU A 325 -7.60 -52.64 1.10
C LEU A 325 -7.49 -52.02 -0.28
N ALA A 326 -6.85 -50.84 -0.34
CA ALA A 326 -6.58 -50.18 -1.60
C ALA A 326 -5.73 -51.06 -2.51
N TYR A 327 -4.69 -51.67 -1.94
CA TYR A 327 -3.91 -52.63 -2.72
C TYR A 327 -4.72 -53.87 -3.02
N ASN A 328 -5.64 -54.23 -2.12
CA ASN A 328 -6.66 -55.20 -2.48
C ASN A 328 -7.51 -54.65 -3.61
N LEU A 329 -7.90 -53.38 -3.50
CA LEU A 329 -8.57 -52.70 -4.61
C LEU A 329 -7.66 -52.60 -5.82
N LEU A 330 -6.35 -52.46 -5.61
CA LEU A 330 -5.41 -52.42 -6.72
C LEU A 330 -4.97 -53.79 -7.20
N LYS A 331 -5.47 -54.87 -6.57
CA LYS A 331 -5.10 -56.26 -6.90
C LYS A 331 -3.60 -56.47 -6.79
N ARG A 332 -3.00 -55.88 -5.75
CA ARG A 332 -1.57 -55.95 -5.54
C ARG A 332 -1.25 -56.65 -4.22
N ASN A 333 -1.85 -57.84 -4.03
CA ASN A 333 -1.90 -58.53 -2.73
C ASN A 333 -0.54 -58.77 -2.10
N LEU A 334 0.51 -58.94 -2.91
CA LEU A 334 1.85 -59.08 -2.35
C LEU A 334 2.22 -57.85 -1.54
N PHE A 335 1.85 -56.67 -2.03
CA PHE A 335 2.08 -55.45 -1.28
C PHE A 335 1.23 -55.43 -0.01
N ALA A 336 0.02 -55.97 -0.06
CA ALA A 336 -0.82 -56.07 1.14
C ALA A 336 -0.17 -56.97 2.18
N GLU A 337 0.40 -58.09 1.73
CA GLU A 337 1.14 -58.99 2.61
C GLU A 337 2.32 -58.26 3.23
N ILE A 338 3.07 -57.54 2.38
CA ILE A 338 4.25 -56.80 2.81
C ILE A 338 3.88 -55.75 3.84
N ILE A 339 2.80 -55.00 3.61
CA ILE A 339 2.48 -53.92 4.53
C ILE A 339 1.93 -54.46 5.86
N GLU A 340 1.13 -55.53 5.83
CA GLU A 340 0.67 -56.16 7.08
C GLU A 340 1.85 -56.65 7.91
N GLU A 341 2.71 -57.46 7.30
CA GLU A 341 3.83 -58.00 8.05
C GLU A 341 4.85 -56.92 8.38
N HIS A 342 4.93 -55.88 7.55
CA HIS A 342 5.84 -54.78 7.81
C HIS A 342 5.37 -53.92 8.95
N LEU A 343 4.06 -53.60 9.00
CA LEU A 343 3.52 -52.87 10.14
C LEU A 343 3.68 -53.70 11.41
N ALA A 344 3.66 -55.03 11.28
CA ALA A 344 4.05 -55.83 12.43
C ALA A 344 5.55 -55.79 12.68
N ASN A 345 6.39 -55.53 11.67
CA ASN A 345 7.84 -55.64 11.84
C ASN A 345 8.63 -54.57 11.08
N ARG A 346 8.28 -53.29 11.21
CA ARG A 346 9.08 -52.27 10.53
C ARG A 346 10.19 -51.91 11.50
N SER A 347 11.33 -52.54 11.30
CA SER A 347 12.40 -52.54 12.28
C SER A 347 13.55 -51.64 11.86
N GLN A 348 14.41 -51.36 12.84
CA GLN A 348 15.65 -50.64 12.62
C GLN A 348 16.80 -51.60 12.36
N GLU A 349 16.56 -52.89 12.54
CA GLU A 349 17.51 -53.95 12.24
C GLU A 349 16.72 -54.95 11.41
N ASN A 350 17.16 -55.18 10.17
CA ASN A 350 16.24 -55.73 9.19
C ASN A 350 16.85 -56.87 8.40
N ILE A 351 17.88 -57.52 8.95
CA ILE A 351 18.46 -58.71 8.34
C ILE A 351 17.64 -59.92 8.74
N ASP A 352 17.17 -60.68 7.74
CA ASP A 352 16.27 -61.81 7.97
C ASP A 352 16.97 -62.97 8.70
N GLN A 353 18.29 -62.97 8.77
CA GLN A 353 19.00 -63.93 9.61
C GLN A 353 19.38 -63.34 10.95
N LEU A 354 19.12 -62.05 11.14
CA LEU A 354 19.26 -61.33 12.42
C LEU A 354 20.67 -61.40 13.01
N GLY B 97 -30.95 -10.84 5.12
CA GLY B 97 -31.01 -11.38 6.46
C GLY B 97 -30.83 -10.29 7.49
N LYS B 98 -30.57 -10.68 8.73
CA LYS B 98 -30.27 -9.68 9.75
C LYS B 98 -28.88 -9.09 9.48
N ALA B 99 -28.72 -7.82 9.84
CA ALA B 99 -27.49 -7.10 9.50
C ALA B 99 -26.67 -6.80 10.74
N PRO B 100 -25.65 -7.61 11.05
CA PRO B 100 -24.79 -7.31 12.18
C PRO B 100 -23.66 -6.37 11.79
N VAL B 101 -23.05 -5.80 12.79
CA VAL B 101 -21.85 -5.01 12.61
C VAL B 101 -20.68 -5.98 12.57
N ASP B 102 -19.82 -5.80 11.58
CA ASP B 102 -18.57 -6.52 11.48
C ASP B 102 -17.74 -6.26 12.75
N PRO B 103 -17.31 -7.31 13.47
CA PRO B 103 -16.53 -7.11 14.71
C PRO B 103 -15.18 -6.40 14.54
N GLU B 104 -14.66 -6.27 13.32
CA GLU B 104 -13.32 -5.70 13.10
C GLU B 104 -13.20 -4.25 13.58
N CYS B 105 -14.29 -3.52 13.70
CA CYS B 105 -14.26 -2.18 14.29
C CYS B 105 -14.47 -2.30 15.80
N THR B 106 -13.42 -2.80 16.45
CA THR B 106 -13.48 -3.17 17.86
C THR B 106 -13.76 -1.98 18.75
N ALA B 107 -13.22 -0.81 18.40
CA ALA B 107 -13.52 0.40 19.15
C ALA B 107 -14.94 0.90 18.94
N LYS B 108 -15.67 0.33 17.97
CA LYS B 108 -17.02 0.81 17.68
C LYS B 108 -18.03 -0.30 17.40
N VAL B 109 -17.65 -1.57 17.53
CA VAL B 109 -18.61 -2.65 17.33
C VAL B 109 -19.71 -2.64 18.40
N GLY B 110 -19.40 -2.12 19.59
CA GLY B 110 -20.37 -2.18 20.67
C GLY B 110 -21.11 -0.90 20.92
N LYS B 111 -20.59 0.23 20.44
CA LYS B 111 -21.24 1.52 20.64
C LYS B 111 -21.85 2.07 19.36
N ALA B 112 -21.92 1.28 18.30
CA ALA B 112 -22.38 1.78 17.02
C ALA B 112 -23.05 0.65 16.25
N HIS B 113 -23.90 1.05 15.31
CA HIS B 113 -24.66 0.13 14.49
C HIS B 113 -24.48 0.54 13.04
N VAL B 114 -24.54 -0.46 12.14
CA VAL B 114 -24.57 -0.17 10.72
C VAL B 114 -25.84 0.60 10.38
N TYR B 115 -25.71 1.63 9.55
CA TYR B 115 -26.86 2.46 9.24
C TYR B 115 -27.66 1.81 8.14
N CYS B 116 -28.98 1.91 8.25
CA CYS B 116 -29.88 1.36 7.26
C CYS B 116 -30.94 2.40 6.96
N GLU B 117 -31.50 2.35 5.76
CA GLU B 117 -32.68 3.15 5.44
C GLU B 117 -33.48 2.39 4.38
N GLY B 118 -34.42 1.58 4.87
CA GLY B 118 -35.30 0.81 4.02
C GLY B 118 -34.55 -0.20 3.17
N ASN B 119 -34.83 -0.12 1.86
CA ASN B 119 -34.08 -0.86 0.86
C ASN B 119 -32.57 -0.59 0.93
N ASP B 120 -32.18 0.68 0.84
CA ASP B 120 -30.78 1.01 0.68
C ASP B 120 -30.13 1.02 2.05
N VAL B 121 -29.33 0.01 2.33
CA VAL B 121 -28.54 -0.07 3.55
C VAL B 121 -27.10 0.20 3.18
N TYR B 122 -26.48 1.22 3.80
CA TYR B 122 -25.14 1.65 3.40
C TYR B 122 -24.09 0.70 3.96
N ASP B 123 -24.05 -0.47 3.32
CA ASP B 123 -23.13 -1.56 3.59
C ASP B 123 -23.01 -2.31 2.28
N VAL B 124 -21.78 -2.69 1.92
CA VAL B 124 -21.55 -3.34 0.64
C VAL B 124 -20.21 -4.08 0.71
N MET B 125 -20.15 -5.22 0.02
CA MET B 125 -18.93 -5.98 -0.07
C MET B 125 -18.63 -6.21 -1.53
N LEU B 126 -17.39 -5.94 -1.92
CA LEU B 126 -16.92 -6.12 -3.28
C LEU B 126 -15.78 -7.11 -3.33
N ASN B 127 -15.75 -7.90 -4.39
CA ASN B 127 -14.68 -8.85 -4.64
C ASN B 127 -14.18 -8.66 -6.06
N GLN B 128 -12.88 -8.85 -6.23
CA GLN B 128 -12.27 -8.78 -7.55
C GLN B 128 -11.19 -9.85 -7.63
N THR B 129 -11.05 -10.45 -8.81
CA THR B 129 -9.95 -11.35 -9.05
C THR B 129 -9.63 -11.35 -10.53
N ASN B 130 -8.36 -11.57 -10.82
CA ASN B 130 -7.81 -11.57 -12.17
C ASN B 130 -6.61 -12.53 -12.13
N LEU B 131 -6.87 -13.79 -12.44
CA LEU B 131 -5.82 -14.80 -12.40
C LEU B 131 -4.74 -14.60 -13.45
N GLN B 132 -5.09 -13.94 -14.56
CA GLN B 132 -4.14 -13.63 -15.62
C GLN B 132 -2.99 -12.78 -15.11
N PHE B 133 -3.30 -11.70 -14.40
CA PHE B 133 -2.29 -10.84 -13.79
C PHE B 133 -2.34 -10.83 -12.26
N ASN B 134 -2.98 -11.85 -11.66
CA ASN B 134 -2.88 -12.16 -10.22
C ASN B 134 -3.45 -11.05 -9.31
N ASN B 135 -4.69 -10.67 -9.56
CA ASN B 135 -5.47 -9.89 -8.61
C ASN B 135 -6.35 -10.84 -7.81
N ASN B 136 -6.39 -10.64 -6.51
CA ASN B 136 -7.26 -11.43 -5.64
C ASN B 136 -7.56 -10.56 -4.42
N LYS B 137 -8.67 -9.84 -4.45
CA LYS B 137 -8.86 -8.81 -3.45
C LYS B 137 -10.31 -8.68 -3.05
N TYR B 138 -10.52 -8.25 -1.81
CA TYR B 138 -11.85 -7.96 -1.27
C TYR B 138 -11.91 -6.51 -0.82
N TYR B 139 -13.12 -6.04 -0.56
CA TYR B 139 -13.30 -4.70 -0.02
C TYR B 139 -14.68 -4.64 0.64
N LEU B 140 -14.70 -4.57 1.96
CA LEU B 140 -15.96 -4.39 2.67
C LEU B 140 -16.05 -2.93 3.12
N ILE B 141 -17.26 -2.37 3.03
CA ILE B 141 -17.53 -1.02 3.51
C ILE B 141 -18.81 -1.08 4.31
N GLN B 142 -18.79 -0.42 5.46
CA GLN B 142 -19.94 -0.39 6.36
C GLN B 142 -20.04 1.03 6.87
N LEU B 143 -21.22 1.61 6.75
CA LEU B 143 -21.46 2.91 7.35
C LEU B 143 -22.02 2.67 8.74
N LEU B 144 -21.35 3.21 9.75
CA LEU B 144 -21.70 3.01 11.15
C LEU B 144 -22.07 4.35 11.76
N GLU B 145 -23.23 4.41 12.39
CA GLU B 145 -23.58 5.53 13.24
C GLU B 145 -23.64 5.03 14.69
N ASP B 146 -23.10 5.84 15.61
CA ASP B 146 -23.13 5.48 17.02
C ASP B 146 -24.56 5.45 17.55
N ASP B 147 -24.79 4.58 18.52
CA ASP B 147 -26.10 4.57 19.19
C ASP B 147 -26.25 5.80 20.09
N ALA B 148 -25.20 6.14 20.82
CA ALA B 148 -25.26 7.23 21.78
C ALA B 148 -25.08 8.60 21.11
N GLN B 149 -24.02 8.75 20.30
CA GLN B 149 -23.64 10.04 19.75
C GLN B 149 -23.99 10.14 18.28
N ARG B 150 -24.21 11.38 17.83
CA ARG B 150 -24.65 11.63 16.46
C ARG B 150 -23.42 11.82 15.58
N ASN B 151 -22.92 10.71 15.05
CA ASN B 151 -21.68 10.73 14.26
C ASN B 151 -21.69 9.53 13.34
N PHE B 152 -21.39 9.79 12.08
CA PHE B 152 -21.45 8.76 11.06
C PHE B 152 -20.03 8.46 10.63
N SER B 153 -19.82 7.25 10.15
CA SER B 153 -18.48 6.82 9.79
C SER B 153 -18.56 5.76 8.72
N VAL B 154 -17.52 5.70 7.89
CA VAL B 154 -17.37 4.61 6.94
C VAL B 154 -16.15 3.76 7.32
N TRP B 155 -16.36 2.45 7.39
CA TRP B 155 -15.32 1.47 7.67
C TRP B 155 -15.04 0.71 6.40
N MET B 156 -13.77 0.63 6.04
CA MET B 156 -13.36 -0.07 4.83
C MET B 156 -12.28 -1.08 5.19
N ARG B 157 -12.31 -2.24 4.54
CA ARG B 157 -11.29 -3.24 4.84
C ARG B 157 -10.97 -4.03 3.58
N TRP B 158 -9.68 -4.35 3.45
CA TRP B 158 -9.12 -4.78 2.18
C TRP B 158 -7.96 -5.74 2.39
N GLY B 159 -7.72 -6.54 1.35
CA GLY B 159 -6.70 -7.55 1.37
C GLY B 159 -7.01 -8.63 0.34
N ARG B 160 -6.23 -9.70 0.42
CA ARG B 160 -6.61 -10.94 -0.24
C ARG B 160 -7.89 -11.46 0.36
N VAL B 161 -8.79 -11.94 -0.48
CA VAL B 161 -9.96 -12.64 0.04
C VAL B 161 -9.51 -13.82 0.88
N GLY B 162 -10.05 -13.93 2.08
CA GLY B 162 -9.61 -14.97 2.99
C GLY B 162 -8.64 -14.47 4.03
N LYS B 163 -7.70 -13.65 3.60
CA LYS B 163 -6.69 -13.11 4.49
C LYS B 163 -7.17 -11.74 4.94
N MET B 164 -7.44 -11.62 6.25
CA MET B 164 -8.01 -10.38 6.79
C MET B 164 -7.05 -9.23 6.56
N GLY B 165 -7.60 -8.07 6.21
CA GLY B 165 -6.71 -7.01 5.79
C GLY B 165 -6.89 -5.67 6.48
N GLN B 166 -6.16 -4.68 5.94
CA GLN B 166 -6.15 -3.29 6.47
C GLN B 166 -7.56 -2.70 6.45
N HIS B 167 -7.88 -1.94 7.49
CA HIS B 167 -9.16 -1.28 7.63
C HIS B 167 -8.97 0.21 7.87
N SER B 168 -10.03 0.96 7.65
CA SER B 168 -10.05 2.40 7.83
C SER B 168 -11.36 2.82 8.45
N LEU B 169 -11.28 3.75 9.40
CA LEU B 169 -12.41 4.35 10.10
C LEU B 169 -12.44 5.83 9.77
N VAL B 170 -13.43 6.27 9.00
CA VAL B 170 -13.55 7.67 8.64
C VAL B 170 -14.79 8.22 9.33
N ALA B 171 -14.55 9.07 10.32
CA ALA B 171 -15.59 9.74 11.09
C ALA B 171 -15.92 11.08 10.46
N CYS B 172 -17.16 11.53 10.66
CA CYS B 172 -17.64 12.75 10.04
C CYS B 172 -18.25 13.76 10.99
N SER B 173 -18.30 13.46 12.30
CA SER B 173 -18.92 14.30 13.34
C SER B 173 -20.39 14.59 13.04
N GLY B 174 -21.06 13.62 12.43
CA GLY B 174 -22.48 13.74 12.13
C GLY B 174 -22.81 14.42 10.83
N ASN B 175 -21.83 14.66 9.95
CA ASN B 175 -22.09 15.23 8.63
C ASN B 175 -22.32 14.06 7.65
N LEU B 176 -23.49 13.44 7.83
CA LEU B 176 -23.86 12.24 7.08
C LEU B 176 -23.91 12.46 5.58
N ASN B 177 -24.21 13.67 5.12
CA ASN B 177 -24.35 13.91 3.68
C ASN B 177 -23.02 13.75 2.97
N LYS B 178 -21.98 14.42 3.45
CA LYS B 178 -20.62 14.23 2.94
C LYS B 178 -20.18 12.77 3.06
N ALA B 179 -20.48 12.14 4.20
CA ALA B 179 -20.08 10.75 4.43
C ALA B 179 -20.74 9.83 3.41
N LYS B 180 -22.03 10.03 3.16
CA LYS B 180 -22.74 9.25 2.15
C LYS B 180 -22.19 9.54 0.77
N GLU B 181 -21.81 10.79 0.52
CA GLU B 181 -21.17 11.15 -0.74
C GLU B 181 -19.86 10.40 -0.90
N ILE B 182 -19.03 10.41 0.14
CA ILE B 182 -17.79 9.66 0.20
C ILE B 182 -18.04 8.18 -0.08
N PHE B 183 -19.08 7.64 0.57
CA PHE B 183 -19.52 6.26 0.38
C PHE B 183 -19.80 6.00 -1.09
N GLN B 184 -20.60 6.87 -1.69
CA GLN B 184 -20.98 6.74 -3.09
C GLN B 184 -19.78 6.92 -4.01
N LYS B 185 -18.91 7.86 -3.68
CA LYS B 185 -17.71 8.11 -4.48
C LYS B 185 -16.79 6.91 -4.47
N LYS B 186 -16.55 6.35 -3.29
CA LYS B 186 -15.70 5.17 -3.17
C LYS B 186 -16.33 4.01 -3.93
N PHE B 187 -17.66 3.89 -3.81
CA PHE B 187 -18.39 2.89 -4.56
C PHE B 187 -18.22 3.03 -6.06
N LEU B 188 -18.36 4.25 -6.58
CA LEU B 188 -18.21 4.45 -8.02
C LEU B 188 -16.77 4.25 -8.44
N ASP B 189 -15.83 4.73 -7.61
CA ASP B 189 -14.41 4.51 -7.84
C ASP B 189 -14.12 3.03 -8.03
N LYS B 190 -14.76 2.20 -7.24
CA LYS B 190 -14.47 0.77 -7.35
C LYS B 190 -15.39 0.05 -8.32
N THR B 191 -16.55 0.62 -8.64
CA THR B 191 -17.58 -0.07 -9.40
C THR B 191 -18.03 0.59 -10.69
N LYS B 192 -17.85 1.92 -10.83
CA LYS B 192 -18.39 2.75 -11.91
C LYS B 192 -19.90 2.81 -11.90
N ASN B 193 -20.50 2.55 -10.75
CA ASN B 193 -21.94 2.58 -10.64
C ASN B 193 -22.35 3.55 -9.55
N ASN B 194 -23.56 4.07 -9.69
CA ASN B 194 -24.18 4.81 -8.63
C ASN B 194 -24.56 3.86 -7.49
N TRP B 195 -24.48 4.34 -6.26
CA TRP B 195 -24.71 3.44 -5.14
C TRP B 195 -26.19 3.15 -4.91
N GLU B 196 -27.05 4.18 -5.08
CA GLU B 196 -28.46 4.10 -4.68
C GLU B 196 -29.19 2.96 -5.40
N ASP B 197 -28.87 2.75 -6.68
CA ASP B 197 -29.35 1.57 -7.39
C ASP B 197 -28.38 0.38 -7.20
N ARG B 198 -28.17 0.02 -5.93
CA ARG B 198 -27.42 -1.21 -5.64
C ARG B 198 -28.23 -2.44 -6.00
N GLU B 199 -29.56 -2.34 -5.97
CA GLU B 199 -30.41 -3.44 -6.42
C GLU B 199 -30.20 -3.72 -7.89
N LYS B 200 -30.21 -2.67 -8.70
CA LYS B 200 -29.95 -2.81 -10.12
C LYS B 200 -28.46 -2.57 -10.33
N PHE B 201 -27.70 -3.56 -9.89
CA PHE B 201 -26.25 -3.53 -10.01
C PHE B 201 -25.83 -4.21 -11.29
N GLU B 202 -24.89 -3.58 -11.99
CA GLU B 202 -24.28 -4.16 -13.17
C GLU B 202 -22.78 -3.93 -13.03
N LYS B 203 -22.05 -5.02 -12.79
CA LYS B 203 -20.61 -4.95 -12.68
C LYS B 203 -20.03 -4.56 -14.04
N VAL B 204 -18.89 -3.86 -14.00
CA VAL B 204 -18.26 -3.44 -15.24
C VAL B 204 -16.86 -4.06 -15.26
N PRO B 205 -16.33 -4.42 -16.45
CA PRO B 205 -15.03 -5.11 -16.51
C PRO B 205 -13.88 -4.24 -16.04
N GLY B 206 -12.88 -4.89 -15.46
CA GLY B 206 -11.77 -4.19 -14.85
C GLY B 206 -12.15 -3.38 -13.64
N LYS B 207 -13.22 -3.77 -12.95
CA LYS B 207 -13.63 -3.17 -11.70
C LYS B 207 -14.15 -4.24 -10.77
N TYR B 208 -14.36 -3.83 -9.52
CA TYR B 208 -14.84 -4.73 -8.49
C TYR B 208 -16.25 -5.20 -8.81
N ASP B 209 -16.57 -6.39 -8.33
CA ASP B 209 -17.93 -6.88 -8.38
C ASP B 209 -18.53 -6.79 -6.99
N MET B 210 -19.84 -6.68 -6.93
CA MET B 210 -20.53 -6.67 -5.66
C MET B 210 -20.76 -8.13 -5.27
N LEU B 211 -21.16 -8.34 -4.02
CA LEU B 211 -21.80 -9.60 -3.67
C LEU B 211 -22.95 -9.28 -2.73
N GLN B 212 -23.74 -10.29 -2.44
CA GLN B 212 -24.94 -10.10 -1.64
C GLN B 212 -24.87 -11.10 -0.50
N MET B 213 -25.15 -10.64 0.71
CA MET B 213 -24.88 -11.44 1.89
C MET B 213 -26.12 -11.55 2.76
N ASP B 214 -25.99 -12.37 3.80
CA ASP B 214 -27.03 -12.53 4.81
C ASP B 214 -26.82 -11.57 5.95
N SER B 239 -42.24 -29.66 27.33
CA SER B 239 -41.06 -30.47 27.06
C SER B 239 -41.39 -31.95 27.09
N GLN B 240 -42.67 -32.28 26.97
CA GLN B 240 -43.11 -33.67 26.93
C GLN B 240 -42.68 -34.29 25.61
N LEU B 241 -41.69 -35.18 25.67
CA LEU B 241 -41.14 -35.88 24.50
C LEU B 241 -40.36 -37.10 25.00
N ASP B 242 -40.34 -38.13 24.15
CA ASP B 242 -39.44 -39.27 24.33
C ASP B 242 -37.99 -38.82 24.35
N LEU B 243 -37.18 -39.50 25.19
CA LEU B 243 -35.77 -39.15 25.31
C LEU B 243 -34.98 -39.47 24.05
N ARG B 244 -35.37 -40.52 23.35
CA ARG B 244 -34.69 -40.93 22.12
C ARG B 244 -34.96 -39.91 21.00
N VAL B 245 -36.21 -39.48 20.88
CA VAL B 245 -36.56 -38.44 19.92
C VAL B 245 -35.89 -37.13 20.30
N GLN B 246 -35.76 -36.86 21.61
CA GLN B 246 -35.00 -35.71 22.07
C GLN B 246 -33.53 -35.79 21.65
N GLU B 247 -32.93 -36.97 21.78
CA GLU B 247 -31.55 -37.14 21.33
C GLU B 247 -31.41 -36.94 19.83
N LEU B 248 -32.38 -37.42 19.07
CA LEU B 248 -32.33 -37.26 17.62
C LEU B 248 -32.45 -35.79 17.22
N ILE B 249 -33.45 -35.08 17.77
CA ILE B 249 -33.61 -33.65 17.43
C ILE B 249 -32.40 -32.85 17.90
N LYS B 250 -31.90 -33.13 19.12
CA LYS B 250 -30.72 -32.45 19.64
C LYS B 250 -29.50 -32.74 18.78
N LEU B 251 -29.46 -33.94 18.20
CA LEU B 251 -28.44 -34.27 17.22
C LEU B 251 -28.58 -33.41 15.97
N ILE B 252 -29.80 -33.30 15.44
CA ILE B 252 -29.98 -32.55 14.19
C ILE B 252 -30.28 -31.04 14.38
N CYS B 253 -30.97 -30.62 15.46
CA CYS B 253 -31.46 -29.24 15.55
C CYS B 253 -30.64 -28.35 16.47
N ASN B 254 -29.43 -28.75 16.88
CA ASN B 254 -28.65 -27.95 17.82
C ASN B 254 -27.99 -26.82 17.06
N VAL B 255 -28.32 -25.57 17.43
CA VAL B 255 -27.80 -24.40 16.75
C VAL B 255 -26.27 -24.28 16.91
N GLN B 256 -25.76 -24.67 18.08
CA GLN B 256 -24.31 -24.71 18.33
C GLN B 256 -23.53 -25.54 17.31
N ALA B 257 -23.99 -26.77 17.06
CA ALA B 257 -23.29 -27.67 16.13
C ALA B 257 -23.36 -27.15 14.69
N MET B 258 -24.46 -26.52 14.32
CA MET B 258 -24.55 -25.90 12.99
C MET B 258 -23.58 -24.74 12.88
N GLU B 259 -23.50 -23.91 13.93
CA GLU B 259 -22.51 -22.85 14.02
C GLU B 259 -21.09 -23.40 13.86
N GLU B 260 -20.81 -24.50 14.57
CA GLU B 260 -19.51 -25.15 14.49
C GLU B 260 -19.22 -25.68 13.09
N MET B 261 -20.25 -26.19 12.42
CA MET B 261 -20.09 -26.68 11.06
C MET B 261 -19.78 -25.54 10.10
N MET B 262 -20.43 -24.39 10.27
CA MET B 262 -20.13 -23.24 9.42
C MET B 262 -18.73 -22.70 9.69
N MET B 263 -18.32 -22.69 10.97
CA MET B 263 -16.98 -22.25 11.32
C MET B 263 -15.93 -23.18 10.73
N GLU B 264 -16.28 -24.47 10.63
CA GLU B 264 -15.37 -25.51 10.07
C GLU B 264 -15.20 -25.27 8.57
N MET B 265 -16.24 -24.74 7.91
CA MET B 265 -16.20 -24.47 6.45
C MET B 265 -15.86 -22.99 6.23
N LYS B 266 -14.81 -22.50 6.91
CA LYS B 266 -14.36 -21.09 6.79
C LYS B 266 -12.93 -20.97 7.32
N TYR B 267 -12.67 -21.56 8.49
CA TYR B 267 -11.35 -21.51 9.09
C TYR B 267 -10.71 -22.88 9.27
N ASN B 268 -11.48 -23.96 9.19
CA ASN B 268 -10.91 -25.30 9.19
C ASN B 268 -10.70 -25.75 7.75
N THR B 269 -11.78 -25.78 6.99
CA THR B 269 -11.73 -25.99 5.56
C THR B 269 -12.07 -24.63 4.97
N LYS B 270 -11.06 -23.96 4.41
CA LYS B 270 -11.22 -22.59 3.93
C LYS B 270 -12.05 -22.59 2.66
N LYS B 271 -13.35 -22.83 2.83
CA LYS B 271 -14.30 -22.92 1.75
C LYS B 271 -15.13 -21.65 1.58
N ALA B 272 -15.35 -20.92 2.66
CA ALA B 272 -16.18 -19.70 2.61
C ALA B 272 -15.37 -18.59 3.24
N PRO B 273 -14.39 -18.01 2.49
CA PRO B 273 -13.44 -17.05 3.05
C PRO B 273 -14.07 -15.79 3.61
N LEU B 274 -14.88 -15.10 2.81
CA LEU B 274 -15.49 -13.89 3.31
C LEU B 274 -16.55 -14.17 4.37
N GLY B 275 -17.26 -15.27 4.23
CA GLY B 275 -18.42 -15.49 5.07
C GLY B 275 -19.46 -16.24 4.26
N LYS B 276 -20.72 -15.93 4.55
CA LYS B 276 -21.83 -16.59 3.88
C LYS B 276 -22.20 -15.82 2.60
N LEU B 277 -23.25 -16.27 1.94
CA LEU B 277 -23.77 -15.66 0.71
C LEU B 277 -25.27 -15.85 0.73
N THR B 278 -25.96 -15.30 -0.26
CA THR B 278 -27.41 -15.47 -0.30
C THR B 278 -27.81 -16.62 -1.19
N VAL B 279 -29.05 -17.08 -0.97
CA VAL B 279 -29.69 -18.07 -1.82
C VAL B 279 -29.65 -17.66 -3.29
N ALA B 280 -29.86 -16.37 -3.56
CA ALA B 280 -29.79 -15.91 -4.94
C ALA B 280 -28.34 -15.90 -5.42
N GLN B 281 -27.40 -15.63 -4.51
CA GLN B 281 -25.99 -15.74 -4.87
C GLN B 281 -25.64 -17.20 -5.14
N ILE B 282 -26.21 -18.12 -4.36
CA ILE B 282 -26.09 -19.54 -4.64
C ILE B 282 -26.64 -19.87 -6.01
N LYS B 283 -27.77 -19.27 -6.37
CA LYS B 283 -28.35 -19.50 -7.68
C LYS B 283 -27.46 -18.93 -8.77
N ALA B 284 -26.87 -17.77 -8.52
CA ALA B 284 -25.92 -17.19 -9.46
C ALA B 284 -24.68 -18.06 -9.57
N GLY B 285 -24.29 -18.66 -8.45
CA GLY B 285 -23.21 -19.61 -8.47
C GLY B 285 -23.53 -20.80 -9.35
N TYR B 286 -24.75 -21.32 -9.22
CA TYR B 286 -25.21 -22.42 -10.06
C TYR B 286 -25.23 -22.02 -11.53
N GLN B 287 -25.72 -20.82 -11.79
CA GLN B 287 -25.74 -20.24 -13.13
C GLN B 287 -24.34 -20.13 -13.73
N SER B 288 -23.40 -19.65 -12.93
CA SER B 288 -22.03 -19.49 -13.42
C SER B 288 -21.39 -20.84 -13.64
N LEU B 289 -21.69 -21.80 -12.76
CA LEU B 289 -21.21 -23.15 -12.93
C LEU B 289 -21.75 -23.78 -14.19
N LYS B 290 -23.01 -23.45 -14.52
CA LYS B 290 -23.59 -23.89 -15.77
C LYS B 290 -22.80 -23.34 -16.94
N LYS B 291 -22.44 -22.06 -16.87
CA LYS B 291 -21.64 -21.45 -17.92
C LYS B 291 -20.27 -22.11 -18.02
N ILE B 292 -19.70 -22.45 -16.88
CA ILE B 292 -18.43 -23.15 -16.84
C ILE B 292 -18.56 -24.52 -17.46
N GLU B 293 -19.68 -25.18 -17.19
CA GLU B 293 -19.96 -26.49 -17.76
C GLU B 293 -20.03 -26.40 -19.28
N ASP B 294 -20.73 -25.40 -19.80
CA ASP B 294 -20.75 -25.14 -21.24
C ASP B 294 -19.35 -24.90 -21.77
N CYS B 295 -18.58 -24.05 -21.07
CA CYS B 295 -17.20 -23.74 -21.44
C CYS B 295 -16.34 -24.99 -21.55
N ILE B 296 -16.32 -25.81 -20.50
CA ILE B 296 -15.45 -26.97 -20.45
C ILE B 296 -15.93 -28.02 -21.44
N ARG B 297 -17.23 -28.06 -21.73
CA ARG B 297 -17.78 -28.91 -22.78
C ARG B 297 -17.19 -28.60 -24.15
N ALA B 298 -16.61 -27.41 -24.35
CA ALA B 298 -15.93 -27.07 -25.58
C ALA B 298 -14.41 -27.22 -25.49
N GLY B 299 -13.89 -27.51 -24.30
CA GLY B 299 -12.50 -27.90 -24.09
C GLY B 299 -11.40 -26.98 -24.55
N GLN B 300 -11.70 -25.71 -24.82
CA GLN B 300 -10.71 -24.77 -25.33
C GLN B 300 -10.11 -23.98 -24.18
N HIS B 301 -8.78 -23.86 -24.17
CA HIS B 301 -8.04 -23.35 -23.02
C HIS B 301 -7.57 -21.91 -23.23
N GLY B 302 -8.39 -21.07 -23.86
CA GLY B 302 -7.96 -19.70 -24.11
C GLY B 302 -8.44 -18.67 -23.11
N ARG B 303 -8.93 -17.53 -23.60
CA ARG B 303 -9.18 -16.38 -22.72
C ARG B 303 -10.52 -16.48 -22.01
N ALA B 304 -11.58 -16.80 -22.77
CA ALA B 304 -12.95 -16.85 -22.24
C ALA B 304 -13.08 -17.83 -21.09
N LEU B 305 -12.34 -18.93 -21.13
CA LEU B 305 -12.33 -19.89 -20.03
C LEU B 305 -11.76 -19.24 -18.78
N MET B 306 -10.68 -18.48 -18.95
CA MET B 306 -10.04 -17.81 -17.82
C MET B 306 -10.96 -16.74 -17.22
N GLU B 307 -11.63 -15.96 -18.08
CA GLU B 307 -12.56 -14.95 -17.58
C GLU B 307 -13.77 -15.59 -16.92
N ALA B 308 -14.24 -16.73 -17.43
CA ALA B 308 -15.34 -17.42 -16.79
C ALA B 308 -14.94 -17.93 -15.41
N CYS B 309 -13.74 -18.47 -15.29
CA CYS B 309 -13.22 -18.85 -13.98
C CYS B 309 -13.09 -17.64 -13.07
N ASN B 310 -12.66 -16.50 -13.62
CA ASN B 310 -12.66 -15.25 -12.87
C ASN B 310 -14.06 -14.90 -12.39
N GLU B 311 -15.06 -15.10 -13.26
CA GLU B 311 -16.45 -14.83 -12.93
C GLU B 311 -16.91 -15.70 -11.78
N PHE B 312 -16.53 -16.97 -11.85
CA PHE B 312 -16.79 -17.93 -10.79
C PHE B 312 -16.15 -17.51 -9.47
N TYR B 313 -14.83 -17.33 -9.49
CA TYR B 313 -14.09 -16.98 -8.27
C TYR B 313 -14.48 -15.63 -7.70
N THR B 314 -14.98 -14.72 -8.52
CA THR B 314 -15.54 -13.48 -7.98
C THR B 314 -16.87 -13.75 -7.30
N ARG B 315 -17.74 -14.53 -7.94
CA ARG B 315 -19.02 -14.79 -7.30
C ARG B 315 -18.86 -15.77 -6.16
N ILE B 316 -17.89 -16.67 -6.25
CA ILE B 316 -17.73 -17.72 -5.24
C ILE B 316 -16.34 -17.59 -4.62
N PRO B 317 -16.27 -17.21 -3.34
CA PRO B 317 -15.00 -16.85 -2.71
C PRO B 317 -14.08 -18.05 -2.43
N HIS B 318 -12.81 -17.89 -2.79
CA HIS B 318 -11.78 -18.89 -2.57
C HIS B 318 -10.57 -18.25 -1.90
N ASP B 319 -9.69 -19.09 -1.35
CA ASP B 319 -8.43 -18.59 -0.76
C ASP B 319 -7.30 -19.47 -1.29
N PHE B 320 -6.42 -18.90 -2.11
CA PHE B 320 -5.40 -19.68 -2.79
C PHE B 320 -3.97 -19.44 -2.32
N GLY B 321 -3.77 -18.69 -1.24
CA GLY B 321 -2.43 -18.28 -0.83
C GLY B 321 -1.63 -17.56 -1.90
N LEU B 322 -0.38 -18.00 -2.13
CA LEU B 322 0.49 -17.26 -3.05
C LEU B 322 0.19 -17.59 -4.50
N ARG B 323 0.03 -18.87 -4.80
CA ARG B 323 -0.01 -19.35 -6.17
C ARG B 323 -1.19 -18.77 -6.92
N THR B 324 -1.04 -18.71 -8.24
CA THR B 324 -2.12 -18.30 -9.11
C THR B 324 -3.29 -19.28 -8.98
N PRO B 325 -4.52 -18.79 -8.86
CA PRO B 325 -5.72 -19.65 -8.86
C PRO B 325 -5.73 -20.60 -10.03
N PRO B 326 -5.89 -21.89 -9.78
CA PRO B 326 -5.72 -22.89 -10.83
C PRO B 326 -6.93 -22.93 -11.74
N LEU B 327 -6.68 -23.41 -12.96
CA LEU B 327 -7.79 -23.59 -13.87
C LEU B 327 -8.59 -24.79 -13.40
N ILE B 328 -9.90 -24.63 -13.33
CA ILE B 328 -10.78 -25.71 -12.93
C ILE B 328 -11.02 -26.49 -14.22
N ARG B 329 -10.35 -27.62 -14.35
CA ARG B 329 -10.22 -28.22 -15.67
C ARG B 329 -10.97 -29.52 -15.84
N THR B 330 -11.24 -30.27 -14.79
CA THR B 330 -11.94 -31.51 -15.00
C THR B 330 -13.30 -31.45 -14.33
N GLN B 331 -14.14 -32.40 -14.71
CA GLN B 331 -15.50 -32.49 -14.19
C GLN B 331 -15.47 -32.88 -12.72
N LYS B 332 -14.44 -33.61 -12.32
CA LYS B 332 -14.26 -33.95 -10.92
C LYS B 332 -14.08 -32.69 -10.09
N GLU B 333 -13.28 -31.74 -10.59
CA GLU B 333 -13.06 -30.51 -9.85
C GLU B 333 -14.32 -29.68 -9.79
N LEU B 334 -15.05 -29.67 -10.91
CA LEU B 334 -16.40 -29.13 -10.98
C LEU B 334 -17.29 -29.74 -9.92
N SER B 335 -17.22 -31.07 -9.78
CA SER B 335 -18.07 -31.77 -8.83
C SER B 335 -17.72 -31.39 -7.41
N GLU B 336 -16.44 -31.16 -7.16
CA GLU B 336 -16.03 -30.68 -5.83
C GLU B 336 -16.65 -29.33 -5.57
N LYS B 337 -16.61 -28.45 -6.58
CA LYS B 337 -17.30 -27.18 -6.50
C LYS B 337 -18.79 -27.37 -6.26
N ILE B 338 -19.36 -28.39 -6.89
CA ILE B 338 -20.77 -28.70 -6.75
C ILE B 338 -21.10 -29.09 -5.31
N GLN B 339 -20.26 -29.94 -4.72
CA GLN B 339 -20.47 -30.38 -3.35
C GLN B 339 -20.35 -29.20 -2.41
N LEU B 340 -19.39 -28.34 -2.67
CA LEU B 340 -19.23 -27.13 -1.90
C LEU B 340 -20.46 -26.24 -1.98
N LEU B 341 -20.93 -25.97 -3.20
CA LEU B 341 -22.03 -25.04 -3.37
C LEU B 341 -23.32 -25.60 -2.80
N GLU B 342 -23.56 -26.89 -2.98
CA GLU B 342 -24.73 -27.50 -2.36
C GLU B 342 -24.61 -27.48 -0.85
N ALA B 343 -23.39 -27.70 -0.34
CA ALA B 343 -23.18 -27.66 1.09
C ALA B 343 -23.47 -26.29 1.64
N LEU B 344 -23.09 -25.25 0.90
CA LEU B 344 -23.42 -23.89 1.28
C LEU B 344 -24.92 -23.64 1.31
N GLY B 345 -25.61 -24.07 0.26
CA GLY B 345 -27.06 -23.93 0.23
C GLY B 345 -27.71 -24.67 1.39
N ASP B 346 -27.16 -25.82 1.72
CA ASP B 346 -27.63 -26.60 2.86
C ASP B 346 -27.39 -25.83 4.14
N ILE B 347 -26.25 -25.15 4.26
CA ILE B 347 -26.00 -24.31 5.42
C ILE B 347 -27.04 -23.23 5.54
N GLU B 348 -27.38 -22.57 4.43
CA GLU B 348 -28.37 -21.50 4.43
C GLU B 348 -29.72 -22.01 4.91
N ILE B 349 -30.17 -23.13 4.35
CA ILE B 349 -31.47 -23.65 4.74
C ILE B 349 -31.45 -24.18 6.17
N ALA B 350 -30.29 -24.70 6.62
CA ALA B 350 -30.20 -25.22 7.98
C ALA B 350 -30.24 -24.10 9.00
N ILE B 351 -29.53 -23.01 8.72
CA ILE B 351 -29.55 -21.90 9.65
C ILE B 351 -30.87 -21.16 9.58
N LYS B 352 -31.52 -21.15 8.42
CA LYS B 352 -32.85 -20.58 8.33
C LYS B 352 -33.86 -21.40 9.13
N LEU B 353 -33.68 -22.72 9.17
CA LEU B 353 -34.67 -23.57 9.83
C LEU B 353 -34.62 -23.44 11.33
N VAL B 354 -33.44 -23.22 11.90
CA VAL B 354 -33.25 -23.27 13.34
C VAL B 354 -33.61 -21.93 13.99
N LYS B 355 -34.27 -21.05 13.23
CA LYS B 355 -34.76 -19.78 13.73
C LYS B 355 -35.71 -20.01 14.90
N THR B 356 -35.45 -19.30 16.00
CA THR B 356 -36.19 -19.49 17.25
C THR B 356 -37.63 -19.01 17.13
N GLU B 357 -38.44 -19.41 18.10
CA GLU B 357 -39.87 -19.16 18.05
C GLU B 357 -40.31 -18.67 19.42
N LEU B 358 -41.32 -17.79 19.45
CA LEU B 358 -41.84 -17.29 20.75
C LEU B 358 -43.07 -18.10 21.14
N GLN B 359 -44.04 -17.45 21.78
CA GLN B 359 -45.30 -18.11 22.19
C GLN B 359 -45.04 -19.38 23.01
N SER B 360 -44.37 -19.25 24.16
CA SER B 360 -44.17 -20.32 25.14
C SER B 360 -43.61 -21.61 24.55
N PRO B 361 -42.35 -21.64 24.10
CA PRO B 361 -41.83 -22.91 23.58
C PRO B 361 -41.21 -23.84 24.61
N GLU B 362 -40.53 -23.28 25.63
CA GLU B 362 -39.88 -23.91 26.79
C GLU B 362 -38.77 -24.92 26.46
N HIS B 363 -38.59 -25.25 25.20
CA HIS B 363 -37.60 -26.18 24.67
C HIS B 363 -37.53 -25.97 23.17
N PRO B 364 -36.64 -25.09 22.68
CA PRO B 364 -36.64 -24.68 21.26
C PRO B 364 -36.54 -25.80 20.21
N LEU B 365 -35.91 -26.93 20.55
CA LEU B 365 -35.88 -28.09 19.69
C LEU B 365 -37.26 -28.66 19.37
N ASP B 366 -38.26 -28.43 20.22
CA ASP B 366 -39.61 -28.89 19.91
C ASP B 366 -40.26 -28.03 18.83
N GLN B 367 -39.99 -26.73 18.84
CA GLN B 367 -40.42 -25.90 17.71
C GLN B 367 -39.64 -26.24 16.46
N HIS B 368 -38.35 -26.58 16.63
CA HIS B 368 -37.59 -27.15 15.53
C HIS B 368 -38.23 -28.42 14.97
N TYR B 369 -38.81 -29.27 15.84
CA TYR B 369 -39.52 -30.46 15.38
C TYR B 369 -40.83 -30.11 14.69
N ARG B 370 -41.56 -29.12 15.23
CA ARG B 370 -42.71 -28.54 14.53
C ARG B 370 -42.31 -28.06 13.13
N ASN B 371 -41.14 -27.43 13.03
CA ASN B 371 -40.59 -27.03 11.76
C ASN B 371 -40.26 -28.24 10.90
N LEU B 372 -39.89 -29.37 11.52
CA LEU B 372 -39.77 -30.62 10.76
C LEU B 372 -41.13 -31.14 10.34
N HIS B 373 -42.08 -31.16 11.29
CA HIS B 373 -43.48 -31.60 11.11
C HIS B 373 -43.59 -32.96 10.43
N CYS B 374 -43.00 -33.98 11.03
CA CYS B 374 -42.87 -35.29 10.39
C CYS B 374 -43.06 -36.37 11.44
N ALA B 375 -43.99 -37.30 11.21
CA ALA B 375 -44.23 -38.33 12.21
C ALA B 375 -43.05 -39.29 12.25
N LEU B 376 -42.48 -39.47 13.44
CA LEU B 376 -41.26 -40.26 13.64
C LEU B 376 -41.46 -41.21 14.82
N ARG B 377 -41.50 -42.49 14.56
CA ARG B 377 -41.87 -43.37 15.65
C ARG B 377 -40.70 -44.24 16.11
N PRO B 378 -40.50 -44.41 17.42
CA PRO B 378 -39.42 -45.31 17.90
C PRO B 378 -39.83 -46.77 17.75
N LEU B 379 -38.87 -47.61 17.34
CA LEU B 379 -39.14 -49.03 17.19
C LEU B 379 -38.44 -49.86 18.27
N ASP B 380 -39.16 -50.88 18.73
CA ASP B 380 -38.65 -51.87 19.67
C ASP B 380 -37.81 -52.93 18.96
N HIS B 381 -36.84 -53.48 19.70
CA HIS B 381 -36.00 -54.56 19.18
C HIS B 381 -36.81 -55.83 18.92
N GLU B 382 -37.91 -56.01 19.63
CA GLU B 382 -38.64 -57.27 19.57
C GLU B 382 -39.53 -57.37 18.35
N SER B 383 -39.70 -56.27 17.62
CA SER B 383 -40.48 -56.30 16.41
C SER B 383 -39.80 -57.11 15.32
N TYR B 384 -40.62 -57.73 14.46
CA TYR B 384 -40.13 -58.36 13.24
C TYR B 384 -39.31 -57.39 12.40
N GLU B 385 -39.77 -56.13 12.32
CA GLU B 385 -39.10 -55.11 11.51
C GLU B 385 -37.68 -54.89 11.98
N PHE B 386 -37.47 -54.79 13.30
CA PHE B 386 -36.15 -54.53 13.86
C PHE B 386 -35.21 -55.70 13.61
N LYS B 387 -35.72 -56.93 13.80
CA LYS B 387 -34.92 -58.12 13.55
C LYS B 387 -34.51 -58.23 12.08
N VAL B 388 -35.45 -58.05 11.17
CA VAL B 388 -35.12 -58.19 9.74
C VAL B 388 -34.19 -57.06 9.28
N ILE B 389 -34.40 -55.84 9.78
CA ILE B 389 -33.51 -54.75 9.40
C ILE B 389 -32.12 -54.92 10.03
N SER B 390 -32.03 -55.46 11.25
CA SER B 390 -30.71 -55.75 11.81
C SER B 390 -30.02 -56.83 11.01
N GLN B 391 -30.77 -57.85 10.58
CA GLN B 391 -30.26 -58.86 9.66
C GLN B 391 -29.76 -58.21 8.38
N TYR B 392 -30.53 -57.25 7.88
CA TYR B 392 -30.21 -56.52 6.68
C TYR B 392 -28.98 -55.66 6.88
N LEU B 393 -28.90 -55.02 8.05
CA LEU B 393 -27.77 -54.23 8.51
C LEU B 393 -26.49 -55.04 8.48
N GLN B 394 -26.54 -56.22 9.07
CA GLN B 394 -25.34 -57.03 9.17
C GLN B 394 -24.99 -57.61 7.82
N SER B 395 -26.01 -58.11 7.09
CA SER B 395 -25.79 -58.70 5.78
C SER B 395 -25.23 -57.69 4.78
N THR B 396 -25.59 -56.42 4.88
CA THR B 396 -25.16 -55.46 3.86
C THR B 396 -24.08 -54.50 4.33
N HIS B 397 -23.33 -54.86 5.37
CA HIS B 397 -22.08 -54.15 5.64
C HIS B 397 -21.04 -54.62 4.64
N ALA B 398 -20.68 -53.74 3.69
CA ALA B 398 -19.63 -54.03 2.73
C ALA B 398 -18.34 -54.39 3.46
N PRO B 399 -17.62 -55.42 3.02
CA PRO B 399 -16.39 -55.81 3.71
C PRO B 399 -15.23 -54.88 3.45
N THR B 400 -15.29 -54.05 2.41
CA THR B 400 -14.21 -53.09 2.16
C THR B 400 -14.42 -51.79 2.91
N HIS B 401 -15.34 -51.78 3.87
CA HIS B 401 -15.57 -50.65 4.75
C HIS B 401 -15.30 -51.18 6.15
N SER B 402 -14.15 -51.86 6.28
CA SER B 402 -13.81 -52.70 7.41
C SER B 402 -13.12 -51.93 8.53
N ASP B 403 -12.95 -50.62 8.37
CA ASP B 403 -12.50 -49.78 9.46
C ASP B 403 -13.55 -49.63 10.54
N TYR B 404 -14.79 -50.05 10.27
CA TYR B 404 -15.91 -49.96 11.18
C TYR B 404 -16.88 -51.08 10.87
N THR B 405 -17.73 -51.35 11.84
CA THR B 405 -18.97 -52.08 11.66
C THR B 405 -20.12 -51.11 11.91
N MET B 406 -21.33 -51.62 11.82
CA MET B 406 -22.51 -50.80 12.07
C MET B 406 -23.46 -51.54 13.00
N THR B 407 -23.90 -50.83 14.04
CA THR B 407 -24.87 -51.37 14.99
C THR B 407 -26.15 -50.55 14.96
N LEU B 408 -27.28 -51.24 14.99
CA LEU B 408 -28.58 -50.59 15.01
C LEU B 408 -28.93 -50.19 16.43
N LEU B 409 -28.85 -48.90 16.74
CA LEU B 409 -29.33 -48.51 18.07
C LEU B 409 -30.84 -48.33 18.05
N ASP B 410 -31.37 -47.72 16.99
CA ASP B 410 -32.80 -47.44 16.93
C ASP B 410 -33.21 -47.32 15.47
N LEU B 411 -34.50 -47.46 15.23
CA LEU B 411 -35.05 -47.34 13.90
C LEU B 411 -36.30 -46.49 14.06
N PHE B 412 -36.43 -45.46 13.24
CA PHE B 412 -37.49 -44.50 13.45
C PHE B 412 -38.39 -44.51 12.24
N GLU B 413 -39.69 -44.57 12.49
CA GLU B 413 -40.65 -44.60 11.40
C GLU B 413 -40.88 -43.20 10.89
N VAL B 414 -40.91 -43.09 9.57
CA VAL B 414 -40.94 -41.82 8.87
C VAL B 414 -42.29 -41.69 8.20
N GLU B 415 -42.97 -40.58 8.44
CA GLU B 415 -44.23 -40.27 7.78
C GLU B 415 -44.20 -38.80 7.41
N LYS B 416 -43.87 -38.55 6.15
CA LYS B 416 -43.81 -37.23 5.54
C LYS B 416 -45.15 -37.02 4.85
N ASP B 417 -45.83 -35.94 5.18
CA ASP B 417 -47.18 -35.69 4.70
C ASP B 417 -47.22 -35.46 3.20
N GLY B 418 -48.28 -35.96 2.57
CA GLY B 418 -48.55 -35.75 1.17
C GLY B 418 -47.91 -36.72 0.19
N GLU B 419 -46.87 -37.45 0.61
CA GLU B 419 -46.17 -38.34 -0.32
C GLU B 419 -46.99 -39.56 -0.69
N LYS B 420 -47.89 -40.00 0.21
CA LYS B 420 -48.67 -41.22 0.05
C LYS B 420 -49.45 -41.26 -1.27
N GLU B 421 -50.25 -40.23 -1.53
CA GLU B 421 -50.91 -40.13 -2.83
C GLU B 421 -49.91 -39.84 -3.93
N ALA B 422 -48.85 -39.10 -3.61
CA ALA B 422 -47.92 -38.64 -4.61
C ALA B 422 -46.92 -39.72 -4.98
N PHE B 423 -46.76 -40.71 -4.12
CA PHE B 423 -45.84 -41.80 -4.40
C PHE B 423 -46.29 -42.57 -5.63
N ARG B 424 -45.34 -42.90 -6.49
CA ARG B 424 -45.62 -43.70 -7.68
C ARG B 424 -45.70 -45.18 -7.30
N GLU B 425 -46.76 -45.51 -6.54
CA GLU B 425 -47.05 -46.89 -6.16
C GLU B 425 -47.39 -47.72 -7.38
N ASP B 426 -47.84 -47.06 -8.45
CA ASP B 426 -48.18 -47.72 -9.70
C ASP B 426 -46.99 -48.42 -10.34
N LEU B 427 -45.78 -47.94 -10.07
CA LEU B 427 -44.60 -48.46 -10.72
C LEU B 427 -44.13 -49.71 -10.00
N HIS B 428 -43.70 -50.72 -10.77
CA HIS B 428 -43.19 -51.94 -10.16
C HIS B 428 -41.74 -51.73 -9.74
N ASN B 429 -41.07 -52.83 -9.37
CA ASN B 429 -39.65 -52.85 -8.99
C ASN B 429 -39.42 -51.97 -7.75
N ARG B 430 -40.18 -52.26 -6.72
CA ARG B 430 -40.21 -51.47 -5.51
C ARG B 430 -39.15 -52.02 -4.59
N MET B 431 -38.16 -51.21 -4.23
CA MET B 431 -37.17 -51.71 -3.29
C MET B 431 -36.87 -50.66 -2.24
N LEU B 432 -36.35 -51.16 -1.12
CA LEU B 432 -36.03 -50.35 0.04
C LEU B 432 -34.55 -50.01 -0.05
N LEU B 433 -34.24 -48.72 -0.13
CA LEU B 433 -32.92 -48.29 -0.51
C LEU B 433 -32.37 -47.31 0.50
N TRP B 434 -31.05 -47.33 0.61
CA TRP B 434 -30.43 -46.51 1.62
C TRP B 434 -30.25 -45.10 1.12
N HIS B 435 -30.13 -44.19 2.08
CA HIS B 435 -29.60 -42.88 1.78
C HIS B 435 -28.97 -42.38 3.07
N GLY B 436 -27.66 -42.15 3.00
CA GLY B 436 -26.91 -41.67 4.14
C GLY B 436 -26.50 -40.24 3.86
N SER B 437 -26.33 -39.48 4.93
CA SER B 437 -26.00 -38.07 4.85
C SER B 437 -25.51 -37.65 6.22
N ARG B 438 -24.83 -36.51 6.26
CA ARG B 438 -24.13 -36.03 7.45
C ARG B 438 -25.08 -35.81 8.61
N MET B 439 -24.51 -35.88 9.82
CA MET B 439 -25.21 -35.72 11.09
C MET B 439 -26.11 -34.49 11.14
N SER B 440 -25.70 -33.42 10.46
CA SER B 440 -26.37 -32.14 10.58
C SER B 440 -27.51 -31.95 9.59
N ASN B 441 -27.37 -32.38 8.33
CA ASN B 441 -28.30 -31.96 7.29
C ASN B 441 -29.67 -32.62 7.33
N TRP B 442 -29.85 -33.64 8.18
CA TRP B 442 -31.10 -34.39 8.22
C TRP B 442 -32.26 -33.50 8.61
N VAL B 443 -31.98 -32.46 9.42
CA VAL B 443 -32.98 -31.48 9.85
C VAL B 443 -33.66 -30.81 8.65
N GLY B 444 -32.92 -30.60 7.55
CA GLY B 444 -33.56 -30.09 6.36
C GLY B 444 -34.43 -31.16 5.74
N ILE B 445 -33.88 -32.37 5.65
CA ILE B 445 -34.52 -33.50 5.00
C ILE B 445 -35.78 -33.89 5.76
N LEU B 446 -35.69 -33.96 7.10
CA LEU B 446 -36.85 -34.32 7.91
C LEU B 446 -37.91 -33.24 7.85
N SER B 447 -37.55 -32.02 7.50
CA SER B 447 -38.57 -31.04 7.26
C SER B 447 -39.04 -31.08 5.80
N HIS B 448 -38.13 -31.40 4.89
CA HIS B 448 -38.40 -31.17 3.49
C HIS B 448 -38.18 -32.34 2.55
N GLY B 449 -37.64 -33.46 3.01
CA GLY B 449 -37.32 -34.54 2.08
C GLY B 449 -36.10 -34.32 1.24
N LEU B 450 -35.76 -35.32 0.43
CA LEU B 450 -34.62 -35.27 -0.45
C LEU B 450 -34.97 -34.55 -1.76
N ARG B 451 -34.01 -33.81 -2.30
CA ARG B 451 -34.21 -33.08 -3.54
C ARG B 451 -33.23 -33.49 -4.62
N ILE B 452 -33.63 -33.29 -5.87
CA ILE B 452 -32.78 -33.64 -7.04
C ILE B 452 -31.85 -32.46 -7.34
N ALA B 453 -30.84 -32.68 -8.19
CA ALA B 453 -29.87 -31.62 -8.56
C ALA B 453 -30.63 -30.38 -9.03
N PRO B 454 -30.32 -29.17 -8.51
CA PRO B 454 -31.01 -27.93 -8.91
C PRO B 454 -30.95 -27.72 -10.43
N PRO B 455 -32.06 -27.27 -11.07
CA PRO B 455 -32.09 -27.04 -12.53
C PRO B 455 -30.92 -26.16 -12.99
N GLU B 456 -30.67 -25.06 -12.28
CA GLU B 456 -29.56 -24.13 -12.62
C GLU B 456 -28.22 -24.89 -12.55
N ALA B 457 -28.04 -25.71 -11.50
CA ALA B 457 -26.81 -26.50 -11.32
C ALA B 457 -26.57 -27.36 -12.56
N PRO B 458 -25.35 -27.37 -13.15
CA PRO B 458 -25.07 -28.18 -14.34
C PRO B 458 -25.37 -29.67 -14.13
N ILE B 459 -25.91 -30.31 -15.17
CA ILE B 459 -26.25 -31.73 -15.12
C ILE B 459 -24.99 -32.58 -15.25
N THR B 460 -23.96 -32.08 -15.95
CA THR B 460 -22.81 -32.91 -16.31
C THR B 460 -21.86 -33.20 -15.16
N GLY B 461 -22.06 -32.59 -14.00
CA GLY B 461 -21.21 -32.91 -12.86
C GLY B 461 -21.56 -34.23 -12.20
N TYR B 462 -22.78 -34.69 -12.35
CA TYR B 462 -23.27 -35.88 -11.67
C TYR B 462 -23.12 -37.09 -12.58
N MET B 463 -22.18 -37.97 -12.19
CA MET B 463 -21.74 -39.14 -12.96
C MET B 463 -22.85 -40.05 -13.48
N PHE B 464 -24.03 -40.05 -12.88
CA PHE B 464 -25.14 -40.76 -13.50
C PHE B 464 -26.31 -39.81 -13.67
N GLY B 465 -26.02 -38.54 -13.83
CA GLY B 465 -27.05 -37.57 -14.11
C GLY B 465 -27.63 -37.09 -12.81
N LYS B 466 -28.60 -36.20 -12.93
CA LYS B 466 -29.17 -35.62 -11.74
C LYS B 466 -30.22 -36.57 -11.16
N GLY B 467 -30.98 -36.08 -10.20
CA GLY B 467 -31.97 -36.85 -9.53
C GLY B 467 -31.58 -37.10 -8.09
N ILE B 468 -32.22 -38.08 -7.50
CA ILE B 468 -31.95 -38.48 -6.13
C ILE B 468 -31.27 -39.84 -6.15
N TYR B 469 -30.28 -40.00 -5.30
CA TYR B 469 -29.32 -41.11 -5.34
C TYR B 469 -29.58 -42.04 -4.17
N PHE B 470 -29.62 -43.34 -4.43
CA PHE B 470 -29.83 -44.31 -3.37
C PHE B 470 -28.91 -45.51 -3.57
N ALA B 471 -28.54 -46.14 -2.46
CA ALA B 471 -27.72 -47.33 -2.51
C ALA B 471 -28.52 -48.54 -2.07
N ASP B 472 -28.01 -49.70 -2.45
CA ASP B 472 -28.52 -50.98 -1.98
C ASP B 472 -27.58 -51.69 -1.01
N MET B 473 -26.40 -51.11 -0.74
CA MET B 473 -25.52 -51.59 0.31
C MET B 473 -25.46 -50.50 1.37
N SER B 474 -25.79 -50.86 2.61
CA SER B 474 -25.95 -49.90 3.70
C SER B 474 -24.67 -49.10 3.95
N SER B 475 -23.52 -49.76 3.83
CA SER B 475 -22.25 -49.15 4.22
C SER B 475 -21.78 -48.06 3.24
N LYS B 476 -22.08 -48.21 1.94
CA LYS B 476 -21.63 -47.23 0.95
C LYS B 476 -22.31 -45.88 1.14
N SER B 477 -23.65 -45.89 1.17
CA SER B 477 -24.38 -44.66 1.48
C SER B 477 -24.12 -44.21 2.90
N ALA B 478 -23.97 -45.17 3.83
CA ALA B 478 -23.63 -44.89 5.22
C ALA B 478 -22.29 -44.17 5.36
N ASN B 479 -21.42 -44.27 4.33
CA ASN B 479 -20.19 -43.49 4.33
C ASN B 479 -20.48 -41.99 4.33
N TYR B 480 -21.63 -41.57 3.79
CA TYR B 480 -21.96 -40.15 3.69
C TYR B 480 -22.47 -39.59 5.01
N CYS B 481 -22.47 -40.36 6.08
CA CYS B 481 -22.94 -39.88 7.36
C CYS B 481 -21.90 -39.07 8.11
N PHE B 482 -20.63 -39.21 7.73
CA PHE B 482 -19.48 -38.53 8.35
C PHE B 482 -19.41 -38.76 9.86
N ALA B 483 -19.67 -39.99 10.28
CA ALA B 483 -19.51 -40.34 11.69
C ALA B 483 -18.04 -40.34 12.08
N SER B 484 -17.81 -40.32 13.38
CA SER B 484 -16.47 -40.16 13.93
C SER B 484 -16.30 -41.11 15.10
N ARG B 485 -15.05 -41.25 15.55
CA ARG B 485 -14.79 -42.08 16.71
C ARG B 485 -15.32 -41.43 17.98
N LEU B 486 -15.14 -40.12 18.12
CA LEU B 486 -15.67 -39.42 19.28
C LEU B 486 -17.18 -39.28 19.18
N LYS B 487 -17.70 -39.05 17.98
CA LYS B 487 -19.13 -38.87 17.76
C LYS B 487 -19.61 -40.10 17.01
N ASN B 488 -20.00 -41.13 17.76
CA ASN B 488 -20.31 -42.45 17.22
C ASN B 488 -21.77 -42.61 16.79
N THR B 489 -22.57 -41.56 16.85
CA THR B 489 -24.00 -41.66 16.53
C THR B 489 -24.23 -41.14 15.12
N GLY B 490 -24.81 -41.98 14.26
CA GLY B 490 -25.16 -41.56 12.92
C GLY B 490 -26.55 -42.04 12.52
N LEU B 491 -27.07 -41.44 11.45
CA LEU B 491 -28.38 -41.78 10.93
C LEU B 491 -28.27 -42.33 9.51
N LEU B 492 -29.06 -43.36 9.23
CA LEU B 492 -29.29 -43.86 7.88
C LEU B 492 -30.77 -43.78 7.57
N LEU B 493 -31.11 -43.40 6.35
CA LEU B 493 -32.50 -43.43 5.92
C LEU B 493 -32.72 -44.58 4.98
N LEU B 494 -33.83 -45.28 5.14
CA LEU B 494 -34.32 -46.17 4.11
C LEU B 494 -35.55 -45.55 3.46
N SER B 495 -35.61 -45.65 2.14
CA SER B 495 -36.72 -45.15 1.37
C SER B 495 -37.26 -46.25 0.48
N GLU B 496 -38.57 -46.34 0.37
CA GLU B 496 -39.14 -47.23 -0.64
C GLU B 496 -39.23 -46.47 -1.95
N VAL B 497 -38.54 -47.00 -2.97
CA VAL B 497 -38.47 -46.41 -4.30
C VAL B 497 -38.98 -47.45 -5.29
N ALA B 498 -40.05 -47.11 -6.00
CA ALA B 498 -40.62 -47.95 -7.05
C ALA B 498 -39.86 -47.63 -8.34
N LEU B 499 -38.86 -48.46 -8.63
CA LEU B 499 -37.99 -48.17 -9.76
C LEU B 499 -38.66 -48.37 -11.12
N GLY B 500 -39.67 -49.23 -11.20
CA GLY B 500 -40.25 -49.53 -12.50
C GLY B 500 -39.22 -50.19 -13.42
N GLN B 501 -39.28 -49.85 -14.68
CA GLN B 501 -38.29 -50.37 -15.61
C GLN B 501 -37.01 -49.59 -15.38
N CYS B 502 -35.96 -50.31 -15.01
CA CYS B 502 -34.66 -49.71 -14.78
C CYS B 502 -33.87 -49.65 -16.08
N ASN B 503 -33.12 -48.58 -16.26
CA ASN B 503 -32.10 -48.55 -17.30
C ASN B 503 -30.77 -49.02 -16.70
N GLU B 504 -30.16 -50.00 -17.35
CA GLU B 504 -28.96 -50.63 -16.83
C GLU B 504 -27.74 -49.86 -17.33
N LEU B 505 -26.86 -49.48 -16.41
CA LEU B 505 -25.74 -48.62 -16.70
C LEU B 505 -24.43 -49.28 -16.27
N LEU B 506 -23.50 -49.38 -17.21
CA LEU B 506 -22.18 -49.95 -17.01
C LEU B 506 -21.20 -48.90 -16.47
N GLU B 507 -21.24 -47.72 -17.06
CA GLU B 507 -20.27 -46.65 -16.83
C GLU B 507 -20.99 -45.37 -16.46
N ALA B 508 -20.28 -44.50 -15.73
CA ALA B 508 -20.75 -43.15 -15.43
C ALA B 508 -21.19 -42.41 -16.69
N ASN B 509 -22.40 -41.85 -16.65
CA ASN B 509 -22.89 -40.99 -17.74
C ASN B 509 -23.91 -40.00 -17.21
N PRO B 510 -23.56 -38.73 -17.13
CA PRO B 510 -24.50 -37.68 -16.73
C PRO B 510 -25.74 -37.54 -17.62
N LYS B 511 -25.73 -38.16 -18.79
CA LYS B 511 -26.82 -38.06 -19.75
C LYS B 511 -27.84 -39.18 -19.54
N ALA B 512 -27.81 -39.81 -18.37
CA ALA B 512 -28.71 -40.89 -18.00
C ALA B 512 -30.20 -40.54 -18.16
N GLU B 513 -30.54 -39.26 -18.06
CA GLU B 513 -31.94 -38.85 -18.07
C GLU B 513 -32.56 -39.01 -19.44
N GLY B 514 -31.77 -38.80 -20.50
CA GLY B 514 -32.28 -38.93 -21.86
C GLY B 514 -32.49 -40.36 -22.32
N LEU B 515 -31.73 -41.30 -21.77
CA LEU B 515 -31.76 -42.70 -22.23
C LEU B 515 -33.00 -43.46 -21.75
N LEU B 516 -33.88 -42.83 -20.97
CA LEU B 516 -35.07 -43.51 -20.44
C LEU B 516 -36.01 -43.94 -21.55
N GLN B 517 -36.46 -42.98 -22.36
CA GLN B 517 -37.54 -43.08 -23.32
C GLN B 517 -38.75 -43.76 -22.68
N GLY B 518 -39.37 -43.08 -21.71
CA GLY B 518 -40.51 -43.60 -21.01
C GLY B 518 -40.19 -44.22 -19.67
N LYS B 519 -38.94 -44.63 -19.48
CA LYS B 519 -38.51 -45.28 -18.26
C LYS B 519 -38.52 -44.32 -17.08
N HIS B 520 -38.37 -44.88 -15.89
CA HIS B 520 -38.55 -44.11 -14.69
C HIS B 520 -37.40 -44.17 -13.70
N SER B 521 -36.40 -45.03 -13.90
CA SER B 521 -35.27 -45.10 -12.99
C SER B 521 -34.12 -45.77 -13.67
N THR B 522 -32.91 -45.50 -13.17
CA THR B 522 -31.71 -46.14 -13.69
C THR B 522 -30.99 -46.90 -12.58
N LYS B 523 -30.42 -48.03 -12.94
CA LYS B 523 -29.55 -48.81 -12.08
C LYS B 523 -28.15 -48.77 -12.69
N GLY B 524 -27.16 -48.35 -11.90
CA GLY B 524 -25.78 -48.38 -12.32
C GLY B 524 -25.16 -49.67 -11.83
N LEU B 525 -24.66 -50.47 -12.76
CA LEU B 525 -24.40 -51.89 -12.56
C LEU B 525 -23.01 -52.14 -12.00
N GLY B 526 -22.97 -52.49 -10.72
CA GLY B 526 -21.74 -52.83 -10.05
C GLY B 526 -21.38 -54.30 -10.09
N LYS B 527 -20.09 -54.55 -9.90
CA LYS B 527 -19.57 -55.92 -9.83
C LYS B 527 -20.22 -56.72 -8.70
N MET B 528 -20.35 -56.11 -7.53
CA MET B 528 -20.81 -56.78 -6.33
C MET B 528 -22.14 -56.20 -5.85
N ALA B 529 -23.07 -57.07 -5.44
CA ALA B 529 -24.43 -56.74 -5.01
C ALA B 529 -25.14 -57.98 -4.51
N PRO B 530 -26.10 -57.86 -3.58
CA PRO B 530 -26.86 -59.03 -3.16
C PRO B 530 -27.73 -59.61 -4.26
N SER B 531 -27.99 -60.91 -4.17
CA SER B 531 -28.64 -61.67 -5.23
C SER B 531 -30.12 -61.85 -4.95
N SER B 532 -30.92 -61.74 -6.02
CA SER B 532 -32.38 -61.74 -5.93
C SER B 532 -32.96 -62.98 -5.30
N ALA B 533 -32.21 -64.10 -5.31
CA ALA B 533 -32.64 -65.30 -4.62
C ALA B 533 -32.67 -65.10 -3.11
N HIS B 534 -31.83 -64.22 -2.59
CA HIS B 534 -31.69 -64.03 -1.15
C HIS B 534 -32.62 -62.96 -0.61
N PHE B 535 -33.49 -62.41 -1.46
CA PHE B 535 -34.30 -61.26 -1.10
C PHE B 535 -35.44 -61.66 -0.18
N VAL B 536 -35.85 -60.72 0.68
CA VAL B 536 -36.99 -60.92 1.57
C VAL B 536 -38.04 -59.85 1.27
N THR B 537 -39.10 -59.78 2.07
CA THR B 537 -40.19 -58.83 1.85
C THR B 537 -40.54 -58.07 3.12
N LEU B 538 -40.96 -56.81 2.98
CA LEU B 538 -41.43 -56.02 4.12
C LEU B 538 -42.53 -55.06 3.66
N ASN B 539 -43.76 -55.27 4.18
CA ASN B 539 -44.92 -54.41 3.96
C ASN B 539 -45.23 -54.21 2.47
N GLY B 540 -45.15 -55.30 1.70
CA GLY B 540 -45.38 -55.25 0.28
C GLY B 540 -44.27 -54.64 -0.54
N SER B 541 -43.14 -54.31 0.08
CA SER B 541 -41.96 -53.91 -0.68
C SER B 541 -41.00 -55.08 -0.78
N THR B 542 -40.38 -55.20 -1.96
CA THR B 542 -39.34 -56.21 -2.15
C THR B 542 -38.09 -55.69 -1.47
N VAL B 543 -37.52 -56.47 -0.57
CA VAL B 543 -36.39 -56.05 0.25
C VAL B 543 -35.14 -56.78 -0.24
N PRO B 544 -34.20 -56.08 -0.83
CA PRO B 544 -33.01 -56.75 -1.36
C PRO B 544 -31.98 -57.04 -0.27
N LEU B 545 -32.28 -58.08 0.51
CA LEU B 545 -31.45 -58.49 1.63
C LEU B 545 -30.08 -58.97 1.14
N GLY B 546 -29.06 -58.77 1.97
CA GLY B 546 -27.73 -59.18 1.60
C GLY B 546 -27.40 -60.59 2.03
N PRO B 547 -26.10 -60.95 2.03
CA PRO B 547 -24.90 -60.19 1.65
C PRO B 547 -24.70 -59.96 0.15
N ALA B 548 -23.80 -59.03 -0.17
CA ALA B 548 -23.42 -58.77 -1.55
C ALA B 548 -22.71 -59.95 -2.17
N SER B 549 -22.94 -60.14 -3.47
CA SER B 549 -22.35 -61.24 -4.22
C SER B 549 -22.03 -60.75 -5.62
N ASP B 550 -21.37 -61.62 -6.40
CA ASP B 550 -20.96 -61.24 -7.74
C ASP B 550 -22.18 -61.06 -8.65
N THR B 551 -22.11 -60.06 -9.51
CA THR B 551 -23.21 -59.77 -10.38
C THR B 551 -22.93 -60.17 -11.81
N GLY B 552 -21.71 -60.58 -12.11
CA GLY B 552 -21.35 -61.02 -13.45
C GLY B 552 -21.49 -60.00 -14.55
N ILE B 553 -21.54 -58.70 -14.22
CA ILE B 553 -21.50 -57.68 -15.26
C ILE B 553 -20.05 -57.28 -15.50
N LEU B 554 -19.67 -57.20 -16.77
CA LEU B 554 -18.31 -56.87 -17.15
C LEU B 554 -18.43 -55.93 -18.34
N ASN B 555 -17.34 -55.22 -18.61
CA ASN B 555 -17.33 -54.21 -19.66
C ASN B 555 -16.10 -54.38 -20.53
N PRO B 556 -16.24 -54.81 -21.78
CA PRO B 556 -15.09 -54.86 -22.70
C PRO B 556 -14.81 -53.55 -23.41
N ASP B 557 -15.41 -52.46 -22.94
CA ASP B 557 -15.23 -51.14 -23.50
C ASP B 557 -14.68 -50.14 -22.49
N GLY B 558 -15.13 -50.22 -21.25
CA GLY B 558 -14.65 -49.36 -20.18
C GLY B 558 -14.58 -50.15 -18.89
N TYR B 559 -14.65 -49.50 -17.72
CA TYR B 559 -14.57 -50.25 -16.48
C TYR B 559 -15.96 -50.72 -16.04
N THR B 560 -15.98 -51.41 -14.90
CA THR B 560 -17.21 -51.84 -14.27
C THR B 560 -17.23 -51.32 -12.85
N LEU B 561 -18.38 -50.81 -12.46
CA LEU B 561 -18.59 -50.31 -11.12
C LEU B 561 -18.42 -51.41 -10.09
N ASN B 562 -17.93 -51.03 -8.91
CA ASN B 562 -17.74 -52.01 -7.83
C ASN B 562 -19.08 -52.49 -7.28
N TYR B 563 -20.03 -51.58 -7.07
CA TYR B 563 -21.31 -51.92 -6.47
C TYR B 563 -22.44 -51.18 -7.20
N ASN B 564 -23.61 -51.81 -7.21
CA ASN B 564 -24.80 -51.26 -7.86
C ASN B 564 -25.23 -49.99 -7.14
N GLU B 565 -25.93 -49.14 -7.89
CA GLU B 565 -26.55 -47.97 -7.30
C GLU B 565 -27.81 -47.64 -8.08
N TYR B 566 -28.75 -46.99 -7.42
CA TYR B 566 -30.04 -46.72 -8.04
C TYR B 566 -30.27 -45.22 -8.05
N ILE B 567 -30.73 -44.71 -9.19
CA ILE B 567 -30.93 -43.28 -9.39
C ILE B 567 -32.38 -43.09 -9.81
N VAL B 568 -33.06 -42.16 -9.14
CA VAL B 568 -34.44 -41.84 -9.45
C VAL B 568 -34.49 -40.36 -9.83
N TYR B 569 -35.57 -39.96 -10.50
CA TYR B 569 -35.62 -38.59 -10.98
C TYR B 569 -36.74 -37.80 -10.34
N ASN B 570 -37.97 -38.27 -10.43
CA ASN B 570 -39.07 -37.62 -9.77
C ASN B 570 -38.94 -37.80 -8.26
N PRO B 571 -38.96 -36.73 -7.48
CA PRO B 571 -38.91 -36.88 -6.01
C PRO B 571 -40.11 -37.60 -5.46
N ASN B 572 -41.26 -37.46 -6.13
CA ASN B 572 -42.45 -38.19 -5.76
C ASN B 572 -42.36 -39.69 -6.04
N GLN B 573 -41.29 -40.16 -6.67
CA GLN B 573 -41.11 -41.59 -6.84
C GLN B 573 -40.39 -42.22 -5.65
N VAL B 574 -40.24 -41.48 -4.57
CA VAL B 574 -39.56 -41.91 -3.36
C VAL B 574 -40.50 -41.67 -2.18
N ARG B 575 -40.52 -42.62 -1.24
CA ARG B 575 -41.34 -42.50 0.00
C ARG B 575 -40.47 -42.92 1.21
N MET B 576 -39.78 -41.96 1.84
CA MET B 576 -38.94 -42.25 3.04
C MET B 576 -39.81 -43.00 4.06
N ARG B 577 -39.31 -44.10 4.63
CA ARG B 577 -40.24 -44.85 5.47
C ARG B 577 -39.66 -45.16 6.84
N TYR B 578 -38.39 -45.48 6.92
CA TYR B 578 -37.78 -45.61 8.23
C TYR B 578 -36.43 -44.91 8.24
N LEU B 579 -36.12 -44.34 9.40
CA LEU B 579 -34.84 -43.70 9.66
C LEU B 579 -34.08 -44.57 10.64
N LEU B 580 -32.83 -44.88 10.32
CA LEU B 580 -32.06 -45.84 11.06
C LEU B 580 -31.11 -45.07 11.95
N LYS B 581 -31.13 -45.36 13.24
CA LYS B 581 -30.14 -44.81 14.14
C LYS B 581 -29.00 -45.80 14.15
N VAL B 582 -27.84 -45.35 13.69
CA VAL B 582 -26.74 -46.24 13.37
C VAL B 582 -25.55 -45.79 14.20
N GLN B 583 -25.09 -46.66 15.07
CA GLN B 583 -23.84 -46.41 15.77
C GLN B 583 -22.76 -46.99 14.88
N PHE B 584 -21.99 -46.10 14.29
CA PHE B 584 -20.86 -46.48 13.47
C PHE B 584 -19.74 -46.84 14.43
N ASN B 585 -19.32 -48.09 14.41
CA ASN B 585 -18.40 -48.58 15.42
C ASN B 585 -17.05 -48.83 14.77
N PHE B 586 -16.12 -47.93 15.02
CA PHE B 586 -14.77 -48.05 14.52
C PHE B 586 -13.93 -48.86 15.51
N LEU B 587 -12.70 -49.14 15.11
CA LEU B 587 -11.89 -50.10 15.84
C LEU B 587 -10.53 -49.51 16.23
N GLN B 588 -9.62 -50.40 16.64
CA GLN B 588 -8.24 -50.06 17.02
C GLN B 588 -7.56 -49.13 16.01
N LEU B 589 -6.66 -48.27 16.52
CA LEU B 589 -6.16 -47.18 15.73
C LEU B 589 -4.68 -47.27 15.36
N TRP B 590 -3.92 -48.21 15.93
CA TRP B 590 -2.53 -48.40 15.54
C TRP B 590 -2.02 -49.82 15.65
N LEU C 47 16.82 54.40 -47.08
CA LEU C 47 15.86 55.20 -46.30
C LEU C 47 15.59 54.52 -44.96
N ARG C 48 16.35 53.45 -44.68
CA ARG C 48 16.19 52.71 -43.44
C ARG C 48 16.67 53.53 -42.25
N LYS C 49 17.59 54.47 -42.51
CA LYS C 49 18.20 55.25 -41.44
C LYS C 49 17.19 56.11 -40.72
N GLU C 50 16.26 56.73 -41.44
CA GLU C 50 15.23 57.53 -40.79
C GLU C 50 14.23 56.67 -40.06
N VAL C 51 13.95 55.49 -40.60
CA VAL C 51 13.09 54.51 -39.91
C VAL C 51 13.69 54.15 -38.57
N GLU C 52 14.95 53.78 -38.58
CA GLU C 52 15.62 53.35 -37.36
C GLU C 52 15.93 54.52 -36.44
N ASN C 53 16.00 55.75 -36.99
CA ASN C 53 16.11 56.92 -36.12
C ASN C 53 14.78 57.19 -35.43
N HIS C 54 13.68 56.90 -36.11
CA HIS C 54 12.37 56.99 -35.48
C HIS C 54 12.24 55.91 -34.42
N TYR C 55 12.75 54.72 -34.73
CA TYR C 55 12.65 53.54 -33.87
C TYR C 55 13.72 53.43 -32.79
N LYS C 56 14.86 54.12 -32.95
CA LYS C 56 16.00 54.06 -32.01
C LYS C 56 16.55 52.64 -31.85
N LEU C 57 16.35 51.80 -32.85
CA LEU C 57 16.80 50.41 -32.82
C LEU C 57 17.38 50.03 -34.16
N SER C 58 18.27 49.04 -34.13
CA SER C 58 18.85 48.51 -35.35
C SER C 58 18.03 47.33 -35.86
N LEU C 59 17.80 47.30 -37.18
CA LEU C 59 17.07 46.28 -37.90
C LEU C 59 18.01 45.45 -38.77
N PRO C 60 17.79 44.14 -38.87
CA PRO C 60 18.61 43.33 -39.76
C PRO C 60 18.28 43.63 -41.21
N GLU C 61 19.12 43.12 -42.09
CA GLU C 61 19.06 43.44 -43.51
C GLU C 61 17.77 43.02 -44.21
N GLY C 87 -4.47 38.36 -47.63
CA GLY C 87 -5.30 38.91 -46.58
C GLY C 87 -4.51 39.47 -45.41
N LEU C 88 -3.26 39.81 -45.65
CA LEU C 88 -2.39 40.36 -44.63
C LEU C 88 -2.08 41.82 -44.91
N GLN C 89 -1.75 42.55 -43.85
CA GLN C 89 -1.34 43.95 -43.95
C GLN C 89 -0.07 44.10 -43.14
N LEU C 90 0.94 44.70 -43.77
CA LEU C 90 2.22 44.97 -43.13
C LEU C 90 2.14 46.27 -42.34
N VAL C 91 2.59 46.25 -41.08
CA VAL C 91 2.46 47.38 -40.19
C VAL C 91 3.84 47.67 -39.58
N GLY C 92 3.89 48.69 -38.74
CA GLY C 92 5.09 49.03 -38.02
C GLY C 92 6.15 49.78 -38.83
N PRO C 93 7.39 49.27 -38.81
CA PRO C 93 8.48 49.97 -39.51
C PRO C 93 8.36 50.00 -41.02
N TYR C 94 7.72 48.99 -41.64
CA TYR C 94 7.40 49.03 -43.06
C TYR C 94 6.45 50.19 -43.37
N ASP C 95 5.64 50.60 -42.38
CA ASP C 95 4.81 51.80 -42.50
C ASP C 95 5.65 53.03 -42.84
N ILE C 96 6.85 53.11 -42.26
CA ILE C 96 7.73 54.19 -42.66
C ILE C 96 8.26 53.92 -44.07
N LEU C 97 8.57 52.64 -44.35
CA LEU C 97 8.88 52.24 -45.72
C LEU C 97 7.70 52.57 -46.64
N ALA C 98 6.48 52.40 -46.13
CA ALA C 98 5.32 52.85 -46.89
C ALA C 98 5.15 54.35 -46.82
N GLY C 99 5.84 55.04 -45.92
CA GLY C 99 5.67 56.49 -45.77
C GLY C 99 4.31 56.98 -45.32
N LYS C 100 3.46 56.07 -44.81
CA LYS C 100 2.10 56.41 -44.39
C LYS C 100 2.04 57.31 -43.16
N HIS C 101 3.18 57.59 -42.54
CA HIS C 101 3.30 58.48 -41.39
C HIS C 101 3.16 59.95 -41.76
N LYS C 102 2.88 60.27 -43.01
CA LYS C 102 2.79 61.66 -43.45
C LYS C 102 1.33 62.08 -43.55
N LEU C 110 2.56 60.90 -32.02
CA LEU C 110 3.07 59.67 -32.62
C LEU C 110 4.02 59.01 -31.64
N ASN C 111 3.60 57.90 -31.05
CA ASN C 111 4.44 57.19 -30.10
C ASN C 111 4.88 55.91 -30.79
N PHE C 112 6.09 55.96 -31.36
CA PHE C 112 6.60 54.81 -32.07
C PHE C 112 7.20 53.78 -31.14
N ASN C 113 7.48 54.15 -29.88
CA ASN C 113 7.84 53.18 -28.87
C ASN C 113 6.67 52.27 -28.56
N LEU C 114 5.45 52.76 -28.79
CA LEU C 114 4.21 52.04 -28.59
C LEU C 114 3.52 51.69 -29.90
N HIS C 115 4.14 51.94 -31.05
CA HIS C 115 3.51 51.76 -32.35
C HIS C 115 3.21 50.28 -32.60
N TRP C 116 1.92 49.96 -32.75
CA TRP C 116 1.39 48.60 -32.89
C TRP C 116 1.78 47.68 -31.73
N ARG C 117 2.00 48.24 -30.55
CA ARG C 117 2.29 47.43 -29.36
C ARG C 117 0.98 46.97 -28.72
N PHE C 118 0.68 45.67 -28.82
CA PHE C 118 -0.55 45.11 -28.26
C PHE C 118 -0.47 45.07 -26.74
N TYR C 119 -1.62 44.72 -26.14
CA TYR C 119 -1.79 44.74 -24.69
C TYR C 119 -0.80 43.83 -23.98
N TYR C 120 -0.41 42.72 -24.61
CA TYR C 120 0.54 41.77 -24.04
C TYR C 120 1.87 41.71 -24.77
N ASP C 121 2.17 42.69 -25.62
CA ASP C 121 3.48 42.77 -26.27
C ASP C 121 4.53 43.42 -25.37
N PRO C 122 5.53 42.69 -24.90
CA PRO C 122 6.61 43.28 -24.09
C PRO C 122 7.46 44.22 -24.92
N PRO C 123 8.23 45.12 -24.30
CA PRO C 123 9.12 46.01 -25.08
C PRO C 123 10.15 45.29 -25.91
N GLU C 124 10.51 44.07 -25.49
CA GLU C 124 11.35 43.17 -26.26
C GLU C 124 10.70 42.76 -27.57
N PHE C 125 9.38 42.87 -27.66
CA PHE C 125 8.62 42.40 -28.80
C PHE C 125 7.99 43.60 -29.51
N GLN C 126 8.38 43.82 -30.76
CA GLN C 126 7.85 44.93 -31.54
C GLN C 126 7.05 44.32 -32.68
N THR C 127 5.73 44.43 -32.58
CA THR C 127 4.84 43.84 -33.57
C THR C 127 5.00 44.53 -34.92
N ILE C 128 5.13 43.72 -35.97
CA ILE C 128 5.31 44.23 -37.32
C ILE C 128 4.24 43.74 -38.27
N ILE C 129 3.44 42.71 -37.93
CA ILE C 129 2.38 42.19 -38.80
C ILE C 129 1.16 41.89 -37.94
N ILE C 130 -0.03 42.28 -38.43
CA ILE C 130 -1.31 42.03 -37.80
C ILE C 130 -2.08 41.07 -38.71
N GLY C 131 -2.82 40.15 -38.10
CA GLY C 131 -3.67 39.26 -38.85
C GLY C 131 -5.09 39.36 -38.36
N ASP C 132 -5.72 38.20 -38.10
CA ASP C 132 -7.06 38.14 -37.54
C ASP C 132 -7.16 38.92 -36.24
N ASN C 133 -8.00 39.95 -36.23
CA ASN C 133 -8.23 40.74 -35.02
C ASN C 133 -9.13 40.02 -34.02
N LYS C 134 -9.77 38.92 -34.42
CA LYS C 134 -10.61 38.15 -33.51
C LYS C 134 -9.78 37.51 -32.40
N THR C 135 -8.65 36.91 -32.76
CA THR C 135 -7.74 36.32 -31.78
C THR C 135 -6.59 37.26 -31.48
N GLN C 136 -6.53 38.40 -32.18
CA GLN C 136 -5.41 39.36 -32.15
C GLN C 136 -4.08 38.65 -32.40
N TYR C 137 -4.10 37.73 -33.35
CA TYR C 137 -2.89 37.12 -33.87
C TYR C 137 -2.02 38.20 -34.48
N HIS C 138 -0.73 38.14 -34.19
CA HIS C 138 0.21 39.12 -34.70
C HIS C 138 1.60 38.51 -34.65
N MET C 139 2.46 39.02 -35.52
CA MET C 139 3.85 38.62 -35.60
C MET C 139 4.73 39.85 -35.37
N GLY C 140 5.89 39.64 -34.77
CA GLY C 140 6.80 40.74 -34.49
C GLY C 140 8.24 40.30 -34.38
N TYR C 141 9.14 41.26 -34.63
CA TYR C 141 10.54 41.05 -34.30
C TYR C 141 10.70 40.97 -32.79
N PHE C 142 11.58 40.10 -32.32
CA PHE C 142 11.84 40.00 -30.89
C PHE C 142 13.32 40.20 -30.64
N ARG C 143 13.65 41.25 -29.89
CA ARG C 143 15.01 41.56 -29.47
C ARG C 143 15.12 41.29 -27.97
N ASP C 144 16.19 40.63 -27.55
CA ASP C 144 16.35 40.44 -26.11
C ASP C 144 16.76 41.73 -25.42
N SER C 145 17.40 42.63 -26.14
CA SER C 145 17.89 43.90 -25.64
C SER C 145 17.76 44.92 -26.77
N PRO C 146 17.53 46.20 -26.45
CA PRO C 146 17.36 47.20 -27.52
C PRO C 146 18.60 47.46 -28.37
N ASP C 147 19.78 47.01 -27.94
CA ASP C 147 21.02 47.27 -28.66
C ASP C 147 21.42 46.19 -29.66
N GLU C 148 20.68 45.09 -29.76
CA GLU C 148 21.02 44.00 -30.65
C GLU C 148 20.02 43.90 -31.78
N PHE C 149 20.38 43.10 -32.80
CA PHE C 149 19.38 42.67 -33.77
C PHE C 149 18.39 41.72 -33.09
N PRO C 150 17.20 41.52 -33.66
CA PRO C 150 16.29 40.50 -33.13
C PRO C 150 16.90 39.11 -33.14
N VAL C 151 16.62 38.37 -32.07
CA VAL C 151 17.11 37.00 -31.98
C VAL C 151 16.18 36.02 -32.69
N TYR C 152 14.91 36.38 -32.89
CA TYR C 152 13.92 35.59 -33.61
C TYR C 152 12.69 36.47 -33.87
N VAL C 153 11.76 35.94 -34.66
CA VAL C 153 10.47 36.56 -34.88
C VAL C 153 9.41 35.70 -34.19
N GLY C 154 8.57 36.34 -33.38
CA GLY C 154 7.54 35.62 -32.67
C GLY C 154 6.12 35.92 -33.11
N ILE C 155 5.20 35.03 -32.73
CA ILE C 155 3.77 35.23 -33.00
C ILE C 155 3.02 35.07 -31.68
N ASN C 156 1.96 35.85 -31.55
CA ASN C 156 1.18 35.83 -30.32
C ASN C 156 -0.25 36.19 -30.68
N GLU C 157 -1.18 35.64 -29.91
CA GLU C 157 -2.59 35.95 -30.03
C GLU C 157 -3.04 36.65 -28.74
N ALA C 158 -3.15 37.98 -28.80
CA ALA C 158 -3.38 38.78 -27.60
C ALA C 158 -4.77 38.56 -27.02
N LYS C 159 -5.73 38.16 -27.85
CA LYS C 159 -7.04 37.80 -27.33
C LYS C 159 -7.09 36.40 -26.78
N LYS C 160 -6.04 35.60 -26.97
CA LYS C 160 -6.09 34.22 -26.52
C LYS C 160 -5.31 33.96 -25.25
N ASN C 161 -4.04 34.36 -25.20
CA ASN C 161 -3.17 34.04 -24.07
C ASN C 161 -1.98 34.98 -24.08
N CYS C 162 -1.09 34.79 -23.11
CA CYS C 162 0.11 35.59 -22.95
C CYS C 162 1.33 34.93 -23.57
N ILE C 163 1.14 33.83 -24.28
CA ILE C 163 2.25 33.01 -24.76
C ILE C 163 2.77 33.58 -26.08
N ILE C 164 4.07 33.77 -26.17
CA ILE C 164 4.70 34.17 -27.42
C ILE C 164 5.35 32.94 -28.02
N VAL C 165 4.95 32.60 -29.23
CA VAL C 165 5.36 31.36 -29.88
C VAL C 165 6.45 31.69 -30.89
N PRO C 166 7.60 31.01 -30.83
CA PRO C 166 8.62 31.19 -31.87
C PRO C 166 8.10 30.72 -33.22
N ASN C 167 8.33 31.53 -34.24
CA ASN C 167 7.76 31.27 -35.56
C ASN C 167 8.73 31.64 -36.67
N GLY C 168 9.96 31.17 -36.59
CA GLY C 168 10.91 31.53 -37.63
C GLY C 168 12.00 32.45 -37.15
N ASP C 169 12.97 32.66 -38.04
CA ASP C 169 14.11 33.52 -37.77
C ASP C 169 14.03 34.88 -38.46
N ASN C 170 13.04 35.11 -39.30
CA ASN C 170 12.85 36.38 -39.99
C ASN C 170 11.41 36.47 -40.46
N VAL C 171 11.04 37.66 -40.97
CA VAL C 171 9.66 37.95 -41.31
C VAL C 171 9.17 37.07 -42.45
N PHE C 172 10.07 36.72 -43.35
CA PHE C 172 9.77 35.81 -44.45
C PHE C 172 9.43 34.40 -43.96
N ALA C 173 10.25 33.86 -43.05
CA ALA C 173 9.97 32.54 -42.46
C ALA C 173 8.63 32.54 -41.74
N ALA C 174 8.37 33.61 -41.00
CA ALA C 174 7.12 33.72 -40.25
C ALA C 174 5.91 33.77 -41.17
N VAL C 175 6.00 34.54 -42.26
CA VAL C 175 4.85 34.62 -43.15
C VAL C 175 4.68 33.31 -43.91
N LYS C 176 5.80 32.63 -44.23
CA LYS C 176 5.69 31.30 -44.83
C LYS C 176 5.03 30.32 -43.87
N LEU C 177 5.37 30.38 -42.58
CA LEU C 177 4.74 29.52 -41.59
C LEU C 177 3.24 29.80 -41.46
N PHE C 178 2.87 31.08 -41.42
CA PHE C 178 1.44 31.42 -41.39
C PHE C 178 0.73 31.00 -42.68
N LEU C 179 1.40 31.12 -43.83
CA LEU C 179 0.81 30.67 -45.09
C LEU C 179 0.54 29.17 -45.05
N GLU C 214 13.59 28.92 -41.20
CA GLU C 214 13.77 27.95 -40.13
C GLU C 214 13.18 28.51 -38.84
N GLN C 215 12.51 27.67 -38.04
CA GLN C 215 11.95 28.19 -36.79
C GLN C 215 13.00 28.38 -35.71
N ARG C 216 13.96 27.48 -35.62
CA ARG C 216 15.05 27.56 -34.66
C ARG C 216 16.37 27.24 -35.35
N THR C 217 17.26 28.22 -35.39
CA THR C 217 18.57 28.07 -36.00
C THR C 217 19.53 27.47 -34.99
N VAL C 218 20.79 27.30 -35.39
CA VAL C 218 21.82 26.88 -34.43
C VAL C 218 22.09 28.00 -33.45
N LYS C 219 22.02 29.26 -33.92
CA LYS C 219 22.16 30.43 -33.05
C LYS C 219 21.05 30.48 -32.00
N MET C 220 19.81 30.17 -32.40
CA MET C 220 18.71 30.16 -31.43
C MET C 220 18.86 29.02 -30.45
N LYS C 221 19.37 27.87 -30.90
CA LYS C 221 19.67 26.76 -29.99
C LYS C 221 20.77 27.14 -29.01
N GLN C 222 21.68 28.02 -29.41
CA GLN C 222 22.68 28.52 -28.47
C GLN C 222 22.04 29.48 -27.48
N ARG C 223 21.09 30.29 -27.96
CA ARG C 223 20.34 31.17 -27.06
C ARG C 223 19.56 30.32 -26.07
N ASP C 224 19.02 29.20 -26.54
CA ASP C 224 18.33 28.25 -25.68
C ASP C 224 19.30 27.58 -24.71
N LYS C 225 20.56 27.41 -25.11
CA LYS C 225 21.59 26.97 -24.19
C LYS C 225 21.89 28.04 -23.14
N LYS C 226 21.62 29.29 -23.46
CA LYS C 226 21.68 30.40 -22.52
C LYS C 226 20.32 30.72 -21.89
N VAL C 227 19.25 30.03 -22.29
CA VAL C 227 17.92 30.30 -21.73
C VAL C 227 17.86 29.85 -20.28
N VAL C 228 17.51 30.80 -19.41
CA VAL C 228 17.49 30.53 -17.98
C VAL C 228 16.08 30.19 -17.44
N THR C 229 15.01 30.74 -18.03
CA THR C 229 13.65 30.53 -17.53
C THR C 229 12.61 31.03 -18.52
N LYS C 230 11.42 30.38 -18.50
CA LYS C 230 10.36 30.57 -19.50
C LYS C 230 9.48 31.81 -19.25
N THR C 231 9.17 32.11 -17.98
CA THR C 231 8.51 33.34 -17.53
C THR C 231 7.12 33.52 -18.14
N PHE C 232 6.35 32.42 -18.20
CA PHE C 232 4.95 32.32 -18.66
C PHE C 232 4.73 32.57 -20.14
N HIS C 233 5.72 33.06 -20.85
CA HIS C 233 5.58 33.19 -22.29
C HIS C 233 6.33 32.11 -23.05
N GLY C 234 7.20 31.36 -22.37
CA GLY C 234 7.85 30.19 -22.94
C GLY C 234 9.03 30.46 -23.85
N ALA C 235 9.37 31.73 -24.11
CA ALA C 235 10.44 32.03 -25.04
C ALA C 235 11.83 32.04 -24.39
N GLY C 236 11.91 32.12 -23.08
CA GLY C 236 13.20 32.00 -22.40
C GLY C 236 13.87 33.33 -22.12
N LEU C 237 14.59 33.38 -20.99
CA LEU C 237 15.43 34.53 -20.64
C LEU C 237 16.91 34.17 -20.76
N VAL C 238 17.66 35.11 -21.33
CA VAL C 238 19.12 35.04 -21.39
C VAL C 238 19.68 36.23 -20.62
N VAL C 239 20.42 35.97 -19.57
CA VAL C 239 21.03 37.03 -18.76
C VAL C 239 22.54 36.80 -18.71
N PRO C 240 23.33 37.85 -18.91
CA PRO C 240 24.78 37.75 -18.69
C PRO C 240 25.10 37.59 -17.21
N VAL C 241 25.96 36.61 -16.90
CA VAL C 241 26.41 36.35 -15.53
C VAL C 241 27.94 36.21 -15.53
N ASP C 242 28.55 36.32 -14.35
CA ASP C 242 30.00 36.22 -14.16
C ASP C 242 30.41 34.75 -13.95
N LYS C 243 31.69 34.53 -13.64
CA LYS C 243 32.25 33.19 -13.47
C LYS C 243 31.74 32.49 -12.22
N ASN C 244 31.17 33.21 -11.28
CA ASN C 244 30.55 32.62 -10.10
C ASN C 244 29.04 32.64 -10.23
N ASP C 245 28.56 32.78 -11.46
CA ASP C 245 27.15 32.71 -11.87
C ASP C 245 26.30 33.82 -11.24
N VAL C 246 26.90 34.91 -10.76
CA VAL C 246 26.13 36.00 -10.17
C VAL C 246 25.49 36.78 -11.32
N GLY C 247 24.22 37.12 -11.15
CA GLY C 247 23.49 37.74 -12.24
C GLY C 247 22.11 37.12 -12.28
N TYR C 248 22.00 35.95 -11.67
CA TYR C 248 20.76 35.20 -11.65
C TYR C 248 20.68 34.39 -10.37
N ARG C 249 19.47 34.32 -9.82
CA ARG C 249 19.11 33.33 -8.81
C ARG C 249 17.66 32.96 -9.03
N GLU C 250 17.30 31.78 -8.55
CA GLU C 250 15.94 31.31 -8.79
C GLU C 250 14.99 31.97 -7.83
N LEU C 251 13.73 32.03 -8.22
CA LEU C 251 12.72 32.42 -7.27
C LEU C 251 12.49 31.24 -6.32
N PRO C 252 12.15 31.51 -5.05
CA PRO C 252 11.80 30.40 -4.16
C PRO C 252 10.48 29.73 -4.48
N GLU C 253 9.72 30.24 -5.45
CA GLU C 253 8.43 29.65 -5.78
C GLU C 253 8.39 29.28 -7.25
N THR C 254 7.67 28.20 -7.54
CA THR C 254 7.42 27.71 -8.88
C THR C 254 6.38 28.59 -9.58
N ASP C 255 6.33 28.47 -10.92
CA ASP C 255 5.45 29.27 -11.76
C ASP C 255 3.96 29.02 -11.52
N ALA C 256 3.56 27.76 -11.34
CA ALA C 256 2.14 27.41 -11.19
C ALA C 256 1.53 28.00 -9.93
N ASP C 257 2.27 27.98 -8.82
CA ASP C 257 1.74 28.59 -7.59
C ASP C 257 1.70 30.10 -7.70
N LEU C 258 2.61 30.69 -8.48
CA LEU C 258 2.52 32.11 -8.80
C LEU C 258 1.27 32.41 -9.59
N LYS C 259 0.94 31.54 -10.55
CA LYS C 259 -0.29 31.69 -11.32
C LYS C 259 -1.51 31.61 -10.41
N ARG C 260 -1.44 30.74 -9.41
CA ARG C 260 -2.51 30.65 -8.42
C ARG C 260 -2.59 31.92 -7.58
N ILE C 261 -1.44 32.47 -7.19
CA ILE C 261 -1.40 33.73 -6.45
C ILE C 261 -2.04 34.86 -7.24
N CYS C 262 -1.68 34.97 -8.53
CA CYS C 262 -2.24 35.98 -9.40
C CYS C 262 -3.74 35.82 -9.55
N LYS C 263 -4.19 34.57 -9.70
CA LYS C 263 -5.61 34.29 -9.83
C LYS C 263 -6.37 34.66 -8.56
N THR C 264 -5.80 34.33 -7.39
CA THR C 264 -6.46 34.62 -6.13
C THR C 264 -6.49 36.11 -5.81
N ILE C 265 -5.46 36.85 -6.23
CA ILE C 265 -5.46 38.30 -6.01
C ILE C 265 -6.48 38.96 -6.92
N VAL C 266 -6.50 38.57 -8.20
CA VAL C 266 -7.42 39.21 -9.15
C VAL C 266 -8.87 38.84 -8.85
N GLU C 267 -9.12 37.71 -8.18
CA GLU C 267 -10.49 37.30 -7.90
C GLU C 267 -10.97 37.76 -6.54
N ALA C 268 -10.12 38.46 -5.79
CA ALA C 268 -10.50 38.99 -4.49
C ALA C 268 -11.62 40.02 -4.63
N ALA C 269 -12.56 39.97 -3.69
CA ALA C 269 -13.77 40.78 -3.79
C ALA C 269 -13.63 42.16 -3.18
N SER C 270 -12.53 42.45 -2.49
CA SER C 270 -12.39 43.74 -1.83
C SER C 270 -10.92 44.14 -1.77
N ASP C 271 -10.70 45.40 -1.40
CA ASP C 271 -9.36 45.96 -1.30
C ASP C 271 -8.55 45.29 -0.20
N GLU C 272 -9.18 44.93 0.91
CA GLU C 272 -8.49 44.30 2.02
C GLU C 272 -7.99 42.89 1.68
N GLU C 273 -8.82 42.08 1.00
CA GLU C 273 -8.38 40.75 0.61
C GLU C 273 -7.29 40.80 -0.45
N ARG C 274 -7.33 41.81 -1.34
CA ARG C 274 -6.23 41.99 -2.27
C ARG C 274 -4.94 42.34 -1.55
N LEU C 275 -5.00 43.30 -0.61
CA LEU C 275 -3.81 43.68 0.16
C LEU C 275 -3.25 42.51 0.98
N LYS C 276 -4.12 41.68 1.55
CA LYS C 276 -3.66 40.50 2.26
C LYS C 276 -3.07 39.45 1.32
N ALA C 277 -3.74 39.20 0.19
CA ALA C 277 -3.27 38.22 -0.80
C ALA C 277 -2.02 38.69 -1.55
N PHE C 278 -1.72 40.00 -1.52
CA PHE C 278 -0.53 40.50 -2.18
C PHE C 278 0.75 40.11 -1.47
N ALA C 279 0.65 39.68 -0.20
CA ALA C 279 1.81 39.40 0.65
C ALA C 279 2.90 38.48 0.06
N PRO C 280 2.60 37.37 -0.64
CA PRO C 280 3.71 36.63 -1.27
C PRO C 280 4.39 37.42 -2.35
N ILE C 281 3.65 38.25 -3.07
CA ILE C 281 4.26 39.10 -4.09
C ILE C 281 5.12 40.17 -3.43
N GLN C 282 4.63 40.77 -2.34
CA GLN C 282 5.39 41.79 -1.58
C GLN C 282 6.71 41.25 -1.09
N GLU C 283 6.68 40.07 -0.47
CA GLU C 283 7.93 39.49 0.02
C GLU C 283 8.79 38.96 -1.12
N MET C 284 8.18 38.52 -2.24
CA MET C 284 8.96 38.18 -3.42
C MET C 284 9.67 39.41 -3.96
N MET C 285 9.04 40.58 -3.84
CA MET C 285 9.69 41.84 -4.18
C MET C 285 10.82 42.14 -3.20
N THR C 286 10.62 41.79 -1.92
CA THR C 286 11.67 41.97 -0.92
C THR C 286 12.90 41.11 -1.24
N PHE C 287 12.68 39.84 -1.57
CA PHE C 287 13.79 38.98 -2.01
C PHE C 287 14.37 39.44 -3.34
N VAL C 288 13.55 40.04 -4.21
CA VAL C 288 14.08 40.64 -5.44
C VAL C 288 15.01 41.79 -5.11
N GLN C 289 14.66 42.58 -4.10
CA GLN C 289 15.54 43.62 -3.59
C GLN C 289 16.84 43.02 -3.06
N PHE C 290 16.75 41.89 -2.36
CA PHE C 290 17.94 41.21 -1.84
C PHE C 290 18.86 40.79 -2.98
N ALA C 291 18.26 40.19 -4.01
CA ALA C 291 19.01 39.74 -5.18
C ALA C 291 19.64 40.92 -5.90
N ASN C 292 18.90 42.03 -5.98
CA ASN C 292 19.43 43.24 -6.57
C ASN C 292 20.61 43.76 -5.76
N ASP C 293 20.54 43.62 -4.43
CA ASP C 293 21.66 43.97 -3.57
C ASP C 293 22.86 43.06 -3.85
N GLU C 294 22.61 41.81 -4.24
CA GLU C 294 23.66 40.85 -4.53
C GLU C 294 23.85 40.61 -6.02
N CYS C 295 23.36 41.52 -6.87
CA CYS C 295 23.58 41.57 -8.31
C CYS C 295 22.94 40.43 -9.09
N ASP C 296 22.02 39.67 -8.49
CA ASP C 296 21.27 38.63 -9.19
C ASP C 296 19.97 39.19 -9.76
N TYR C 297 20.13 40.05 -10.76
CA TYR C 297 19.04 40.87 -11.31
C TYR C 297 17.96 40.03 -12.02
N GLY C 298 18.34 38.87 -12.56
CA GLY C 298 17.43 38.07 -13.37
C GLY C 298 16.19 37.59 -12.63
N MET C 299 16.27 37.50 -11.30
CA MET C 299 15.11 37.18 -10.47
C MET C 299 14.03 38.24 -10.62
N GLY C 300 14.42 39.51 -10.49
CA GLY C 300 13.48 40.59 -10.70
C GLY C 300 13.03 40.70 -12.15
N LEU C 301 13.91 40.31 -13.10
CA LEU C 301 13.50 40.29 -14.50
C LEU C 301 12.37 39.28 -14.72
N GLU C 302 12.49 38.10 -14.10
CA GLU C 302 11.49 37.08 -14.27
C GLU C 302 10.19 37.47 -13.59
N LEU C 303 10.29 38.04 -12.37
CA LEU C 303 9.09 38.45 -11.64
C LEU C 303 8.32 39.51 -12.42
N GLY C 304 9.01 40.55 -12.89
CA GLY C 304 8.37 41.57 -13.71
C GLY C 304 7.76 41.01 -14.98
N MET C 305 8.46 40.07 -15.64
CA MET C 305 7.94 39.47 -16.87
C MET C 305 6.67 38.67 -16.63
N ASP C 306 6.65 37.85 -15.57
CA ASP C 306 5.46 37.06 -15.24
C ASP C 306 4.27 37.93 -14.83
N LEU C 307 4.50 38.99 -14.03
CA LEU C 307 3.38 39.85 -13.69
C LEU C 307 2.89 40.62 -14.90
N PHE C 308 3.79 41.00 -15.81
CA PHE C 308 3.37 41.53 -17.10
C PHE C 308 2.54 40.52 -17.88
N CYS C 309 2.94 39.24 -17.82
CA CYS C 309 2.21 38.20 -18.54
C CYS C 309 0.81 37.98 -17.96
N TYR C 310 0.64 38.17 -16.66
CA TYR C 310 -0.69 37.97 -16.09
C TYR C 310 -1.69 39.01 -16.57
N GLY C 311 -1.28 40.27 -16.67
CA GLY C 311 -2.09 41.26 -17.33
C GLY C 311 -3.03 42.05 -16.45
N SER C 312 -3.13 41.73 -15.17
CA SER C 312 -4.02 42.47 -14.30
C SER C 312 -3.38 43.80 -13.97
N HIS C 313 -4.22 44.84 -13.95
CA HIS C 313 -3.75 46.20 -13.70
C HIS C 313 -3.15 46.39 -12.31
N TYR C 314 -3.51 45.53 -11.35
CA TYR C 314 -2.99 45.61 -9.98
C TYR C 314 -1.47 45.48 -9.88
N PHE C 315 -0.79 45.03 -10.93
CA PHE C 315 0.65 44.90 -10.84
C PHE C 315 1.36 45.93 -11.69
N HIS C 316 0.60 46.74 -12.43
CA HIS C 316 1.17 47.64 -13.43
C HIS C 316 2.10 48.66 -12.81
N LYS C 317 1.75 49.19 -11.63
CA LYS C 317 2.69 50.09 -10.98
C LYS C 317 3.86 49.32 -10.39
N VAL C 318 3.59 48.23 -9.65
CA VAL C 318 4.67 47.60 -8.88
C VAL C 318 5.67 46.90 -9.79
N ALA C 319 5.21 46.25 -10.86
CA ALA C 319 6.13 45.77 -11.88
C ALA C 319 6.89 46.94 -12.48
N GLY C 320 6.19 48.07 -12.66
CA GLY C 320 6.80 49.32 -13.07
C GLY C 320 7.75 49.91 -12.05
N GLN C 321 7.70 49.42 -10.80
CA GLN C 321 8.71 49.81 -9.83
C GLN C 321 9.94 48.95 -9.92
N LEU C 322 9.79 47.71 -10.38
CA LEU C 322 10.91 46.77 -10.40
C LEU C 322 11.48 46.55 -11.79
N LEU C 323 10.62 46.21 -12.74
CA LEU C 323 11.08 45.74 -14.04
C LEU C 323 11.79 46.82 -14.85
N PRO C 324 11.28 48.08 -14.96
CA PRO C 324 12.11 49.13 -15.59
C PRO C 324 13.43 49.36 -14.88
N LEU C 325 13.40 49.45 -13.54
CA LEU C 325 14.62 49.61 -12.75
C LEU C 325 15.62 48.51 -13.08
N ALA C 326 15.13 47.28 -13.18
CA ALA C 326 15.95 46.15 -13.63
C ALA C 326 16.54 46.42 -15.01
N TYR C 327 15.71 46.92 -15.93
CA TYR C 327 16.23 47.29 -17.25
C TYR C 327 17.17 48.48 -17.13
N ASN C 328 16.90 49.36 -16.16
CA ASN C 328 17.86 50.40 -15.81
C ASN C 328 19.14 49.75 -15.31
N LEU C 329 18.99 48.76 -14.43
CA LEU C 329 20.11 47.93 -14.01
C LEU C 329 20.69 47.15 -15.18
N LEU C 330 19.85 46.75 -16.14
CA LEU C 330 20.35 46.08 -17.34
C LEU C 330 20.81 47.04 -18.41
N LYS C 331 20.81 48.35 -18.14
CA LYS C 331 21.16 49.44 -19.07
C LYS C 331 20.33 49.35 -20.35
N ARG C 332 19.05 49.03 -20.19
CA ARG C 332 18.13 48.88 -21.30
C ARG C 332 17.03 49.93 -21.22
N ASN C 333 17.45 51.19 -21.05
CA ASN C 333 16.56 52.30 -20.73
C ASN C 333 15.48 52.51 -21.78
N LEU C 334 15.78 52.17 -23.05
CA LEU C 334 14.79 52.32 -24.10
C LEU C 334 13.59 51.42 -23.87
N PHE C 335 13.83 50.16 -23.49
CA PHE C 335 12.72 49.27 -23.16
C PHE C 335 12.00 49.71 -21.90
N ALA C 336 12.71 50.33 -20.96
CA ALA C 336 12.07 50.91 -19.78
C ALA C 336 11.12 52.04 -20.16
N GLU C 337 11.54 52.89 -21.11
CA GLU C 337 10.66 53.94 -21.62
C GLU C 337 9.43 53.34 -22.29
N ILE C 338 9.66 52.30 -23.11
CA ILE C 338 8.57 51.61 -23.81
C ILE C 338 7.57 51.05 -22.81
N ILE C 339 8.06 50.41 -21.75
CA ILE C 339 7.16 49.79 -20.79
C ILE C 339 6.46 50.84 -19.93
N GLU C 340 7.13 51.97 -19.63
CA GLU C 340 6.48 53.09 -18.95
C GLU C 340 5.29 53.58 -19.75
N GLU C 341 5.52 53.90 -21.02
CA GLU C 341 4.47 54.43 -21.88
C GLU C 341 3.40 53.38 -22.15
N HIS C 342 3.80 52.12 -22.22
CA HIS C 342 2.86 51.04 -22.48
C HIS C 342 1.95 50.81 -21.28
N LEU C 343 2.53 50.74 -20.08
CA LEU C 343 1.74 50.62 -18.87
C LEU C 343 0.83 51.84 -18.69
N ALA C 344 1.27 53.00 -19.17
CA ALA C 344 0.39 54.15 -19.19
C ALA C 344 -0.68 54.06 -20.29
N ASN C 345 -0.45 53.28 -21.35
CA ASN C 345 -1.38 53.27 -22.48
C ASN C 345 -1.56 51.89 -23.10
N ARG C 346 -1.79 50.86 -22.29
CA ARG C 346 -1.99 49.53 -22.86
C ARG C 346 -3.47 49.40 -23.13
N SER C 347 -3.87 49.81 -24.33
CA SER C 347 -5.26 49.93 -24.71
C SER C 347 -5.61 48.81 -25.67
N GLN C 348 -6.90 48.67 -25.93
CA GLN C 348 -7.32 47.76 -26.99
C GLN C 348 -7.45 48.49 -28.31
N GLU C 349 -7.13 49.79 -28.34
CA GLU C 349 -6.97 50.54 -29.58
C GLU C 349 -5.57 51.14 -29.52
N ASN C 350 -4.70 50.72 -30.45
CA ASN C 350 -3.27 51.01 -30.32
C ASN C 350 -2.63 51.38 -31.66
N ILE C 351 -3.42 51.77 -32.65
CA ILE C 351 -2.89 52.34 -33.89
C ILE C 351 -2.80 53.85 -33.72
N ASP C 352 -1.57 54.39 -33.75
CA ASP C 352 -1.36 55.81 -33.58
C ASP C 352 -1.83 56.64 -34.77
N GLN C 353 -2.18 55.97 -35.89
CA GLN C 353 -2.82 56.60 -37.02
C GLN C 353 -4.34 56.52 -36.92
N LEU C 354 -4.84 55.74 -35.96
CA LEU C 354 -6.26 55.64 -35.59
C LEU C 354 -7.19 55.28 -36.76
N ALA D 99 5.30 18.09 26.90
CA ALA D 99 5.05 16.96 26.00
C ALA D 99 3.69 17.12 25.29
N PRO D 100 3.71 17.59 24.04
CA PRO D 100 2.47 17.72 23.28
C PRO D 100 2.04 16.42 22.61
N VAL D 101 0.72 16.25 22.54
CA VAL D 101 0.11 15.12 21.85
C VAL D 101 -0.15 15.48 20.40
N ASP D 102 0.24 14.59 19.48
CA ASP D 102 -0.04 14.66 18.05
C ASP D 102 -1.54 14.78 17.79
N PRO D 103 -2.00 15.81 17.10
CA PRO D 103 -3.44 15.95 16.81
C PRO D 103 -4.02 14.86 15.93
N GLU D 104 -3.19 14.10 15.21
CA GLU D 104 -3.71 13.17 14.21
C GLU D 104 -4.55 12.04 14.81
N CYS D 105 -4.30 11.67 16.07
CA CYS D 105 -5.11 10.67 16.76
C CYS D 105 -6.26 11.40 17.43
N THR D 106 -7.24 11.77 16.61
CA THR D 106 -8.33 12.64 17.03
C THR D 106 -9.16 12.03 18.15
N ALA D 107 -9.36 10.71 18.11
CA ALA D 107 -10.12 10.02 19.15
C ALA D 107 -9.41 9.98 20.50
N LYS D 108 -8.12 10.33 20.56
CA LYS D 108 -7.37 10.22 21.79
C LYS D 108 -6.49 11.42 22.05
N VAL D 109 -6.55 12.46 21.22
CA VAL D 109 -5.74 13.66 21.42
C VAL D 109 -6.13 14.38 22.71
N GLY D 110 -7.38 14.23 23.14
CA GLY D 110 -7.85 14.84 24.35
C GLY D 110 -7.97 13.79 25.42
N LYS D 111 -7.92 12.52 25.02
CA LYS D 111 -8.15 11.41 25.92
C LYS D 111 -6.88 10.64 26.30
N ALA D 112 -5.71 11.06 25.81
CA ALA D 112 -4.51 10.27 26.02
C ALA D 112 -3.27 11.16 25.96
N HIS D 113 -2.18 10.68 26.54
CA HIS D 113 -0.91 11.40 26.49
C HIS D 113 0.21 10.44 26.07
N VAL D 114 1.24 11.01 25.45
CA VAL D 114 2.38 10.24 24.93
C VAL D 114 3.14 9.57 26.08
N TYR D 115 3.52 8.32 25.87
CA TYR D 115 4.22 7.58 26.91
C TYR D 115 5.72 7.84 26.81
N CYS D 116 6.35 7.96 27.98
CA CYS D 116 7.77 8.18 28.12
C CYS D 116 8.29 7.38 29.30
N GLU D 117 9.62 7.23 29.36
CA GLU D 117 10.24 6.66 30.56
C GLU D 117 11.61 7.30 30.74
N GLY D 118 11.64 8.38 31.51
CA GLY D 118 12.88 9.08 31.82
C GLY D 118 13.53 9.70 30.60
N ASN D 119 14.80 9.35 30.39
CA ASN D 119 15.51 9.68 29.17
C ASN D 119 14.76 9.18 27.93
N ASP D 120 14.44 7.89 27.92
CA ASP D 120 13.87 7.28 26.72
C ASP D 120 12.39 7.63 26.68
N VAL D 121 12.02 8.50 25.75
CA VAL D 121 10.63 8.86 25.54
C VAL D 121 10.09 8.12 24.33
N TYR D 122 9.02 7.35 24.54
CA TYR D 122 8.47 6.49 23.48
C TYR D 122 7.65 7.35 22.52
N ASP D 123 8.39 8.09 21.71
CA ASP D 123 7.95 8.92 20.61
C ASP D 123 9.14 8.92 19.68
N VAL D 124 8.87 8.85 18.38
CA VAL D 124 9.96 8.79 17.43
C VAL D 124 9.45 9.23 16.08
N MET D 125 10.32 9.92 15.35
CA MET D 125 10.09 10.27 13.96
C MET D 125 11.28 9.79 13.17
N LEU D 126 10.99 9.11 12.08
CA LEU D 126 12.00 8.60 11.17
C LEU D 126 11.77 9.13 9.78
N ASN D 127 12.85 9.44 9.11
CA ASN D 127 12.78 9.93 7.74
C ASN D 127 13.74 9.13 6.90
N GLN D 128 13.34 8.89 5.65
CA GLN D 128 14.17 8.21 4.69
C GLN D 128 14.02 8.93 3.35
N THR D 129 15.12 9.03 2.61
CA THR D 129 15.05 9.54 1.26
C THR D 129 16.14 8.89 0.43
N ASN D 130 15.82 8.68 -0.83
CA ASN D 130 16.74 8.03 -1.77
C ASN D 130 16.42 8.58 -3.15
N LEU D 131 17.23 9.56 -3.55
CA LEU D 131 17.04 10.23 -4.83
C LEU D 131 17.27 9.28 -6.00
N GLN D 132 18.10 8.26 -5.82
CA GLN D 132 18.26 7.22 -6.82
C GLN D 132 16.94 6.51 -7.08
N PHE D 133 16.23 6.15 -6.01
CA PHE D 133 14.96 5.47 -6.14
C PHE D 133 13.78 6.36 -5.79
N ASN D 134 14.02 7.66 -5.61
CA ASN D 134 12.98 8.70 -5.47
C ASN D 134 12.04 8.40 -4.29
N ASN D 135 12.64 8.11 -3.15
CA ASN D 135 11.93 7.96 -1.89
C ASN D 135 12.05 9.22 -1.05
N ASN D 136 10.95 9.62 -0.42
CA ASN D 136 10.91 10.71 0.56
C ASN D 136 9.77 10.38 1.52
N LYS D 137 10.10 9.73 2.62
CA LYS D 137 9.07 9.14 3.45
C LYS D 137 9.36 9.40 4.92
N TYR D 138 8.30 9.48 5.71
CA TYR D 138 8.43 9.63 7.15
C TYR D 138 7.70 8.49 7.83
N TYR D 139 7.94 8.39 9.14
CA TYR D 139 7.24 7.43 9.97
C TYR D 139 7.36 7.92 11.40
N LEU D 140 6.26 8.43 11.95
CA LEU D 140 6.24 8.79 13.35
C LEU D 140 5.47 7.72 14.10
N ILE D 141 5.95 7.39 15.29
CA ILE D 141 5.30 6.45 16.18
C ILE D 141 5.28 7.07 17.56
N GLN D 142 4.15 6.90 18.25
CA GLN D 142 3.93 7.48 19.56
C GLN D 142 3.16 6.47 20.39
N LEU D 143 3.63 6.20 21.59
CA LEU D 143 2.86 5.38 22.51
C LEU D 143 1.97 6.32 23.29
N LEU D 144 0.68 6.08 23.24
CA LEU D 144 -0.30 6.90 23.92
C LEU D 144 -0.97 6.02 24.95
N GLU D 145 -0.98 6.49 26.19
CA GLU D 145 -1.80 5.87 27.22
C GLU D 145 -2.92 6.83 27.58
N ASP D 146 -4.13 6.30 27.70
CA ASP D 146 -5.28 7.10 28.07
C ASP D 146 -5.16 7.63 29.50
N ASP D 147 -5.74 8.81 29.74
CA ASP D 147 -5.71 9.37 31.09
C ASP D 147 -6.64 8.62 32.03
N ALA D 148 -7.86 8.31 31.58
CA ALA D 148 -8.84 7.72 32.48
C ALA D 148 -8.60 6.22 32.68
N GLN D 149 -8.53 5.45 31.60
CA GLN D 149 -8.40 4.00 31.68
C GLN D 149 -7.02 3.56 31.21
N ARG D 150 -6.59 2.40 31.71
CA ARG D 150 -5.24 1.90 31.47
C ARG D 150 -5.22 1.05 30.20
N ASN D 151 -4.82 1.71 29.12
CA ASN D 151 -4.80 1.13 27.79
C ASN D 151 -3.70 1.84 27.03
N PHE D 152 -2.78 1.07 26.47
CA PHE D 152 -1.64 1.63 25.80
C PHE D 152 -1.86 1.43 24.31
N SER D 153 -1.28 2.31 23.52
CA SER D 153 -1.54 2.27 22.11
C SER D 153 -0.31 2.79 21.38
N VAL D 154 -0.09 2.25 20.20
CA VAL D 154 0.94 2.78 19.31
C VAL D 154 0.25 3.44 18.13
N TRP D 155 0.65 4.68 17.87
CA TRP D 155 0.17 5.48 16.76
C TRP D 155 1.31 5.55 15.77
N MET D 156 1.02 5.17 14.54
CA MET D 156 2.01 5.18 13.48
C MET D 156 1.46 5.98 12.33
N ARG D 157 2.31 6.79 11.71
CA ARG D 157 1.86 7.55 10.55
C ARG D 157 3.00 7.67 9.58
N TRP D 158 2.67 7.52 8.30
CA TRP D 158 3.64 7.37 7.24
C TRP D 158 3.10 8.05 5.99
N GLY D 159 4.03 8.49 5.16
CA GLY D 159 3.67 9.29 4.01
C GLY D 159 4.90 10.02 3.50
N ARG D 160 4.66 10.88 2.53
CA ARG D 160 5.64 11.89 2.18
C ARG D 160 5.79 12.86 3.33
N VAL D 161 7.03 13.24 3.62
CA VAL D 161 7.29 14.28 4.61
C VAL D 161 6.56 15.57 4.20
N GLY D 162 5.84 16.16 5.14
CA GLY D 162 5.04 17.33 4.84
C GLY D 162 3.57 17.04 4.65
N LYS D 163 3.28 15.96 3.95
CA LYS D 163 1.91 15.56 3.66
C LYS D 163 1.45 14.65 4.78
N MET D 164 0.39 15.06 5.48
CA MET D 164 -0.12 14.27 6.59
C MET D 164 -0.58 12.93 6.06
N GLY D 165 -0.31 11.88 6.82
CA GLY D 165 -0.49 10.59 6.19
C GLY D 165 -1.23 9.46 6.86
N GLN D 166 -0.97 8.29 6.29
CA GLN D 166 -1.63 7.06 6.69
C GLN D 166 -1.21 6.68 8.10
N HIS D 167 -2.19 6.36 8.91
CA HIS D 167 -1.96 6.11 10.31
C HIS D 167 -2.57 4.78 10.74
N SER D 168 -2.05 4.28 11.84
CA SER D 168 -2.51 3.04 12.47
C SER D 168 -2.49 3.22 13.97
N LEU D 169 -3.56 2.81 14.63
CA LEU D 169 -3.72 2.86 16.08
C LEU D 169 -3.90 1.45 16.63
N VAL D 170 -2.93 0.98 17.41
CA VAL D 170 -3.04 -0.32 18.04
C VAL D 170 -3.18 -0.11 19.54
N ALA D 171 -4.38 -0.37 20.08
CA ALA D 171 -4.69 -0.28 21.50
C ALA D 171 -4.50 -1.64 22.15
N CYS D 172 -4.15 -1.64 23.45
CA CYS D 172 -3.82 -2.90 24.10
C CYS D 172 -4.51 -3.19 25.42
N SER D 173 -5.33 -2.27 25.95
CA SER D 173 -6.07 -2.44 27.21
C SER D 173 -5.18 -2.73 28.42
N GLY D 174 -4.02 -2.06 28.47
CA GLY D 174 -3.13 -2.15 29.60
C GLY D 174 -2.03 -3.19 29.52
N ASN D 175 -1.81 -3.78 28.35
CA ASN D 175 -0.71 -4.72 28.15
C ASN D 175 0.50 -3.93 27.67
N LEU D 176 1.13 -3.24 28.64
CA LEU D 176 2.28 -2.39 28.39
C LEU D 176 3.43 -3.16 27.75
N ASN D 177 3.59 -4.44 28.11
CA ASN D 177 4.68 -5.25 27.58
C ASN D 177 4.48 -5.51 26.09
N LYS D 178 3.24 -5.88 25.72
CA LYS D 178 2.84 -6.02 24.32
C LYS D 178 3.12 -4.75 23.54
N ALA D 179 2.75 -3.61 24.11
CA ALA D 179 2.96 -2.32 23.45
C ALA D 179 4.43 -2.03 23.24
N LYS D 180 5.26 -2.28 24.26
CA LYS D 180 6.70 -2.07 24.12
C LYS D 180 7.31 -2.99 23.09
N GLU D 181 6.89 -4.25 23.08
CA GLU D 181 7.40 -5.23 22.12
C GLU D 181 7.04 -4.81 20.70
N ILE D 182 5.77 -4.51 20.47
CA ILE D 182 5.30 -4.02 19.17
C ILE D 182 6.06 -2.78 18.74
N PHE D 183 6.21 -1.82 19.67
CA PHE D 183 6.93 -0.57 19.40
C PHE D 183 8.35 -0.84 18.96
N GLN D 184 9.08 -1.60 19.75
CA GLN D 184 10.48 -1.88 19.47
C GLN D 184 10.60 -2.75 18.23
N LYS D 185 9.64 -3.64 18.01
CA LYS D 185 9.60 -4.46 16.81
C LYS D 185 9.48 -3.61 15.56
N LYS D 186 8.54 -2.67 15.57
CA LYS D 186 8.37 -1.76 14.44
C LYS D 186 9.60 -0.89 14.27
N PHE D 187 10.16 -0.42 15.39
CA PHE D 187 11.37 0.37 15.35
C PHE D 187 12.53 -0.38 14.72
N LEU D 188 12.73 -1.64 15.11
CA LEU D 188 13.80 -2.43 14.51
C LEU D 188 13.48 -2.74 13.06
N ASP D 189 12.21 -3.07 12.76
CA ASP D 189 11.74 -3.29 11.40
C ASP D 189 12.12 -2.13 10.48
N LYS D 190 11.99 -0.91 10.98
CA LYS D 190 12.31 0.25 10.19
C LYS D 190 13.76 0.68 10.31
N THR D 191 14.48 0.23 11.34
CA THR D 191 15.82 0.72 11.59
C THR D 191 16.92 -0.33 11.70
N LYS D 192 16.62 -1.56 12.14
CA LYS D 192 17.60 -2.56 12.58
C LYS D 192 18.43 -2.08 13.75
N ASN D 193 17.89 -1.15 14.53
CA ASN D 193 18.52 -0.60 15.72
C ASN D 193 17.60 -0.87 16.91
N ASN D 194 18.19 -1.09 18.08
CA ASN D 194 17.39 -1.26 19.28
C ASN D 194 16.83 0.08 19.76
N TRP D 195 15.61 0.03 20.31
CA TRP D 195 14.95 1.27 20.68
C TRP D 195 15.47 1.83 21.99
N GLU D 196 15.75 0.95 22.96
CA GLU D 196 16.05 1.37 24.33
C GLU D 196 17.27 2.28 24.39
N ASP D 197 18.31 1.94 23.65
CA ASP D 197 19.45 2.84 23.47
C ASP D 197 19.18 3.80 22.30
N ARG D 198 18.12 4.59 22.46
CA ARG D 198 17.82 5.63 21.48
C ARG D 198 18.86 6.74 21.45
N GLU D 199 19.58 6.91 22.56
CA GLU D 199 20.63 7.92 22.62
C GLU D 199 21.79 7.56 21.68
N LYS D 200 22.24 6.29 21.73
CA LYS D 200 23.36 5.86 20.90
C LYS D 200 22.81 5.32 19.58
N PHE D 201 22.35 6.25 18.76
CA PHE D 201 21.76 5.91 17.49
C PHE D 201 22.79 5.93 16.38
N GLU D 202 22.72 4.95 15.50
CA GLU D 202 23.50 4.94 14.27
C GLU D 202 22.60 4.47 13.14
N LYS D 203 22.29 5.37 12.22
CA LYS D 203 21.51 5.01 11.04
C LYS D 203 22.32 4.06 10.14
N VAL D 204 21.61 3.19 9.43
CA VAL D 204 22.23 2.22 8.52
C VAL D 204 21.61 2.42 7.14
N PRO D 205 22.37 2.25 6.04
CA PRO D 205 21.78 2.43 4.70
C PRO D 205 20.69 1.42 4.37
N GLY D 206 19.75 1.88 3.55
CA GLY D 206 18.54 1.13 3.26
C GLY D 206 17.62 0.98 4.45
N LYS D 207 17.68 1.92 5.40
CA LYS D 207 16.76 2.00 6.52
C LYS D 207 16.50 3.46 6.83
N TYR D 208 15.44 3.71 7.60
CA TYR D 208 15.12 5.06 8.02
C TYR D 208 16.19 5.62 8.95
N ASP D 209 16.24 6.95 9.02
CA ASP D 209 17.05 7.69 9.97
C ASP D 209 16.13 8.25 11.04
N MET D 210 16.68 8.47 12.23
CA MET D 210 15.92 9.04 13.32
C MET D 210 16.01 10.56 13.20
N LEU D 211 15.13 11.25 13.92
CA LEU D 211 15.36 12.67 14.15
C LEU D 211 14.90 13.03 15.54
N GLN D 212 15.16 14.28 15.90
CA GLN D 212 14.91 14.76 17.24
C GLN D 212 14.06 16.01 17.15
N MET D 213 13.07 16.10 18.04
CA MET D 213 12.05 17.12 17.97
C MET D 213 11.98 17.84 19.31
N ASP D 214 11.11 18.84 19.38
CA ASP D 214 10.80 19.47 20.65
C ASP D 214 9.60 18.86 21.33
N TYR D 215 9.11 17.73 20.82
CA TYR D 215 7.95 17.10 21.39
C TYR D 215 8.38 16.00 22.34
N GLN D 240 6.24 48.27 34.44
CA GLN D 240 6.14 49.72 34.31
C GLN D 240 7.20 50.26 33.33
N LEU D 241 6.72 50.74 32.18
CA LEU D 241 7.54 51.27 31.11
C LEU D 241 6.67 52.20 30.27
N ASP D 242 7.32 53.18 29.65
CA ASP D 242 6.68 54.10 28.70
C ASP D 242 6.02 53.34 27.54
N LEU D 243 4.99 53.97 26.96
CA LEU D 243 4.20 53.39 25.88
C LEU D 243 5.02 53.16 24.62
N ARG D 244 6.05 53.97 24.38
CA ARG D 244 6.87 53.80 23.18
C ARG D 244 7.78 52.58 23.28
N VAL D 245 8.45 52.41 24.43
CA VAL D 245 9.26 51.22 24.61
C VAL D 245 8.40 49.97 24.77
N GLN D 246 7.22 50.10 25.41
CA GLN D 246 6.26 49.00 25.44
C GLN D 246 5.76 48.67 24.04
N GLU D 247 5.57 49.71 23.22
CA GLU D 247 5.19 49.54 21.82
C GLU D 247 6.25 48.75 21.06
N LEU D 248 7.52 49.06 21.32
CA LEU D 248 8.61 48.35 20.68
C LEU D 248 8.65 46.89 21.10
N ILE D 249 8.61 46.62 22.41
CA ILE D 249 8.66 45.23 22.88
C ILE D 249 7.43 44.45 22.41
N LYS D 250 6.23 45.05 22.47
CA LYS D 250 5.02 44.37 21.99
C LYS D 250 5.12 44.09 20.51
N LEU D 251 5.78 44.97 19.76
CA LEU D 251 6.06 44.68 18.36
C LEU D 251 6.98 43.47 18.24
N ILE D 252 8.12 43.46 18.95
CA ILE D 252 9.06 42.36 18.75
C ILE D 252 8.72 41.10 19.55
N CYS D 253 8.07 41.21 20.71
CA CYS D 253 7.78 40.05 21.55
C CYS D 253 6.40 39.46 21.31
N ASN D 254 5.76 39.77 20.18
CA ASN D 254 4.38 39.34 19.97
C ASN D 254 4.40 37.85 19.67
N VAL D 255 4.07 37.05 20.70
CA VAL D 255 4.17 35.60 20.62
C VAL D 255 3.19 35.04 19.59
N GLN D 256 2.00 35.64 19.50
CA GLN D 256 1.05 35.35 18.44
C GLN D 256 1.70 35.51 17.07
N ALA D 257 2.37 36.65 16.87
CA ALA D 257 3.09 36.90 15.62
C ALA D 257 4.25 35.95 15.43
N MET D 258 4.91 35.52 16.53
CA MET D 258 5.99 34.55 16.40
C MET D 258 5.46 33.20 15.91
N GLU D 259 4.34 32.74 16.48
CA GLU D 259 3.67 31.56 15.97
C GLU D 259 3.19 31.76 14.53
N GLU D 260 2.77 32.98 14.19
CA GLU D 260 2.40 33.27 12.81
C GLU D 260 3.60 33.11 11.89
N MET D 261 4.77 33.54 12.36
CA MET D 261 5.99 33.34 11.60
C MET D 261 6.34 31.86 11.49
N MET D 262 6.08 31.11 12.57
CA MET D 262 6.38 29.69 12.60
C MET D 262 5.48 28.91 11.64
N MET D 263 4.19 29.23 11.65
CA MET D 263 3.27 28.59 10.72
C MET D 263 3.56 29.03 9.28
N GLU D 264 4.06 30.26 9.14
CA GLU D 264 4.38 30.83 7.81
C GLU D 264 5.63 30.15 7.25
N MET D 265 6.44 29.54 8.13
CA MET D 265 7.68 28.85 7.70
C MET D 265 7.50 27.34 7.88
N LYS D 266 6.24 26.87 7.83
CA LYS D 266 5.94 25.42 7.99
C LYS D 266 4.80 25.03 7.05
N TYR D 267 3.85 25.96 6.82
CA TYR D 267 2.72 25.71 5.94
C TYR D 267 2.60 26.72 4.80
N ASN D 268 3.23 27.88 4.91
CA ASN D 268 3.29 28.80 3.79
C ASN D 268 4.57 28.57 3.00
N THR D 269 5.70 28.65 3.67
CA THR D 269 6.98 28.29 3.08
C THR D 269 7.32 26.95 3.70
N LYS D 270 7.09 25.89 2.93
CA LYS D 270 7.20 24.51 3.39
C LYS D 270 8.68 24.13 3.41
N LYS D 271 9.42 24.70 4.34
CA LYS D 271 10.84 24.40 4.48
C LYS D 271 11.16 23.46 5.62
N ALA D 272 10.37 23.48 6.68
CA ALA D 272 10.55 22.59 7.83
C ALA D 272 9.14 22.13 8.12
N PRO D 273 8.62 21.21 7.30
CA PRO D 273 7.20 20.92 7.28
C PRO D 273 6.61 20.32 8.54
N LEU D 274 7.20 19.23 9.01
CA LEU D 274 6.61 18.44 10.09
C LEU D 274 6.59 19.16 11.43
N GLY D 275 7.55 20.03 11.70
CA GLY D 275 7.60 20.62 13.02
C GLY D 275 8.98 21.19 13.29
N LYS D 276 9.31 21.27 14.58
CA LYS D 276 10.56 21.89 15.00
C LYS D 276 11.66 20.83 15.09
N LEU D 277 12.83 21.25 15.58
CA LEU D 277 14.00 20.41 15.74
C LEU D 277 14.76 20.93 16.96
N THR D 278 15.80 20.20 17.35
CA THR D 278 16.66 20.69 18.43
C THR D 278 17.91 21.31 17.85
N VAL D 279 18.57 22.13 18.70
CA VAL D 279 19.84 22.77 18.37
C VAL D 279 20.90 21.78 17.89
N ALA D 280 20.97 20.61 18.52
CA ALA D 280 22.00 19.64 18.13
C ALA D 280 21.67 19.00 16.80
N GLN D 281 20.39 18.83 16.50
CA GLN D 281 19.99 18.36 15.19
C GLN D 281 20.35 19.37 14.13
N ILE D 282 20.18 20.66 14.46
CA ILE D 282 20.62 21.74 13.59
C ILE D 282 22.13 21.68 13.38
N LYS D 283 22.87 21.36 14.45
CA LYS D 283 24.31 21.20 14.34
C LYS D 283 24.66 20.04 13.42
N ALA D 284 23.88 18.97 13.51
CA ALA D 284 24.06 17.83 12.59
C ALA D 284 23.77 18.26 11.16
N GLY D 285 22.78 19.15 11.00
CA GLY D 285 22.53 19.76 9.72
C GLY D 285 23.74 20.51 9.21
N TYR D 286 24.38 21.26 10.11
CA TYR D 286 25.62 21.98 9.76
C TYR D 286 26.72 21.03 9.36
N GLN D 287 26.84 19.90 10.06
CA GLN D 287 27.83 18.87 9.73
C GLN D 287 27.60 18.34 8.32
N SER D 288 26.34 18.08 7.99
CA SER D 288 26.04 17.58 6.66
C SER D 288 26.27 18.66 5.63
N LEU D 289 26.01 19.91 5.99
CA LEU D 289 26.30 21.03 5.12
C LEU D 289 27.78 21.16 4.87
N LYS D 290 28.58 20.90 5.90
CA LYS D 290 30.02 20.90 5.75
C LYS D 290 30.46 19.84 4.78
N LYS D 291 29.90 18.62 4.91
CA LYS D 291 30.26 17.55 3.99
C LYS D 291 29.83 17.86 2.56
N ILE D 292 28.66 18.48 2.41
CA ILE D 292 28.20 18.87 1.08
C ILE D 292 29.12 19.94 0.50
N GLU D 293 29.54 20.88 1.34
CA GLU D 293 30.46 21.93 0.92
C GLU D 293 31.80 21.36 0.47
N ASP D 294 32.38 20.46 1.27
CA ASP D 294 33.61 19.78 0.88
C ASP D 294 33.43 19.02 -0.44
N CYS D 295 32.33 18.29 -0.55
CA CYS D 295 32.02 17.54 -1.76
C CYS D 295 31.97 18.43 -2.98
N ILE D 296 31.21 19.53 -2.91
CA ILE D 296 31.09 20.41 -4.07
C ILE D 296 32.41 21.13 -4.29
N ARG D 297 33.17 21.37 -3.22
CA ARG D 297 34.51 21.92 -3.32
C ARG D 297 35.44 20.99 -4.09
N ALA D 298 35.11 19.71 -4.18
CA ALA D 298 35.89 18.75 -4.96
C ALA D 298 35.32 18.59 -6.36
N GLY D 299 34.30 19.39 -6.70
CA GLY D 299 33.71 19.45 -8.03
C GLY D 299 33.12 18.18 -8.58
N GLN D 300 32.91 17.19 -7.73
CA GLN D 300 32.37 15.90 -8.14
C GLN D 300 30.89 15.82 -7.78
N HIS D 301 30.06 15.57 -8.80
CA HIS D 301 28.62 15.46 -8.63
C HIS D 301 28.19 14.01 -8.78
N GLY D 302 29.02 13.09 -8.28
CA GLY D 302 28.74 11.69 -8.52
C GLY D 302 27.98 10.98 -7.43
N ARG D 303 28.45 9.79 -7.05
CA ARG D 303 27.65 8.87 -6.26
C ARG D 303 27.66 9.27 -4.79
N ALA D 304 28.87 9.53 -4.27
CA ALA D 304 29.04 10.01 -2.90
C ALA D 304 28.28 11.31 -2.67
N LEU D 305 28.20 12.15 -3.71
CA LEU D 305 27.39 13.35 -3.63
C LEU D 305 25.92 13.01 -3.43
N MET D 306 25.44 11.97 -4.13
CA MET D 306 24.05 11.57 -3.98
C MET D 306 23.77 11.04 -2.57
N GLU D 307 24.69 10.23 -2.03
CA GLU D 307 24.52 9.73 -0.67
C GLU D 307 24.59 10.85 0.35
N ALA D 308 25.46 11.83 0.14
CA ALA D 308 25.56 12.95 1.06
C ALA D 308 24.31 13.83 1.00
N CYS D 309 23.80 14.09 -0.20
CA CYS D 309 22.55 14.81 -0.33
C CYS D 309 21.37 14.06 0.28
N ASN D 310 21.32 12.74 0.09
CA ASN D 310 20.32 11.93 0.77
C ASN D 310 20.45 12.06 2.26
N GLU D 311 21.69 12.09 2.75
CA GLU D 311 21.93 12.25 4.17
C GLU D 311 21.43 13.61 4.66
N PHE D 312 21.70 14.64 3.85
CA PHE D 312 21.22 15.99 4.12
C PHE D 312 19.71 16.07 4.21
N TYR D 313 19.03 15.66 3.13
CA TYR D 313 17.57 15.72 3.09
C TYR D 313 16.92 14.77 4.09
N THR D 314 17.60 13.72 4.53
CA THR D 314 17.04 12.95 5.64
C THR D 314 17.13 13.74 6.92
N ARG D 315 18.26 14.40 7.16
CA ARG D 315 18.41 15.15 8.40
C ARG D 315 17.54 16.39 8.39
N ILE D 316 17.28 16.94 7.21
CA ILE D 316 16.53 18.19 7.09
C ILE D 316 15.29 17.97 6.25
N PRO D 317 14.10 18.11 6.83
CA PRO D 317 12.85 17.72 6.16
C PRO D 317 12.49 18.64 4.98
N HIS D 318 12.29 18.03 3.82
CA HIS D 318 11.86 18.72 2.62
C HIS D 318 10.61 18.08 2.03
N ASP D 319 9.94 18.84 1.17
CA ASP D 319 8.87 18.29 0.34
C ASP D 319 9.15 18.80 -1.06
N PHE D 320 9.46 17.88 -1.96
CA PHE D 320 9.74 18.22 -3.34
C PHE D 320 8.58 17.85 -4.24
N GLY D 321 7.43 17.53 -3.64
CA GLY D 321 6.29 16.98 -4.34
C GLY D 321 6.65 15.75 -5.12
N LEU D 322 6.34 15.77 -6.41
CA LEU D 322 6.58 14.58 -7.21
C LEU D 322 8.03 14.50 -7.65
N ARG D 323 8.62 15.64 -7.97
CA ARG D 323 9.93 15.70 -8.61
C ARG D 323 11.02 15.07 -7.77
N THR D 324 12.06 14.60 -8.45
CA THR D 324 13.25 14.14 -7.79
C THR D 324 13.91 15.32 -7.08
N PRO D 325 14.27 15.17 -5.80
CA PRO D 325 15.07 16.17 -5.09
C PRO D 325 16.31 16.54 -5.86
N PRO D 326 16.54 17.83 -6.08
CA PRO D 326 17.60 18.26 -7.00
C PRO D 326 18.98 18.19 -6.36
N LEU D 327 19.97 18.10 -7.23
CA LEU D 327 21.35 18.17 -6.77
C LEU D 327 21.66 19.60 -6.39
N ILE D 328 22.37 19.77 -5.28
CA ILE D 328 22.82 21.08 -4.86
C ILE D 328 24.09 21.33 -5.65
N ARG D 329 24.02 22.24 -6.59
CA ARG D 329 24.98 22.28 -7.66
C ARG D 329 25.88 23.49 -7.60
N THR D 330 25.41 24.59 -7.06
CA THR D 330 26.20 25.79 -6.90
C THR D 330 26.23 26.19 -5.43
N GLN D 331 26.89 27.32 -5.22
CA GLN D 331 26.99 27.95 -3.91
C GLN D 331 25.66 28.52 -3.47
N LYS D 332 24.85 28.95 -4.44
CA LYS D 332 23.59 29.65 -4.16
C LYS D 332 22.63 28.79 -3.34
N GLU D 333 22.55 27.51 -3.68
CA GLU D 333 21.65 26.63 -2.95
C GLU D 333 22.17 26.39 -1.55
N LEU D 334 23.49 26.28 -1.42
CA LEU D 334 24.12 26.24 -0.12
C LEU D 334 23.73 27.46 0.72
N SER D 335 23.84 28.64 0.12
CA SER D 335 23.60 29.88 0.85
C SER D 335 22.14 30.03 1.27
N GLU D 336 21.21 29.66 0.41
CA GLU D 336 19.81 29.72 0.82
C GLU D 336 19.52 28.75 1.94
N LYS D 337 20.10 27.54 1.88
CA LYS D 337 19.97 26.62 3.00
C LYS D 337 20.52 27.23 4.28
N ILE D 338 21.62 27.98 4.16
CA ILE D 338 22.21 28.63 5.33
C ILE D 338 21.25 29.64 5.92
N GLN D 339 20.61 30.44 5.06
CA GLN D 339 19.66 31.44 5.53
C GLN D 339 18.46 30.78 6.17
N LEU D 340 18.00 29.69 5.57
CA LEU D 340 16.97 28.85 6.15
C LEU D 340 17.35 28.40 7.54
N LEU D 341 18.55 27.87 7.69
CA LEU D 341 18.99 27.34 8.97
C LEU D 341 19.15 28.43 10.00
N GLU D 342 19.57 29.62 9.57
CA GLU D 342 19.60 30.75 10.47
C GLU D 342 18.22 31.09 10.95
N ALA D 343 17.24 31.04 10.05
CA ALA D 343 15.86 31.27 10.44
C ALA D 343 15.40 30.19 11.42
N LEU D 344 15.82 28.95 11.20
CA LEU D 344 15.50 27.85 12.10
C LEU D 344 16.07 28.06 13.49
N GLY D 345 17.36 28.37 13.56
CA GLY D 345 18.00 28.64 14.84
C GLY D 345 17.37 29.81 15.56
N ASP D 346 16.97 30.83 14.79
CA ASP D 346 16.27 31.98 15.35
C ASP D 346 14.95 31.56 15.94
N ILE D 347 14.21 30.68 15.24
CA ILE D 347 12.95 30.17 15.76
C ILE D 347 13.17 29.42 17.07
N GLU D 348 14.22 28.59 17.14
CA GLU D 348 14.52 27.85 18.37
C GLU D 348 14.78 28.78 19.53
N ILE D 349 15.73 29.70 19.34
CA ILE D 349 16.13 30.59 20.40
C ILE D 349 15.01 31.57 20.73
N ALA D 350 14.18 31.93 19.75
CA ALA D 350 13.12 32.89 19.97
C ALA D 350 12.00 32.28 20.80
N ILE D 351 11.57 31.06 20.45
CA ILE D 351 10.49 30.45 21.22
C ILE D 351 10.98 30.05 22.59
N LYS D 352 12.26 29.73 22.73
CA LYS D 352 12.80 29.54 24.07
C LYS D 352 12.80 30.85 24.86
N LEU D 353 13.14 31.96 24.21
CA LEU D 353 13.30 33.20 24.96
C LEU D 353 11.97 33.90 25.24
N VAL D 354 10.96 33.73 24.38
CA VAL D 354 9.70 34.45 24.56
C VAL D 354 8.82 33.72 25.59
N LYS D 355 9.39 32.74 26.27
CA LYS D 355 8.74 32.01 27.35
C LYS D 355 8.27 32.96 28.43
N THR D 356 6.97 32.95 28.66
CA THR D 356 6.38 33.80 29.67
C THR D 356 6.72 33.26 31.05
N GLU D 357 6.54 34.11 32.07
CA GLU D 357 7.00 33.76 33.39
C GLU D 357 5.89 34.04 34.41
N LEU D 358 5.90 33.28 35.51
CA LEU D 358 4.85 33.44 36.55
C LEU D 358 5.29 34.49 37.59
N GLN D 359 5.23 34.10 38.88
CA GLN D 359 5.62 34.95 40.05
C GLN D 359 4.90 36.30 40.04
N SER D 360 3.62 36.33 39.66
CA SER D 360 2.80 37.54 39.64
C SER D 360 3.47 38.68 38.88
N PRO D 361 3.61 38.60 37.56
CA PRO D 361 4.27 39.70 36.85
C PRO D 361 3.37 40.85 36.46
N GLU D 362 2.07 40.57 36.22
CA GLU D 362 0.99 41.50 35.83
C GLU D 362 1.23 42.20 34.48
N HIS D 363 2.37 41.93 33.85
CA HIS D 363 2.76 42.45 32.55
C HIS D 363 3.91 41.58 32.05
N PRO D 364 3.61 40.47 31.36
CA PRO D 364 4.66 39.52 30.93
C PRO D 364 5.73 40.11 30.02
N LEU D 365 5.37 41.12 29.21
CA LEU D 365 6.36 41.84 28.41
C LEU D 365 7.45 42.50 29.25
N ASP D 366 7.23 42.76 30.55
CA ASP D 366 8.31 43.28 31.38
C ASP D 366 9.36 42.20 31.65
N GLN D 367 8.94 40.95 31.83
CA GLN D 367 9.91 39.87 31.93
C GLN D 367 10.57 39.60 30.60
N HIS D 368 9.82 39.72 29.50
CA HIS D 368 10.42 39.71 28.16
C HIS D 368 11.46 40.81 28.01
N TYR D 369 11.20 41.98 28.59
CA TYR D 369 12.15 43.09 28.62
C TYR D 369 13.37 42.75 29.46
N ARG D 370 13.16 42.11 30.61
CA ARG D 370 14.26 41.55 31.38
C ARG D 370 15.11 40.59 30.55
N ASN D 371 14.44 39.74 29.75
CA ASN D 371 15.14 38.83 28.85
C ASN D 371 15.94 39.59 27.79
N LEU D 372 15.49 40.78 27.42
CA LEU D 372 16.31 41.63 26.56
C LEU D 372 17.55 42.11 27.32
N HIS D 373 17.34 42.60 28.55
CA HIS D 373 18.36 43.17 29.43
C HIS D 373 19.22 44.21 28.70
N CYS D 374 18.52 45.10 28.00
CA CYS D 374 19.14 46.07 27.11
C CYS D 374 18.33 47.36 27.19
N ALA D 375 18.94 48.41 27.73
CA ALA D 375 18.21 49.67 27.92
C ALA D 375 17.91 50.32 26.57
N LEU D 376 16.66 50.70 26.37
CA LEU D 376 16.20 51.29 25.12
C LEU D 376 15.44 52.56 25.45
N ARG D 377 16.02 53.69 25.11
CA ARG D 377 15.44 54.95 25.57
C ARG D 377 14.84 55.76 24.42
N PRO D 378 13.67 56.36 24.62
CA PRO D 378 13.08 57.19 23.58
C PRO D 378 13.77 58.55 23.49
N LEU D 379 14.01 58.99 22.26
CA LEU D 379 14.66 60.28 22.01
C LEU D 379 13.65 61.26 21.41
N ASP D 380 13.80 62.54 21.76
CA ASP D 380 12.96 63.59 21.19
C ASP D 380 13.38 63.92 19.77
N HIS D 381 12.39 64.28 18.95
CA HIS D 381 12.63 64.61 17.54
C HIS D 381 13.43 65.89 17.36
N GLU D 382 13.41 66.78 18.35
CA GLU D 382 14.01 68.10 18.19
C GLU D 382 15.51 68.12 18.49
N SER D 383 16.06 67.05 19.07
CA SER D 383 17.49 66.98 19.33
C SER D 383 18.31 66.94 18.04
N TYR D 384 19.53 67.50 18.14
CA TYR D 384 20.51 67.50 17.06
C TYR D 384 20.79 66.11 16.49
N GLU D 385 20.98 65.12 17.36
CA GLU D 385 21.35 63.78 16.91
C GLU D 385 20.21 63.13 16.14
N PHE D 386 18.97 63.34 16.60
CA PHE D 386 17.81 62.80 15.91
C PHE D 386 17.70 63.42 14.53
N LYS D 387 17.92 64.73 14.45
CA LYS D 387 17.89 65.46 13.18
C LYS D 387 18.94 64.94 12.21
N VAL D 388 20.19 64.77 12.69
CA VAL D 388 21.25 64.32 11.79
C VAL D 388 21.02 62.87 11.35
N ILE D 389 20.51 62.03 12.24
CA ILE D 389 20.20 60.65 11.84
C ILE D 389 19.04 60.60 10.84
N SER D 390 18.01 61.43 11.03
CA SER D 390 16.93 61.47 10.05
C SER D 390 17.42 62.00 8.70
N GLN D 391 18.23 63.05 8.74
CA GLN D 391 18.88 63.58 7.56
C GLN D 391 19.80 62.52 6.94
N TYR D 392 20.44 61.72 7.78
CA TYR D 392 21.29 60.63 7.33
C TYR D 392 20.47 59.56 6.62
N LEU D 393 19.30 59.25 7.19
CA LEU D 393 18.34 58.34 6.57
C LEU D 393 17.97 58.84 5.19
N GLN D 394 17.72 60.13 5.06
CA GLN D 394 17.24 60.66 3.79
C GLN D 394 18.36 60.76 2.76
N SER D 395 19.51 61.29 3.16
CA SER D 395 20.65 61.50 2.25
C SER D 395 21.17 60.20 1.64
N THR D 396 21.03 59.08 2.35
CA THR D 396 21.54 57.81 1.85
C THR D 396 20.41 56.91 1.34
N HIS D 397 19.29 57.50 0.96
CA HIS D 397 18.23 56.76 0.30
C HIS D 397 18.68 56.39 -1.10
N ALA D 398 18.97 55.11 -1.29
CA ALA D 398 19.37 54.57 -2.59
C ALA D 398 18.32 54.90 -3.66
N PRO D 399 18.74 55.27 -4.87
CA PRO D 399 17.77 55.64 -5.90
C PRO D 399 17.06 54.46 -6.54
N THR D 400 17.64 53.27 -6.50
CA THR D 400 17.01 52.10 -7.08
C THR D 400 16.13 51.36 -6.09
N HIS D 401 15.82 51.97 -4.96
CA HIS D 401 14.89 51.40 -4.00
C HIS D 401 13.79 52.42 -3.80
N SER D 402 13.32 52.98 -4.91
CA SER D 402 12.44 54.14 -4.91
C SER D 402 10.98 53.75 -4.94
N ASP D 403 10.69 52.44 -4.91
CA ASP D 403 9.35 51.92 -4.75
C ASP D 403 8.78 52.19 -3.36
N TYR D 404 9.63 52.66 -2.46
CA TYR D 404 9.27 53.02 -1.11
C TYR D 404 10.24 54.11 -0.69
N THR D 405 9.81 54.89 0.28
CA THR D 405 10.69 55.79 1.00
C THR D 405 10.79 55.29 2.44
N MET D 406 11.54 56.04 3.24
CA MET D 406 11.72 55.71 4.63
C MET D 406 11.58 56.98 5.44
N THR D 407 10.77 56.91 6.51
CA THR D 407 10.56 58.04 7.39
C THR D 407 11.10 57.68 8.77
N LEU D 408 11.81 58.60 9.39
CA LEU D 408 12.23 58.38 10.75
C LEU D 408 11.05 58.71 11.66
N LEU D 409 10.43 57.68 12.23
CA LEU D 409 9.35 57.95 13.15
C LEU D 409 9.91 58.33 14.50
N ASP D 410 10.88 57.56 14.98
CA ASP D 410 11.52 57.80 16.26
C ASP D 410 12.86 57.07 16.24
N LEU D 411 13.69 57.38 17.23
CA LEU D 411 15.02 56.81 17.30
C LEU D 411 15.22 56.33 18.72
N PHE D 412 15.71 55.10 18.87
CA PHE D 412 15.82 54.48 20.18
C PHE D 412 17.27 54.37 20.56
N GLU D 413 17.56 54.67 21.82
CA GLU D 413 18.89 54.50 22.35
C GLU D 413 19.06 53.07 22.81
N VAL D 414 20.19 52.48 22.47
CA VAL D 414 20.48 51.08 22.72
C VAL D 414 21.62 51.02 23.72
N GLU D 415 21.44 50.21 24.76
CA GLU D 415 22.46 50.02 25.78
C GLU D 415 22.50 48.52 26.08
N LYS D 416 23.44 47.84 25.41
CA LYS D 416 23.64 46.41 25.52
C LYS D 416 24.73 46.16 26.55
N ASP D 417 24.40 45.36 27.57
CA ASP D 417 25.33 45.12 28.67
C ASP D 417 26.55 44.33 28.20
N GLY D 418 27.72 44.69 28.77
CA GLY D 418 28.95 44.00 28.50
C GLY D 418 29.73 44.44 27.28
N GLU D 419 29.10 45.13 26.33
CA GLU D 419 29.81 45.52 25.11
C GLU D 419 30.79 46.66 25.36
N LYS D 420 30.47 47.56 26.31
CA LYS D 420 31.30 48.74 26.58
C LYS D 420 32.73 48.35 26.96
N GLU D 421 32.87 47.42 27.92
CA GLU D 421 34.19 46.89 28.22
C GLU D 421 34.75 46.07 27.05
N ALA D 422 33.86 45.49 26.25
CA ALA D 422 34.30 44.61 25.19
C ALA D 422 34.62 45.35 23.89
N PHE D 423 34.03 46.52 23.67
CA PHE D 423 34.18 47.24 22.40
C PHE D 423 35.62 47.64 22.11
N ARG D 424 36.05 47.44 20.86
CA ARG D 424 37.39 47.78 20.40
C ARG D 424 37.52 49.28 20.07
N GLU D 425 37.51 50.10 21.13
CA GLU D 425 37.73 51.54 20.96
C GLU D 425 39.12 51.86 20.42
N ASP D 426 40.08 50.95 20.63
CA ASP D 426 41.46 51.15 20.21
C ASP D 426 41.60 51.29 18.70
N LEU D 427 40.71 50.69 17.93
CA LEU D 427 40.89 50.65 16.49
C LEU D 427 40.38 51.92 15.83
N HIS D 428 41.13 52.39 14.84
CA HIS D 428 40.76 53.58 14.08
C HIS D 428 39.70 53.21 13.06
N ASN D 429 39.36 54.20 12.22
CA ASN D 429 38.44 54.05 11.09
C ASN D 429 37.06 53.62 11.60
N ARG D 430 36.55 54.40 12.54
CA ARG D 430 35.30 54.09 13.22
C ARG D 430 34.16 54.72 12.44
N MET D 431 33.20 53.90 12.00
CA MET D 431 32.08 54.50 11.27
C MET D 431 30.76 53.95 11.78
N LEU D 432 29.71 54.72 11.51
CA LEU D 432 28.34 54.40 11.91
C LEU D 432 27.65 53.71 10.73
N LEU D 433 27.19 52.49 10.96
CA LEU D 433 26.76 51.63 9.87
C LEU D 433 25.37 51.06 10.15
N TRP D 434 24.65 50.81 9.06
CA TRP D 434 23.27 50.36 9.12
C TRP D 434 23.21 48.85 9.26
N HIS D 435 22.10 48.38 9.82
CA HIS D 435 21.76 46.97 9.76
C HIS D 435 20.27 46.79 9.90
N GLY D 436 19.67 46.13 8.90
CA GLY D 436 18.27 45.79 8.91
C GLY D 436 18.13 44.28 9.04
N SER D 437 17.01 43.85 9.60
CA SER D 437 16.66 42.46 9.77
C SER D 437 15.18 42.41 10.08
N ARG D 438 14.60 41.21 9.92
CA ARG D 438 13.15 41.00 10.06
C ARG D 438 12.65 41.40 11.45
N MET D 439 11.36 41.75 11.50
CA MET D 439 10.71 42.21 12.72
C MET D 439 10.86 41.26 13.92
N SER D 440 10.98 39.97 13.67
CA SER D 440 10.85 39.02 14.77
C SER D 440 12.15 38.84 15.55
N ASN D 441 13.30 38.78 14.88
CA ASN D 441 14.53 38.39 15.55
C ASN D 441 15.14 39.48 16.45
N TRP D 442 14.57 40.69 16.43
CA TRP D 442 15.14 41.82 17.16
C TRP D 442 15.22 41.53 18.65
N VAL D 443 14.17 40.88 19.17
CA VAL D 443 14.11 40.48 20.58
C VAL D 443 15.26 39.55 20.95
N GLY D 444 15.68 38.69 20.02
CA GLY D 444 16.86 37.88 20.26
C GLY D 444 18.11 38.71 20.23
N ILE D 445 18.18 39.60 19.23
CA ILE D 445 19.35 40.46 19.04
C ILE D 445 19.49 41.40 20.22
N LEU D 446 18.39 41.99 20.65
CA LEU D 446 18.41 42.83 21.84
C LEU D 446 18.69 42.02 23.09
N SER D 447 18.47 40.71 23.04
CA SER D 447 18.92 39.84 24.10
C SER D 447 20.37 39.41 23.89
N HIS D 448 20.82 39.25 22.65
CA HIS D 448 22.12 38.64 22.41
C HIS D 448 23.07 39.41 21.52
N GLY D 449 22.65 40.47 20.84
CA GLY D 449 23.51 41.06 19.83
C GLY D 449 23.55 40.21 18.59
N LEU D 450 24.22 40.68 17.56
CA LEU D 450 24.34 39.89 16.35
C LEU D 450 25.40 38.83 16.55
N ARG D 451 25.26 37.74 15.84
CA ARG D 451 26.14 36.60 16.01
C ARG D 451 26.94 36.39 14.74
N ILE D 452 28.16 35.87 14.90
CA ILE D 452 29.07 35.62 13.73
C ILE D 452 28.78 34.23 13.18
N ALA D 453 29.12 33.99 11.91
CA ALA D 453 28.89 32.69 11.26
C ALA D 453 29.52 31.58 12.11
N PRO D 454 28.80 30.47 12.41
CA PRO D 454 29.34 29.39 13.22
C PRO D 454 30.45 28.62 12.48
N PRO D 455 31.55 28.23 13.15
CA PRO D 455 32.65 27.50 12.50
C PRO D 455 32.14 26.27 11.74
N GLU D 456 31.27 25.48 12.38
CA GLU D 456 30.70 24.25 11.76
C GLU D 456 30.12 24.60 10.38
N ALA D 457 29.29 25.64 10.31
CA ALA D 457 28.68 26.07 9.03
C ALA D 457 29.77 26.31 7.98
N PRO D 458 29.63 25.79 6.74
CA PRO D 458 30.63 25.99 5.69
C PRO D 458 31.02 27.47 5.52
N ILE D 459 32.32 27.76 5.46
CA ILE D 459 32.81 29.12 5.31
C ILE D 459 32.40 29.69 3.95
N THR D 460 32.36 28.85 2.93
CA THR D 460 32.28 29.35 1.56
C THR D 460 30.92 29.91 1.17
N GLY D 461 29.89 29.79 2.02
CA GLY D 461 28.60 30.37 1.68
C GLY D 461 28.53 31.87 1.76
N TYR D 462 29.40 32.49 2.55
CA TYR D 462 29.43 33.94 2.73
C TYR D 462 30.52 34.52 1.82
N MET D 463 30.08 35.24 0.78
CA MET D 463 30.88 35.79 -0.31
C MET D 463 32.12 36.56 0.10
N PHE D 464 32.21 37.06 1.31
CA PHE D 464 33.45 37.63 1.79
C PHE D 464 33.82 37.02 3.12
N GLY D 465 33.34 35.82 3.36
CA GLY D 465 33.65 35.15 4.60
C GLY D 465 32.64 35.52 5.65
N LYS D 466 32.84 34.96 6.84
CA LYS D 466 31.84 35.03 7.89
C LYS D 466 31.93 36.36 8.64
N GLY D 467 31.24 36.46 9.76
CA GLY D 467 31.24 37.66 10.55
C GLY D 467 29.88 38.34 10.58
N ILE D 468 29.91 39.62 10.91
CA ILE D 468 28.72 40.45 11.02
C ILE D 468 28.65 41.41 9.84
N TYR D 469 27.43 41.62 9.34
CA TYR D 469 27.16 42.35 8.11
C TYR D 469 26.54 43.71 8.43
N PHE D 470 27.12 44.77 7.88
CA PHE D 470 26.61 46.12 8.00
C PHE D 470 26.73 46.82 6.65
N ALA D 471 25.84 47.78 6.42
CA ALA D 471 25.95 48.60 5.23
C ALA D 471 26.19 50.05 5.60
N ASP D 472 26.66 50.78 4.59
CA ASP D 472 26.72 52.22 4.61
C ASP D 472 25.59 52.80 3.78
N MET D 473 24.75 51.95 3.22
CA MET D 473 23.59 52.36 2.45
C MET D 473 22.35 52.04 3.27
N SER D 474 21.57 53.08 3.58
CA SER D 474 20.41 52.90 4.44
C SER D 474 19.38 51.98 3.80
N SER D 475 19.07 52.22 2.53
CA SER D 475 17.98 51.49 1.88
C SER D 475 18.37 50.06 1.55
N LYS D 476 19.65 49.83 1.24
CA LYS D 476 20.13 48.50 0.90
C LYS D 476 20.04 47.55 2.10
N SER D 477 20.60 47.99 3.24
CA SER D 477 20.44 47.26 4.49
C SER D 477 18.97 47.21 4.91
N ALA D 478 18.27 48.33 4.74
CA ALA D 478 16.87 48.49 5.11
C ALA D 478 15.96 47.54 4.37
N ASN D 479 16.41 47.02 3.22
CA ASN D 479 15.65 46.01 2.50
C ASN D 479 15.46 44.74 3.31
N TYR D 480 16.35 44.46 4.27
CA TYR D 480 16.37 43.20 5.00
C TYR D 480 15.41 43.18 6.19
N CYS D 481 14.62 44.24 6.37
CA CYS D 481 13.70 44.34 7.50
C CYS D 481 12.37 43.63 7.29
N PHE D 482 12.02 43.33 6.03
CA PHE D 482 10.73 42.74 5.63
C PHE D 482 9.54 43.56 6.07
N ALA D 483 9.62 44.88 5.91
CA ALA D 483 8.43 45.70 6.06
C ALA D 483 7.48 45.44 4.90
N SER D 484 6.23 45.90 5.07
CA SER D 484 5.17 45.53 4.15
C SER D 484 4.34 46.74 3.79
N ARG D 485 3.46 46.53 2.81
CA ARG D 485 2.51 47.56 2.47
C ARG D 485 1.49 47.72 3.59
N LEU D 486 0.99 46.60 4.09
CA LEU D 486 0.10 46.62 5.24
C LEU D 486 0.88 46.94 6.51
N LYS D 487 2.12 46.47 6.60
CA LYS D 487 2.95 46.66 7.79
C LYS D 487 4.05 47.63 7.37
N ASN D 488 3.75 48.92 7.48
CA ASN D 488 4.63 49.97 6.97
C ASN D 488 5.70 50.36 7.97
N THR D 489 5.76 49.70 9.11
CA THR D 489 6.66 50.04 10.20
C THR D 489 7.84 49.09 10.21
N GLY D 490 9.06 49.63 10.23
CA GLY D 490 10.26 48.83 10.37
C GLY D 490 11.22 49.39 11.40
N LEU D 491 12.16 48.55 11.79
CA LEU D 491 13.24 48.96 12.68
C LEU D 491 14.55 48.89 11.92
N LEU D 492 15.41 49.87 12.15
CA LEU D 492 16.78 49.83 11.67
C LEU D 492 17.71 50.00 12.84
N LEU D 493 18.80 49.24 12.87
CA LEU D 493 19.80 49.47 13.89
C LEU D 493 20.99 50.18 13.27
N LEU D 494 21.52 51.17 13.97
CA LEU D 494 22.80 51.73 13.64
C LEU D 494 23.82 51.26 14.67
N SER D 495 24.96 50.82 14.19
CA SER D 495 26.03 50.39 15.08
C SER D 495 27.32 51.07 14.69
N GLU D 496 28.13 51.41 15.69
CA GLU D 496 29.48 51.89 15.45
C GLU D 496 30.38 50.68 15.25
N VAL D 497 31.00 50.59 14.07
CA VAL D 497 31.91 49.50 13.75
C VAL D 497 33.24 50.14 13.37
N ALA D 498 34.29 49.75 14.08
CA ALA D 498 35.65 50.20 13.81
C ALA D 498 36.25 49.29 12.75
N LEU D 499 36.36 49.80 11.51
CA LEU D 499 36.91 48.98 10.45
C LEU D 499 38.40 48.70 10.66
N GLY D 500 39.08 49.57 11.40
CA GLY D 500 40.53 49.45 11.58
C GLY D 500 41.18 49.58 10.23
N GLN D 501 42.20 48.79 10.00
CA GLN D 501 42.71 48.70 8.65
C GLN D 501 41.73 47.80 7.93
N CYS D 502 40.89 48.39 7.08
CA CYS D 502 39.91 47.63 6.35
C CYS D 502 40.55 47.14 5.05
N ASN D 503 40.22 45.91 4.66
CA ASN D 503 40.65 45.36 3.38
C ASN D 503 39.66 45.68 2.28
N GLU D 504 40.17 46.14 1.15
CA GLU D 504 39.32 46.51 0.04
C GLU D 504 39.12 45.26 -0.80
N LEU D 505 37.87 44.94 -1.08
CA LEU D 505 37.55 43.75 -1.86
C LEU D 505 36.67 44.15 -3.01
N LEU D 506 37.10 43.79 -4.21
CA LEU D 506 36.36 44.04 -5.42
C LEU D 506 35.37 42.93 -5.71
N GLU D 507 35.80 41.69 -5.58
CA GLU D 507 35.01 40.53 -5.98
C GLU D 507 34.84 39.61 -4.78
N ALA D 508 33.68 38.94 -4.76
CA ALA D 508 33.34 37.93 -3.78
C ALA D 508 34.46 36.90 -3.61
N ASN D 509 34.90 36.74 -2.38
CA ASN D 509 35.88 35.69 -2.06
C ASN D 509 35.70 35.34 -0.59
N PRO D 510 35.04 34.22 -0.30
CA PRO D 510 34.86 33.77 1.09
C PRO D 510 36.14 33.53 1.90
N LYS D 511 37.32 33.54 1.27
CA LYS D 511 38.56 33.23 1.96
C LYS D 511 39.20 34.47 2.57
N ALA D 512 38.43 35.56 2.65
CA ALA D 512 38.88 36.85 3.18
C ALA D 512 39.46 36.79 4.59
N GLU D 513 39.08 35.80 5.40
CA GLU D 513 39.57 35.74 6.79
C GLU D 513 41.06 35.49 6.83
N GLY D 514 41.58 34.71 5.88
CA GLY D 514 43.01 34.56 5.79
C GLY D 514 43.67 35.82 5.29
N LEU D 515 42.94 36.62 4.52
CA LEU D 515 43.49 37.83 3.91
C LEU D 515 43.69 38.99 4.88
N LEU D 516 43.32 38.86 6.16
CA LEU D 516 43.51 40.00 7.07
C LEU D 516 44.99 40.27 7.32
N GLN D 517 45.67 39.34 7.99
CA GLN D 517 47.07 39.45 8.44
C GLN D 517 47.37 40.80 9.07
N GLY D 518 46.76 41.10 10.21
CA GLY D 518 46.92 42.36 10.88
C GLY D 518 45.80 43.35 10.62
N LYS D 519 45.13 43.22 9.49
CA LYS D 519 43.94 44.01 9.22
C LYS D 519 42.79 43.52 10.08
N HIS D 520 41.71 44.30 10.16
CA HIS D 520 40.68 43.99 11.14
C HIS D 520 39.26 43.85 10.62
N SER D 521 38.98 44.25 9.38
CA SER D 521 37.64 44.14 8.84
C SER D 521 37.73 44.23 7.33
N THR D 522 36.67 43.78 6.65
CA THR D 522 36.64 43.86 5.20
C THR D 522 35.51 44.73 4.67
N LYS D 523 35.81 45.45 3.59
CA LYS D 523 34.84 46.23 2.84
C LYS D 523 34.74 45.70 1.41
N GLY D 524 33.52 45.45 0.97
CA GLY D 524 33.24 45.08 -0.39
C GLY D 524 32.90 46.33 -1.18
N LEU D 525 33.65 46.57 -2.24
CA LEU D 525 33.77 47.87 -2.89
C LEU D 525 32.71 48.10 -3.94
N GLY D 526 31.71 48.91 -3.59
CA GLY D 526 30.63 49.24 -4.51
C GLY D 526 30.87 50.46 -5.37
N LYS D 527 30.18 50.50 -6.51
CA LYS D 527 30.28 51.61 -7.44
C LYS D 527 29.77 52.93 -6.84
N MET D 528 28.61 52.90 -6.19
CA MET D 528 27.95 54.08 -5.65
C MET D 528 27.99 54.04 -4.13
N ALA D 529 28.32 55.18 -3.52
CA ALA D 529 28.63 55.27 -2.10
C ALA D 529 28.81 56.72 -1.72
N PRO D 530 28.59 57.11 -0.47
CA PRO D 530 28.88 58.48 -0.06
C PRO D 530 30.37 58.77 -0.06
N SER D 531 30.70 60.05 -0.29
CA SER D 531 32.07 60.53 -0.30
C SER D 531 32.37 61.25 1.01
N SER D 532 33.60 61.08 1.50
CA SER D 532 34.02 61.50 2.84
C SER D 532 33.88 63.01 3.09
N ALA D 533 33.76 63.84 2.05
CA ALA D 533 33.62 65.28 2.24
C ALA D 533 32.32 65.65 2.95
N HIS D 534 31.26 64.88 2.77
CA HIS D 534 29.97 65.20 3.35
C HIS D 534 29.74 64.54 4.71
N PHE D 535 30.74 63.84 5.23
CA PHE D 535 30.55 63.03 6.42
C PHE D 535 30.38 63.91 7.65
N VAL D 536 29.56 63.45 8.59
CA VAL D 536 29.32 64.20 9.81
C VAL D 536 29.75 63.37 11.02
N THR D 537 29.46 63.83 12.24
CA THR D 537 29.95 63.17 13.44
C THR D 537 28.82 62.96 14.44
N LEU D 538 28.90 61.85 15.19
CA LEU D 538 27.97 61.54 16.28
C LEU D 538 28.80 61.01 17.43
N ASN D 539 28.88 61.79 18.51
CA ASN D 539 29.58 61.43 19.75
C ASN D 539 31.04 61.05 19.48
N GLY D 540 31.69 61.80 18.59
CA GLY D 540 33.05 61.49 18.23
C GLY D 540 33.22 60.29 17.32
N SER D 541 32.14 59.71 16.83
CA SER D 541 32.21 58.68 15.81
C SER D 541 31.94 59.30 14.44
N THR D 542 32.64 58.79 13.43
CA THR D 542 32.44 59.28 12.06
C THR D 542 31.15 58.69 11.51
N VAL D 543 30.30 59.56 10.97
CA VAL D 543 29.02 59.22 10.37
C VAL D 543 29.16 59.38 8.87
N PRO D 544 29.17 58.30 8.10
CA PRO D 544 29.39 58.44 6.66
C PRO D 544 28.13 58.89 5.94
N LEU D 545 27.86 60.19 6.07
CA LEU D 545 26.69 60.83 5.51
C LEU D 545 26.75 60.84 3.99
N GLY D 546 25.57 60.82 3.36
CA GLY D 546 25.48 60.80 1.92
C GLY D 546 25.49 62.18 1.31
N PRO D 547 25.01 62.32 0.04
CA PRO D 547 24.43 61.36 -0.91
C PRO D 547 25.40 60.36 -1.52
N ALA D 548 24.87 59.28 -2.08
CA ALA D 548 25.71 58.37 -2.82
C ALA D 548 26.16 59.02 -4.12
N SER D 549 27.42 58.78 -4.47
CA SER D 549 28.02 59.24 -5.69
C SER D 549 29.03 58.17 -6.09
N ASP D 550 29.58 58.31 -7.27
CA ASP D 550 30.57 57.34 -7.70
C ASP D 550 31.86 57.53 -6.92
N THR D 551 32.53 56.42 -6.66
CA THR D 551 33.79 56.39 -5.97
C THR D 551 34.95 56.17 -6.92
N GLY D 552 34.66 56.10 -8.22
CA GLY D 552 35.66 55.93 -9.26
C GLY D 552 36.43 54.64 -9.26
N ILE D 553 35.93 53.63 -8.58
CA ILE D 553 36.50 52.28 -8.65
C ILE D 553 35.76 51.50 -9.73
N LEU D 554 36.51 50.72 -10.50
CA LEU D 554 35.94 49.96 -11.60
C LEU D 554 36.63 48.61 -11.64
N ASN D 555 36.07 47.70 -12.43
CA ASN D 555 36.50 46.31 -12.42
C ASN D 555 36.91 45.89 -13.81
N PRO D 556 38.19 45.63 -14.05
CA PRO D 556 38.66 45.17 -15.36
C PRO D 556 38.58 43.67 -15.60
N ASP D 557 37.90 42.89 -14.76
CA ASP D 557 37.75 41.46 -15.04
C ASP D 557 36.29 41.02 -15.05
N GLY D 558 35.47 41.58 -14.17
CA GLY D 558 34.09 41.17 -14.07
C GLY D 558 33.16 42.34 -13.78
N TYR D 559 32.12 42.08 -13.01
CA TYR D 559 31.15 43.11 -12.69
C TYR D 559 31.73 44.06 -11.64
N THR D 560 30.98 45.10 -11.33
CA THR D 560 31.35 46.02 -10.26
C THR D 560 30.19 46.08 -9.29
N LEU D 561 30.50 45.98 -8.00
CA LEU D 561 29.49 46.00 -6.95
C LEU D 561 28.69 47.29 -6.97
N ASN D 562 27.39 47.18 -6.78
CA ASN D 562 26.54 48.35 -6.77
C ASN D 562 26.85 49.24 -5.58
N TYR D 563 26.96 48.67 -4.38
CA TYR D 563 27.15 49.45 -3.17
C TYR D 563 28.09 48.72 -2.23
N ASN D 564 28.80 49.49 -1.42
CA ASN D 564 29.75 48.97 -0.45
C ASN D 564 29.03 48.15 0.62
N GLU D 565 29.80 47.26 1.25
CA GLU D 565 29.33 46.58 2.45
C GLU D 565 30.51 46.35 3.37
N TYR D 566 30.22 46.26 4.66
CA TYR D 566 31.24 46.09 5.67
C TYR D 566 30.97 44.81 6.43
N ILE D 567 32.00 43.98 6.58
CA ILE D 567 31.89 42.71 7.26
C ILE D 567 32.98 42.70 8.33
N VAL D 568 32.61 42.33 9.55
CA VAL D 568 33.57 42.26 10.63
C VAL D 568 33.64 40.82 11.12
N TYR D 569 34.73 40.49 11.80
CA TYR D 569 34.96 39.13 12.25
C TYR D 569 34.98 39.11 13.76
N ASN D 570 35.76 39.99 14.36
CA ASN D 570 35.70 40.21 15.78
C ASN D 570 34.37 40.86 16.13
N PRO D 571 33.56 40.23 16.98
CA PRO D 571 32.33 40.90 17.42
C PRO D 571 32.61 42.14 18.24
N ASN D 572 33.76 42.16 18.92
CA ASN D 572 34.18 43.28 19.75
C ASN D 572 34.44 44.56 18.99
N GLN D 573 34.47 44.52 17.65
CA GLN D 573 34.63 45.72 16.86
C GLN D 573 33.28 46.35 16.52
N VAL D 574 32.22 45.93 17.19
CA VAL D 574 30.86 46.42 16.98
C VAL D 574 30.31 46.94 18.30
N ARG D 575 29.72 48.13 18.28
CA ARG D 575 29.05 48.72 19.43
C ARG D 575 27.75 49.31 18.92
N MET D 576 26.64 48.62 19.23
CA MET D 576 25.29 49.09 18.83
C MET D 576 25.05 50.44 19.51
N ARG D 577 24.69 51.46 18.73
CA ARG D 577 24.48 52.82 19.31
C ARG D 577 22.99 53.16 19.38
N TYR D 578 22.29 53.16 18.23
CA TYR D 578 20.89 53.54 18.21
C TYR D 578 20.11 52.59 17.33
N LEU D 579 18.84 52.42 17.67
CA LEU D 579 17.90 51.68 16.85
C LEU D 579 16.92 52.69 16.28
N LEU D 580 16.65 52.57 15.00
CA LEU D 580 15.86 53.54 14.26
C LEU D 580 14.46 52.96 14.10
N LYS D 581 13.46 53.72 14.50
CA LYS D 581 12.08 53.35 14.24
C LYS D 581 11.73 54.04 12.93
N VAL D 582 11.43 53.25 11.91
CA VAL D 582 11.34 53.75 10.55
C VAL D 582 10.02 53.30 9.97
N GLN D 583 9.24 54.25 9.46
CA GLN D 583 8.09 53.87 8.66
C GLN D 583 8.59 53.68 7.25
N PHE D 584 8.58 52.43 6.81
CA PHE D 584 8.84 52.16 5.41
C PHE D 584 7.55 52.49 4.69
N ASN D 585 7.58 53.54 3.89
CA ASN D 585 6.37 54.06 3.31
C ASN D 585 6.36 53.68 1.84
N PHE D 586 5.50 52.73 1.50
CA PHE D 586 5.32 52.31 0.13
C PHE D 586 4.33 53.25 -0.54
N LEU D 587 4.16 53.06 -1.84
CA LEU D 587 3.43 54.04 -2.64
C LEU D 587 2.31 53.36 -3.41
N GLN D 588 1.77 54.07 -4.40
CA GLN D 588 0.71 53.58 -5.30
C GLN D 588 1.01 52.17 -5.82
N LEU D 589 -0.05 51.38 -5.98
CA LEU D 589 0.10 49.96 -6.18
C LEU D 589 -0.35 49.45 -7.54
N TRP D 590 -1.01 50.28 -8.35
CA TRP D 590 -1.51 49.80 -9.64
C TRP D 590 -1.41 50.85 -10.75
#